data_2QRW
#
_entry.id   2QRW
#
_cell.length_a   187.312
_cell.length_b   187.312
_cell.length_c   274.467
_cell.angle_alpha   90.00
_cell.angle_beta   90.00
_cell.angle_gamma   90.00
#
_symmetry.space_group_name_H-M   'I 41 2 2'
#
loop_
_entity.id
_entity.type
_entity.pdbx_description
1 polymer 'Hemoglobin-like protein HbO'
2 non-polymer 'CYANIDE ION'
3 non-polymer 'SULFATE ION'
4 non-polymer 'PROTOPORPHYRIN IX CONTAINING FE'
5 water water
#
_entity_poly.entity_id   1
_entity_poly.type   'polypeptide(L)'
_entity_poly.pdbx_seq_one_letter_code
;MPKSFYDAVGGAKTFDAIVSRFYAQVAEDEVLRRVYPEDDLAGAEERLRMFLEQYWGGPRTYSEQRGHPRLRMRHAPFRI
SLIERDAFLRCMHTAVASIDSETLDDEHRRELLDYLEMAAHSLVNSPF
;
_entity_poly.pdbx_strand_id   A,B,C,D,E,F,G,H,I,J,K,L
#
# COMPACT_ATOMS: atom_id res chain seq x y z
N LYS A 3 -27.18 2.78 33.65
CA LYS A 3 -26.15 3.25 34.63
C LYS A 3 -24.85 2.46 34.44
N SER A 4 -23.76 3.16 34.11
CA SER A 4 -22.46 2.51 33.89
C SER A 4 -21.95 1.78 35.14
N PHE A 5 -21.13 0.76 34.93
CA PHE A 5 -20.40 0.14 36.02
C PHE A 5 -19.72 1.26 36.82
N TYR A 6 -19.11 2.21 36.12
CA TYR A 6 -18.42 3.31 36.77
C TYR A 6 -19.30 4.03 37.81
N ASP A 7 -20.48 4.46 37.38
CA ASP A 7 -21.46 5.05 38.30
C ASP A 7 -21.94 4.05 39.40
N ALA A 8 -22.27 2.82 39.01
CA ALA A 8 -22.77 1.81 39.96
C ALA A 8 -21.85 1.62 41.17
N VAL A 9 -20.54 1.71 40.97
CA VAL A 9 -19.60 1.42 42.04
C VAL A 9 -19.09 2.69 42.76
N GLY A 10 -19.68 3.84 42.48
CA GLY A 10 -19.34 5.07 43.22
C GLY A 10 -18.41 6.02 42.48
N GLY A 11 -18.11 5.72 41.21
CA GLY A 11 -17.40 6.64 40.34
C GLY A 11 -15.97 6.96 40.73
N ALA A 12 -15.59 8.22 40.56
CA ALA A 12 -14.20 8.67 40.71
C ALA A 12 -13.55 8.27 42.03
N LYS A 13 -14.26 8.48 43.13
CA LYS A 13 -13.74 8.17 44.45
C LYS A 13 -13.32 6.71 44.55
N THR A 14 -14.15 5.81 44.03
CA THR A 14 -13.84 4.37 44.11
C THR A 14 -12.60 3.99 43.31
N PHE A 15 -12.53 4.45 42.07
CA PHE A 15 -11.36 4.17 41.24
C PHE A 15 -10.08 4.78 41.79
N ASP A 16 -10.18 5.98 42.36
CA ASP A 16 -9.00 6.57 43.00
C ASP A 16 -8.55 5.72 44.20
N ALA A 17 -9.49 5.27 45.02
CA ALA A 17 -9.18 4.41 46.17
C ALA A 17 -8.46 3.13 45.74
N ILE A 18 -9.07 2.43 44.79
CA ILE A 18 -8.50 1.18 44.31
C ILE A 18 -7.09 1.39 43.73
N VAL A 19 -6.95 2.31 42.78
CA VAL A 19 -5.69 2.42 42.08
C VAL A 19 -4.60 3.02 42.97
N SER A 20 -4.97 3.95 43.86
N SER A 20 -5.00 3.95 43.85
CA SER A 20 -3.97 4.51 44.78
CA SER A 20 -4.07 4.52 44.82
C SER A 20 -3.46 3.42 45.72
C SER A 20 -3.48 3.41 45.66
N ARG A 21 -4.35 2.54 46.16
CA ARG A 21 -3.95 1.44 47.04
C ARG A 21 -3.17 0.37 46.30
N PHE A 22 -3.53 0.13 45.04
CA PHE A 22 -2.76 -0.74 44.19
C PHE A 22 -1.32 -0.23 44.03
N TYR A 23 -1.17 1.05 43.67
CA TYR A 23 0.18 1.55 43.38
C TYR A 23 1.06 1.74 44.63
N ALA A 24 0.42 1.92 45.78
CA ALA A 24 1.11 1.90 47.06
C ALA A 24 1.73 0.53 47.35
N GLN A 25 1.10 -0.53 46.86
CA GLN A 25 1.68 -1.88 46.96
C GLN A 25 2.78 -2.10 45.95
N VAL A 26 2.56 -1.67 44.71
CA VAL A 26 3.61 -1.78 43.70
C VAL A 26 4.92 -1.22 44.24
N ALA A 27 4.83 -0.08 44.92
CA ALA A 27 6.04 0.60 45.36
C ALA A 27 6.93 -0.29 46.24
N GLU A 28 6.31 -1.17 47.02
CA GLU A 28 7.03 -2.04 47.95
C GLU A 28 7.14 -3.49 47.46
N ASP A 29 6.64 -3.76 46.26
CA ASP A 29 6.70 -5.09 45.69
C ASP A 29 8.01 -5.22 44.87
N GLU A 30 8.92 -6.05 45.35
CA GLU A 30 10.22 -6.20 44.71
C GLU A 30 10.12 -6.62 43.24
N VAL A 31 9.22 -7.55 42.92
CA VAL A 31 9.03 -7.96 41.52
C VAL A 31 8.54 -6.78 40.64
N LEU A 32 7.53 -6.06 41.12
CA LEU A 32 6.94 -4.95 40.35
C LEU A 32 7.82 -3.70 40.29
N ARG A 33 8.42 -3.36 41.43
CA ARG A 33 9.33 -2.21 41.50
C ARG A 33 10.43 -2.34 40.43
N ARG A 34 10.81 -3.59 40.12
CA ARG A 34 11.81 -3.89 39.09
C ARG A 34 11.34 -3.69 37.64
N VAL A 35 10.04 -3.85 37.40
CA VAL A 35 9.55 -3.73 36.03
C VAL A 35 9.02 -2.32 35.74
N TYR A 36 8.36 -1.68 36.72
CA TYR A 36 7.91 -0.29 36.56
C TYR A 36 9.15 0.59 36.52
N PRO A 37 9.26 1.41 35.46
CA PRO A 37 10.43 2.22 35.13
C PRO A 37 10.84 3.20 36.21
N GLU A 38 9.90 4.02 36.68
CA GLU A 38 10.32 5.26 37.33
C GLU A 38 10.56 5.10 38.81
N ASP A 39 11.17 6.11 39.41
CA ASP A 39 11.32 6.17 40.85
C ASP A 39 9.93 6.56 41.35
N ASP A 40 9.37 7.56 40.71
CA ASP A 40 8.06 8.08 41.02
C ASP A 40 6.99 7.38 40.17
N LEU A 41 6.13 6.64 40.85
CA LEU A 41 5.10 5.91 40.22
C LEU A 41 3.82 6.72 40.04
N ALA A 42 3.94 8.01 40.28
CA ALA A 42 2.77 8.90 40.24
C ALA A 42 2.10 8.94 38.86
N GLY A 43 2.89 9.01 37.79
CA GLY A 43 2.33 9.06 36.44
C GLY A 43 1.70 7.75 36.06
N ALA A 44 2.35 6.66 36.43
CA ALA A 44 1.85 5.33 36.12
C ALA A 44 0.48 5.15 36.78
N GLU A 45 0.38 5.65 38.03
CA GLU A 45 -0.86 5.53 38.79
C GLU A 45 -1.98 6.34 38.14
N GLU A 46 -1.68 7.60 37.78
CA GLU A 46 -2.65 8.42 37.04
C GLU A 46 -3.12 7.75 35.75
N ARG A 47 -2.21 7.20 34.95
CA ARG A 47 -2.60 6.58 33.68
CA ARG A 47 -2.59 6.59 33.68
C ARG A 47 -3.44 5.32 33.84
N LEU A 48 -3.04 4.45 34.77
CA LEU A 48 -3.82 3.23 35.04
C LEU A 48 -5.22 3.60 35.53
N ARG A 49 -5.31 4.54 36.47
CA ARG A 49 -6.64 4.96 36.94
C ARG A 49 -7.54 5.52 35.83
N MET A 50 -7.01 6.42 35.01
CA MET A 50 -7.81 6.99 33.94
C MET A 50 -8.27 5.91 32.98
N PHE A 51 -7.39 4.97 32.66
CA PHE A 51 -7.77 3.87 31.79
C PHE A 51 -8.94 3.07 32.35
N LEU A 52 -8.82 2.66 33.60
CA LEU A 52 -9.86 1.85 34.22
C LEU A 52 -11.16 2.61 34.33
N GLU A 53 -11.08 3.90 34.66
CA GLU A 53 -12.29 4.72 34.69
C GLU A 53 -12.96 4.77 33.33
N GLN A 54 -12.18 4.95 32.29
CA GLN A 54 -12.79 5.00 30.96
C GLN A 54 -13.34 3.62 30.55
N TYR A 55 -12.57 2.59 30.81
CA TYR A 55 -13.00 1.22 30.48
C TYR A 55 -14.40 0.91 31.02
N TRP A 56 -14.65 1.32 32.26
CA TRP A 56 -15.87 0.96 32.95
C TRP A 56 -16.97 2.01 32.76
N GLY A 57 -16.71 2.96 31.88
CA GLY A 57 -17.78 3.81 31.39
C GLY A 57 -17.75 5.22 31.97
N GLY A 58 -16.64 5.57 32.62
CA GLY A 58 -16.45 6.92 33.16
C GLY A 58 -15.88 7.90 32.14
N PRO A 59 -15.23 8.97 32.61
CA PRO A 59 -14.63 9.97 31.73
C PRO A 59 -13.67 9.38 30.68
N ARG A 60 -13.61 10.03 29.52
CA ARG A 60 -12.74 9.62 28.42
C ARG A 60 -11.40 10.34 28.47
N THR A 61 -11.05 10.83 29.65
CA THR A 61 -9.78 11.51 29.83
C THR A 61 -8.59 10.66 29.39
N TYR A 62 -8.64 9.35 29.65
CA TYR A 62 -7.53 8.49 29.23
C TYR A 62 -7.21 8.65 27.72
N SER A 63 -8.20 8.40 26.87
CA SER A 63 -7.96 8.47 25.42
C SER A 63 -7.67 9.92 24.98
N GLU A 64 -8.25 10.89 25.70
CA GLU A 64 -8.01 12.31 25.38
C GLU A 64 -6.53 12.66 25.56
N GLN A 65 -5.90 12.10 26.58
CA GLN A 65 -4.49 12.37 26.89
C GLN A 65 -3.50 11.36 26.29
N ARG A 66 -3.92 10.11 26.10
CA ARG A 66 -2.98 9.03 25.76
C ARG A 66 -3.20 8.47 24.35
N GLY A 67 -4.36 8.80 23.78
CA GLY A 67 -4.74 8.25 22.50
C GLY A 67 -5.44 6.91 22.63
N HIS A 68 -5.43 6.14 21.55
CA HIS A 68 -6.00 4.80 21.55
C HIS A 68 -5.16 3.86 22.40
N PRO A 69 -5.84 3.02 23.20
CA PRO A 69 -5.22 2.37 24.35
C PRO A 69 -3.94 1.64 23.96
N ARG A 70 -4.07 0.59 23.15
CA ARG A 70 -2.92 -0.10 22.60
C ARG A 70 -2.07 -0.73 23.71
N LEU A 71 -2.73 -1.48 24.59
CA LEU A 71 -2.09 -1.96 25.82
C LEU A 71 -0.93 -2.94 25.57
N ARG A 72 -1.10 -3.86 24.63
CA ARG A 72 -0.01 -4.77 24.31
C ARG A 72 1.28 -3.99 23.95
N MET A 73 1.17 -3.02 23.06
CA MET A 73 2.35 -2.27 22.65
C MET A 73 2.93 -1.43 23.81
N ARG A 74 2.04 -0.91 24.66
CA ARG A 74 2.50 -0.12 25.79
C ARG A 74 3.20 -0.95 26.85
N HIS A 75 2.80 -2.21 26.98
CA HIS A 75 3.49 -3.14 27.89
C HIS A 75 4.72 -3.83 27.26
N ALA A 76 4.88 -3.74 25.94
CA ALA A 76 5.98 -4.41 25.21
C ALA A 76 7.43 -4.11 25.70
N PRO A 77 7.70 -2.88 26.15
CA PRO A 77 9.05 -2.55 26.64
C PRO A 77 9.43 -3.31 27.90
N PHE A 78 8.46 -3.91 28.57
CA PHE A 78 8.69 -4.55 29.87
C PHE A 78 8.53 -6.07 29.80
N ARG A 79 9.35 -6.79 30.55
CA ARG A 79 9.24 -8.25 30.59
C ARG A 79 8.24 -8.66 31.65
N ILE A 80 7.02 -8.92 31.19
CA ILE A 80 5.94 -9.36 32.05
C ILE A 80 5.81 -10.87 31.90
N SER A 81 6.44 -11.61 32.80
CA SER A 81 6.30 -13.06 32.80
C SER A 81 5.17 -13.41 33.76
N LEU A 82 4.94 -14.70 34.00
CA LEU A 82 3.91 -15.15 34.94
C LEU A 82 4.08 -14.53 36.32
N ILE A 83 5.32 -14.31 36.73
CA ILE A 83 5.66 -13.77 38.05
C ILE A 83 5.17 -12.33 38.23
N GLU A 84 5.42 -11.49 37.23
CA GLU A 84 4.89 -10.13 37.21
C GLU A 84 3.35 -10.10 37.14
N ARG A 85 2.78 -10.99 36.32
CA ARG A 85 1.34 -11.12 36.23
C ARG A 85 0.75 -11.42 37.62
N ASP A 86 1.33 -12.40 38.31
CA ASP A 86 0.84 -12.77 39.64
C ASP A 86 1.00 -11.66 40.67
N ALA A 87 2.11 -10.91 40.60
CA ALA A 87 2.32 -9.81 41.55
C ALA A 87 1.30 -8.69 41.30
N PHE A 88 1.07 -8.40 40.01
CA PHE A 88 0.06 -7.41 39.62
C PHE A 88 -1.30 -7.79 40.20
N LEU A 89 -1.70 -9.04 39.99
CA LEU A 89 -3.01 -9.48 40.42
C LEU A 89 -3.15 -9.50 41.95
N ARG A 90 -2.09 -9.93 42.63
CA ARG A 90 -2.10 -9.86 44.09
C ARG A 90 -2.29 -8.43 44.60
N CYS A 91 -1.54 -7.47 44.04
CA CYS A 91 -1.72 -6.08 44.44
C CYS A 91 -3.13 -5.57 44.13
N MET A 92 -3.66 -5.94 42.97
CA MET A 92 -5.03 -5.56 42.65
C MET A 92 -6.02 -6.19 43.61
N HIS A 93 -5.88 -7.49 43.88
CA HIS A 93 -6.80 -8.12 44.82
C HIS A 93 -6.75 -7.42 46.19
N THR A 94 -5.55 -7.14 46.66
CA THR A 94 -5.41 -6.49 47.94
C THR A 94 -6.06 -5.10 47.95
N ALA A 95 -5.91 -4.36 46.85
CA ALA A 95 -6.50 -3.02 46.74
C ALA A 95 -8.01 -3.10 46.68
N VAL A 96 -8.53 -4.02 45.89
CA VAL A 96 -9.98 -4.22 45.82
C VAL A 96 -10.57 -4.65 47.18
N ALA A 97 -9.85 -5.49 47.91
CA ALA A 97 -10.29 -5.93 49.24
C ALA A 97 -10.47 -4.76 50.23
N SER A 98 -9.82 -3.63 49.95
CA SER A 98 -9.94 -2.45 50.81
C SER A 98 -11.25 -1.70 50.60
N ILE A 99 -11.98 -2.03 49.52
CA ILE A 99 -13.24 -1.37 49.24
C ILE A 99 -14.39 -2.10 49.91
N ASP A 100 -15.26 -1.36 50.60
CA ASP A 100 -16.37 -2.01 51.33
C ASP A 100 -17.50 -2.50 50.43
N SER A 101 -18.34 -3.38 50.94
CA SER A 101 -19.31 -4.07 50.09
C SER A 101 -20.53 -3.20 49.73
N GLU A 102 -20.79 -2.15 50.52
CA GLU A 102 -21.84 -1.21 50.13
C GLU A 102 -21.45 -0.44 48.88
N THR A 103 -20.18 -0.09 48.78
CA THR A 103 -19.64 0.64 47.63
C THR A 103 -19.52 -0.30 46.43
N LEU A 104 -18.88 -1.45 46.66
CA LEU A 104 -18.58 -2.41 45.60
C LEU A 104 -19.29 -3.69 45.97
N ASP A 105 -20.48 -3.92 45.42
CA ASP A 105 -21.27 -5.07 45.85
C ASP A 105 -20.68 -6.36 45.27
N ASP A 106 -21.22 -7.49 45.69
CA ASP A 106 -20.59 -8.77 45.37
C ASP A 106 -20.45 -8.99 43.87
N GLU A 107 -21.49 -8.61 43.13
CA GLU A 107 -21.52 -8.84 41.69
C GLU A 107 -20.54 -7.94 40.93
N HIS A 108 -20.48 -6.66 41.28
CA HIS A 108 -19.52 -5.77 40.64
C HIS A 108 -18.08 -6.09 41.05
N ARG A 109 -17.88 -6.53 42.30
CA ARG A 109 -16.55 -6.94 42.78
C ARG A 109 -16.06 -8.12 41.92
N ARG A 110 -16.92 -9.11 41.73
CA ARG A 110 -16.58 -10.29 40.96
C ARG A 110 -16.29 -9.90 39.52
N GLU A 111 -17.13 -9.04 38.97
CA GLU A 111 -16.97 -8.62 37.57
C GLU A 111 -15.62 -7.91 37.35
N LEU A 112 -15.26 -7.04 38.29
CA LEU A 112 -14.02 -6.30 38.23
C LEU A 112 -12.82 -7.22 38.35
N LEU A 113 -12.84 -8.13 39.33
CA LEU A 113 -11.73 -9.04 39.54
C LEU A 113 -11.59 -10.03 38.36
N ASP A 114 -12.71 -10.53 37.85
CA ASP A 114 -12.72 -11.37 36.63
C ASP A 114 -12.04 -10.67 35.45
N TYR A 115 -12.39 -9.39 35.27
CA TYR A 115 -11.79 -8.60 34.20
C TYR A 115 -10.27 -8.46 34.36
N LEU A 116 -9.86 -8.03 35.54
CA LEU A 116 -8.47 -7.81 35.83
C LEU A 116 -7.67 -9.09 35.61
N GLU A 117 -8.22 -10.23 36.02
CA GLU A 117 -7.55 -11.52 35.87
C GLU A 117 -7.31 -11.85 34.39
N MET A 118 -8.39 -11.80 33.60
CA MET A 118 -8.30 -12.08 32.16
C MET A 118 -7.36 -11.12 31.44
N ALA A 119 -7.48 -9.83 31.75
CA ALA A 119 -6.60 -8.83 31.15
C ALA A 119 -5.12 -9.02 31.49
N ALA A 120 -4.81 -9.32 32.75
CA ALA A 120 -3.42 -9.52 33.16
C ALA A 120 -2.79 -10.75 32.49
N HIS A 121 -3.47 -11.90 32.49
CA HIS A 121 -3.01 -13.06 31.68
C HIS A 121 -2.76 -12.67 30.21
N SER A 122 -3.67 -11.89 29.65
CA SER A 122 -3.57 -11.51 28.25
C SER A 122 -2.38 -10.59 27.98
N LEU A 123 -1.78 -10.00 29.01
CA LEU A 123 -0.62 -9.11 28.79
C LEU A 123 0.73 -9.74 29.06
N VAL A 124 0.73 -10.99 29.52
CA VAL A 124 1.99 -11.69 29.72
C VAL A 124 2.71 -11.70 28.37
N ASN A 125 3.97 -11.29 28.35
CA ASN A 125 4.71 -11.13 27.09
C ASN A 125 6.16 -11.60 27.16
N SER A 126 6.47 -12.40 28.17
CA SER A 126 7.85 -12.83 28.35
C SER A 126 7.91 -14.15 29.13
N PRO A 127 8.83 -15.04 28.76
CA PRO A 127 8.98 -16.31 29.49
C PRO A 127 9.73 -16.12 30.81
N PHE A 128 10.34 -14.96 31.02
CA PHE A 128 11.07 -14.70 32.27
C PHE A 128 11.10 -13.21 32.61
N PRO B 2 16.25 44.08 10.67
CA PRO B 2 17.04 43.27 9.77
C PRO B 2 17.26 41.85 10.31
N LYS B 3 16.22 41.24 10.86
CA LYS B 3 16.34 39.95 11.51
C LYS B 3 16.68 38.82 10.52
N SER B 4 15.74 38.50 9.64
CA SER B 4 15.99 37.46 8.62
C SER B 4 17.08 37.88 7.64
N PHE B 5 17.74 36.88 7.04
CA PHE B 5 18.71 37.16 6.00
C PHE B 5 18.04 38.04 4.95
N TYR B 6 16.81 37.68 4.58
CA TYR B 6 16.07 38.42 3.55
C TYR B 6 16.04 39.91 3.90
N ASP B 7 15.55 40.23 5.09
CA ASP B 7 15.49 41.64 5.53
C ASP B 7 16.87 42.31 5.66
N ALA B 8 17.83 41.56 6.19
CA ALA B 8 19.18 42.10 6.37
C ALA B 8 19.84 42.58 5.07
N VAL B 9 19.53 41.92 3.95
CA VAL B 9 20.20 42.24 2.69
C VAL B 9 19.38 43.18 1.80
N GLY B 10 18.25 43.68 2.32
CA GLY B 10 17.46 44.66 1.56
C GLY B 10 16.21 44.09 0.92
N GLY B 11 15.88 42.84 1.24
CA GLY B 11 14.59 42.26 0.86
C GLY B 11 14.26 42.23 -0.62
N ALA B 12 12.99 42.52 -0.94
CA ALA B 12 12.47 42.37 -2.30
C ALA B 12 13.32 43.09 -3.34
N LYS B 13 13.75 44.31 -3.01
CA LYS B 13 14.51 45.12 -3.93
C LYS B 13 15.83 44.45 -4.33
N THR B 14 16.52 43.90 -3.34
CA THR B 14 17.80 43.21 -3.59
C THR B 14 17.65 41.92 -4.39
N PHE B 15 16.61 41.14 -4.06
CA PHE B 15 16.41 39.87 -4.74
C PHE B 15 15.94 40.09 -6.17
N ASP B 16 15.11 41.11 -6.37
CA ASP B 16 14.76 41.49 -7.72
C ASP B 16 16.02 41.90 -8.49
N ALA B 17 16.85 42.74 -7.88
CA ALA B 17 18.12 43.15 -8.48
C ALA B 17 19.01 41.95 -8.85
N ILE B 18 19.23 41.05 -7.90
CA ILE B 18 20.12 39.91 -8.16
C ILE B 18 19.56 39.03 -9.26
N VAL B 19 18.29 38.64 -9.13
CA VAL B 19 17.73 37.66 -10.05
C VAL B 19 17.47 38.22 -11.45
N SER B 20 17.10 39.50 -11.52
CA SER B 20 16.95 40.14 -12.83
C SER B 20 18.32 40.17 -13.57
N ARG B 21 19.38 40.57 -12.86
CA ARG B 21 20.72 40.61 -13.44
C ARG B 21 21.20 39.21 -13.83
N PHE B 22 20.91 38.23 -12.96
CA PHE B 22 21.19 36.83 -13.32
C PHE B 22 20.51 36.42 -14.61
N TYR B 23 19.19 36.68 -14.70
CA TYR B 23 18.44 36.21 -15.85
C TYR B 23 18.74 37.02 -17.11
N ALA B 24 19.19 38.24 -16.93
CA ALA B 24 19.72 39.02 -18.05
C ALA B 24 21.00 38.36 -18.61
N GLN B 25 21.85 37.83 -17.73
CA GLN B 25 23.07 37.08 -18.12
C GLN B 25 22.72 35.76 -18.79
N VAL B 26 21.78 35.02 -18.20
CA VAL B 26 21.30 33.76 -18.81
C VAL B 26 20.87 33.97 -20.25
N ALA B 27 20.24 35.11 -20.50
CA ALA B 27 19.67 35.38 -21.83
C ALA B 27 20.73 35.36 -22.93
N GLU B 28 21.95 35.79 -22.60
CA GLU B 28 23.04 35.86 -23.57
C GLU B 28 23.95 34.63 -23.52
N ASP B 29 23.70 33.76 -22.55
CA ASP B 29 24.62 32.70 -22.23
C ASP B 29 24.46 31.54 -23.20
N GLU B 30 25.51 31.26 -23.97
CA GLU B 30 25.43 30.20 -24.98
C GLU B 30 25.15 28.82 -24.37
N VAL B 31 25.64 28.59 -23.16
CA VAL B 31 25.45 27.30 -22.50
C VAL B 31 24.03 27.18 -21.91
N LEU B 32 23.57 28.22 -21.22
CA LEU B 32 22.29 28.16 -20.53
C LEU B 32 21.07 28.35 -21.44
N ARG B 33 21.25 29.08 -22.54
CA ARG B 33 20.18 29.28 -23.48
C ARG B 33 19.74 27.96 -24.11
N ARG B 34 20.66 27.00 -24.19
CA ARG B 34 20.33 25.69 -24.75
C ARG B 34 19.49 24.87 -23.78
N VAL B 35 19.52 25.24 -22.50
CA VAL B 35 18.83 24.45 -21.48
C VAL B 35 17.53 25.07 -20.98
N TYR B 36 17.52 26.38 -20.75
CA TYR B 36 16.26 27.05 -20.43
C TYR B 36 15.35 26.95 -21.65
N PRO B 37 14.13 26.41 -21.45
CA PRO B 37 13.28 26.02 -22.58
C PRO B 37 12.56 27.15 -23.33
N GLU B 38 12.28 28.27 -22.67
CA GLU B 38 11.45 29.31 -23.30
C GLU B 38 12.29 30.44 -23.87
N ASP B 39 11.80 31.06 -24.94
CA ASP B 39 12.46 32.23 -25.48
C ASP B 39 12.32 33.38 -24.48
N ASP B 40 11.11 33.50 -23.93
CA ASP B 40 10.78 34.53 -22.96
C ASP B 40 11.08 33.98 -21.57
N LEU B 41 12.13 34.51 -20.96
CA LEU B 41 12.62 33.96 -19.71
C LEU B 41 11.94 34.60 -18.49
N ALA B 42 10.84 35.32 -18.70
CA ALA B 42 10.23 36.11 -17.64
C ALA B 42 9.65 35.22 -16.55
N GLY B 43 9.02 34.13 -16.94
CA GLY B 43 8.46 33.18 -15.97
C GLY B 43 9.52 32.51 -15.14
N ALA B 44 10.59 32.07 -15.78
CA ALA B 44 11.69 31.41 -15.11
C ALA B 44 12.30 32.33 -14.06
N GLU B 45 12.46 33.61 -14.43
CA GLU B 45 13.04 34.62 -13.55
C GLU B 45 12.11 34.83 -12.34
N GLU B 46 10.81 34.93 -12.60
CA GLU B 46 9.87 35.12 -11.50
C GLU B 46 9.94 33.98 -10.49
N ARG B 47 9.98 32.76 -10.98
CA ARG B 47 9.94 31.60 -10.12
C ARG B 47 11.23 31.48 -9.31
N LEU B 48 12.37 31.68 -9.95
CA LEU B 48 13.63 31.62 -9.22
C LEU B 48 13.65 32.74 -8.15
N ARG B 49 13.22 33.94 -8.52
CA ARG B 49 13.17 35.02 -7.56
C ARG B 49 12.28 34.69 -6.36
N MET B 50 11.06 34.23 -6.63
CA MET B 50 10.17 33.86 -5.55
C MET B 50 10.80 32.79 -4.67
N PHE B 51 11.45 31.79 -5.27
CA PHE B 51 12.08 30.72 -4.50
C PHE B 51 13.15 31.29 -3.56
N LEU B 52 14.10 32.04 -4.14
CA LEU B 52 15.16 32.60 -3.31
C LEU B 52 14.61 33.52 -2.21
N GLU B 53 13.61 34.35 -2.53
CA GLU B 53 13.03 35.21 -1.51
C GLU B 53 12.46 34.39 -0.35
N GLN B 54 11.75 33.30 -0.65
CA GLN B 54 11.20 32.47 0.45
C GLN B 54 12.32 31.74 1.20
N TYR B 55 13.30 31.23 0.46
CA TYR B 55 14.39 30.45 1.06
C TYR B 55 15.10 31.22 2.18
N TRP B 56 15.39 32.50 1.91
CA TRP B 56 16.11 33.37 2.86
C TRP B 56 15.23 34.06 3.92
N GLY B 57 13.96 33.70 3.97
CA GLY B 57 13.10 34.14 5.05
C GLY B 57 12.10 35.22 4.67
N GLY B 58 11.93 35.49 3.38
CA GLY B 58 10.95 36.49 2.94
C GLY B 58 9.56 35.94 2.72
N PRO B 59 8.80 36.56 1.79
CA PRO B 59 7.43 36.10 1.50
C PRO B 59 7.36 34.62 1.06
N ARG B 60 6.22 33.97 1.33
CA ARG B 60 5.99 32.58 0.98
C ARG B 60 5.29 32.43 -0.36
N THR B 61 5.37 33.46 -1.19
CA THR B 61 4.70 33.44 -2.47
C THR B 61 5.11 32.23 -3.35
N TYR B 62 6.36 31.81 -3.24
CA TYR B 62 6.83 30.67 -4.02
C TYR B 62 5.96 29.44 -3.76
N SER B 63 5.89 29.01 -2.50
CA SER B 63 5.14 27.80 -2.22
C SER B 63 3.62 28.01 -2.41
N GLU B 64 3.14 29.23 -2.17
CA GLU B 64 1.72 29.56 -2.46
C GLU B 64 1.40 29.34 -3.94
N GLN B 65 2.32 29.69 -4.82
CA GLN B 65 2.06 29.55 -6.23
C GLN B 65 2.56 28.24 -6.84
N ARG B 66 3.61 27.66 -6.28
CA ARG B 66 4.30 26.55 -6.93
C ARG B 66 4.18 25.26 -6.13
N GLY B 67 3.76 25.39 -4.87
CA GLY B 67 3.70 24.26 -3.96
C GLY B 67 5.04 23.99 -3.32
N HIS B 68 5.21 22.79 -2.80
CA HIS B 68 6.42 22.40 -2.10
C HIS B 68 7.60 22.36 -3.10
N PRO B 69 8.75 22.86 -2.67
CA PRO B 69 9.96 22.82 -3.51
C PRO B 69 10.47 21.38 -3.69
N ARG B 70 10.29 20.83 -4.89
CA ARG B 70 10.92 19.58 -5.26
C ARG B 70 11.99 19.79 -6.33
N LEU B 71 13.09 20.43 -5.93
CA LEU B 71 13.96 21.10 -6.90
C LEU B 71 14.63 20.11 -7.83
N ARG B 72 14.89 18.91 -7.32
CA ARG B 72 15.49 17.85 -8.13
C ARG B 72 14.52 17.49 -9.25
N MET B 73 13.26 17.28 -8.90
CA MET B 73 12.29 16.86 -9.92
C MET B 73 12.01 17.97 -10.94
N ARG B 74 12.04 19.22 -10.49
CA ARG B 74 11.82 20.33 -11.43
C ARG B 74 12.99 20.55 -12.40
N HIS B 75 14.19 20.13 -12.00
CA HIS B 75 15.33 20.17 -12.93
C HIS B 75 15.51 18.90 -13.76
N ALA B 76 14.81 17.83 -13.41
CA ALA B 76 14.98 16.55 -14.11
C ALA B 76 14.74 16.60 -15.63
N PRO B 77 13.82 17.45 -16.11
CA PRO B 77 13.66 17.51 -17.58
C PRO B 77 14.90 18.02 -18.34
N PHE B 78 15.86 18.60 -17.63
CA PHE B 78 16.94 19.32 -18.28
C PHE B 78 18.25 18.59 -17.99
N ARG B 79 19.16 18.57 -18.97
CA ARG B 79 20.46 17.94 -18.77
C ARG B 79 21.41 18.97 -18.18
N ILE B 80 21.58 18.89 -16.89
CA ILE B 80 22.45 19.79 -16.18
C ILE B 80 23.72 19.03 -15.86
N SER B 81 24.74 19.23 -16.70
CA SER B 81 26.05 18.62 -16.43
C SER B 81 26.94 19.67 -15.75
N LEU B 82 28.21 19.34 -15.51
CA LEU B 82 29.12 20.29 -14.85
C LEU B 82 29.18 21.60 -15.61
N ILE B 83 29.06 21.50 -16.94
CA ILE B 83 29.14 22.68 -17.82
C ILE B 83 27.98 23.66 -17.58
N GLU B 84 26.77 23.15 -17.45
CA GLU B 84 25.62 24.01 -17.10
C GLU B 84 25.73 24.54 -15.68
N ARG B 85 26.20 23.70 -14.76
CA ARG B 85 26.39 24.16 -13.40
C ARG B 85 27.35 25.37 -13.34
N ASP B 86 28.45 25.27 -14.06
CA ASP B 86 29.46 26.32 -14.05
C ASP B 86 28.93 27.62 -14.68
N ALA B 87 28.19 27.49 -15.78
CA ALA B 87 27.58 28.65 -16.42
C ALA B 87 26.58 29.32 -15.48
N PHE B 88 25.76 28.50 -14.81
CA PHE B 88 24.82 29.01 -13.78
C PHE B 88 25.55 29.80 -12.72
N LEU B 89 26.61 29.20 -12.15
CA LEU B 89 27.38 29.87 -11.10
C LEU B 89 28.07 31.16 -11.58
N ARG B 90 28.62 31.16 -12.79
CA ARG B 90 29.17 32.41 -13.38
C ARG B 90 28.14 33.52 -13.44
N CYS B 91 26.95 33.22 -13.97
CA CYS B 91 25.89 34.23 -14.08
C CYS B 91 25.50 34.73 -12.70
N MET B 92 25.36 33.81 -11.75
CA MET B 92 25.06 34.21 -10.37
C MET B 92 26.16 35.07 -9.76
N HIS B 93 27.41 34.69 -9.97
CA HIS B 93 28.52 35.48 -9.40
C HIS B 93 28.51 36.87 -10.00
N THR B 94 28.22 36.95 -11.29
CA THR B 94 28.11 38.27 -11.94
C THR B 94 26.97 39.09 -11.34
N ALA B 95 25.80 38.47 -11.18
CA ALA B 95 24.67 39.15 -10.56
C ALA B 95 24.97 39.62 -9.12
N VAL B 96 25.56 38.76 -8.32
CA VAL B 96 25.84 39.13 -6.94
C VAL B 96 26.90 40.24 -6.84
N ALA B 97 27.91 40.20 -7.72
CA ALA B 97 28.96 41.24 -7.79
C ALA B 97 28.41 42.60 -8.21
N SER B 98 27.22 42.62 -8.80
CA SER B 98 26.59 43.87 -9.19
C SER B 98 25.94 44.56 -7.98
N ILE B 99 25.87 43.88 -6.85
CA ILE B 99 25.26 44.47 -5.66
C ILE B 99 26.33 45.08 -4.77
N ASP B 100 26.09 46.32 -4.32
CA ASP B 100 27.11 47.00 -3.51
C ASP B 100 27.22 46.46 -2.09
N SER B 101 28.36 46.72 -1.45
CA SER B 101 28.67 46.12 -0.16
C SER B 101 27.87 46.73 1.00
N GLU B 102 27.37 47.95 0.82
CA GLU B 102 26.48 48.52 1.82
C GLU B 102 25.18 47.71 1.89
N THR B 103 24.68 47.32 0.73
CA THR B 103 23.44 46.54 0.67
C THR B 103 23.70 45.10 1.11
N LEU B 104 24.75 44.51 0.53
CA LEU B 104 25.09 43.10 0.76
C LEU B 104 26.50 43.06 1.33
N ASP B 105 26.60 42.98 2.65
CA ASP B 105 27.90 43.06 3.31
C ASP B 105 28.70 41.78 3.10
N ASP B 106 29.99 41.82 3.44
CA ASP B 106 30.89 40.69 3.19
C ASP B 106 30.35 39.35 3.71
N GLU B 107 29.82 39.34 4.93
CA GLU B 107 29.28 38.13 5.56
C GLU B 107 28.09 37.55 4.81
N HIS B 108 27.12 38.39 4.47
CA HIS B 108 25.92 37.92 3.80
C HIS B 108 26.24 37.51 2.36
N ARG B 109 27.17 38.23 1.73
CA ARG B 109 27.61 37.93 0.37
C ARG B 109 28.23 36.52 0.30
N ARG B 110 29.16 36.25 1.22
CA ARG B 110 29.78 34.94 1.32
C ARG B 110 28.73 33.84 1.55
N GLU B 111 27.84 34.08 2.50
CA GLU B 111 26.82 33.10 2.86
C GLU B 111 25.92 32.73 1.67
N LEU B 112 25.43 33.75 0.97
CA LEU B 112 24.63 33.57 -0.24
C LEU B 112 25.38 32.80 -1.34
N LEU B 113 26.61 33.21 -1.61
CA LEU B 113 27.45 32.54 -2.60
C LEU B 113 27.78 31.08 -2.25
N ASP B 114 28.06 30.81 -0.96
CA ASP B 114 28.31 29.45 -0.52
C ASP B 114 27.06 28.59 -0.71
N TYR B 115 25.90 29.18 -0.43
CA TYR B 115 24.65 28.46 -0.63
C TYR B 115 24.45 28.10 -2.10
N LEU B 116 24.56 29.09 -2.98
CA LEU B 116 24.32 28.88 -4.41
C LEU B 116 25.30 27.86 -4.99
N GLU B 117 26.55 27.89 -4.52
CA GLU B 117 27.54 26.89 -4.97
C GLU B 117 27.13 25.45 -4.60
N MET B 118 26.78 25.26 -3.34
CA MET B 118 26.38 23.95 -2.84
C MET B 118 25.11 23.47 -3.56
N ALA B 119 24.12 24.35 -3.66
CA ALA B 119 22.86 24.00 -4.32
C ALA B 119 23.05 23.63 -5.79
N ALA B 120 23.86 24.38 -6.53
CA ALA B 120 24.08 24.10 -7.96
C ALA B 120 24.83 22.77 -8.21
N HIS B 121 25.88 22.51 -7.42
CA HIS B 121 26.55 21.21 -7.45
C HIS B 121 25.56 20.08 -7.21
N SER B 122 24.64 20.29 -6.27
CA SER B 122 23.71 19.22 -5.86
C SER B 122 22.63 18.96 -6.92
N LEU B 123 22.47 19.90 -7.85
CA LEU B 123 21.45 19.74 -8.89
C LEU B 123 21.98 19.17 -10.20
N VAL B 124 23.29 18.92 -10.27
CA VAL B 124 23.86 18.28 -11.47
C VAL B 124 23.21 16.91 -11.64
N ASN B 125 22.67 16.65 -12.84
CA ASN B 125 21.84 15.44 -13.01
C ASN B 125 22.18 14.71 -14.31
N SER B 126 23.30 15.07 -14.94
CA SER B 126 23.63 14.48 -16.24
C SER B 126 25.14 14.44 -16.47
N PRO B 127 25.65 13.35 -17.09
CA PRO B 127 27.08 13.32 -17.41
C PRO B 127 27.44 14.18 -18.63
N PHE B 128 26.45 14.58 -19.41
CA PHE B 128 26.72 15.43 -20.56
C PHE B 128 25.55 16.37 -20.84
N PRO C 2 -30.82 22.92 -26.23
CA PRO C 2 -29.72 22.76 -25.27
C PRO C 2 -30.17 22.16 -23.94
N LYS C 3 -31.44 21.75 -23.87
CA LYS C 3 -31.93 21.03 -22.71
C LYS C 3 -31.23 19.66 -22.63
N SER C 4 -31.23 19.04 -21.46
CA SER C 4 -30.72 17.68 -21.34
C SER C 4 -31.54 16.69 -22.17
N PHE C 5 -30.93 15.57 -22.53
CA PHE C 5 -31.69 14.47 -23.11
C PHE C 5 -32.91 14.19 -22.22
N TYR C 6 -32.68 14.17 -20.91
CA TYR C 6 -33.73 13.88 -19.92
C TYR C 6 -34.95 14.78 -20.13
N ASP C 7 -34.71 16.09 -20.15
CA ASP C 7 -35.79 17.04 -20.40
C ASP C 7 -36.41 16.94 -21.78
N ALA C 8 -35.58 16.69 -22.80
CA ALA C 8 -36.08 16.57 -24.18
C ALA C 8 -37.08 15.44 -24.39
N VAL C 9 -36.94 14.35 -23.65
CA VAL C 9 -37.80 13.18 -23.86
C VAL C 9 -38.96 13.13 -22.85
N GLY C 10 -39.11 14.18 -22.05
CA GLY C 10 -40.24 14.27 -21.13
C GLY C 10 -39.90 13.91 -19.68
N GLY C 11 -38.61 13.76 -19.40
CA GLY C 11 -38.14 13.62 -18.02
C GLY C 11 -38.79 12.53 -17.15
N ALA C 12 -39.15 12.89 -15.92
CA ALA C 12 -39.61 11.88 -14.94
C ALA C 12 -40.81 11.09 -15.43
N LYS C 13 -41.76 11.78 -16.04
CA LYS C 13 -42.96 11.12 -16.52
C LYS C 13 -42.62 10.02 -17.55
N THR C 14 -41.76 10.35 -18.51
CA THR C 14 -41.28 9.37 -19.49
C THR C 14 -40.47 8.22 -18.91
N PHE C 15 -39.50 8.52 -18.03
CA PHE C 15 -38.72 7.43 -17.45
C PHE C 15 -39.55 6.52 -16.55
N ASP C 16 -40.52 7.08 -15.83
CA ASP C 16 -41.41 6.21 -15.08
C ASP C 16 -42.27 5.32 -16.00
N ALA C 17 -42.79 5.88 -17.10
CA ALA C 17 -43.56 5.06 -18.05
C ALA C 17 -42.72 3.92 -18.64
N ILE C 18 -41.52 4.24 -19.10
CA ILE C 18 -40.66 3.24 -19.72
C ILE C 18 -40.28 2.16 -18.71
N VAL C 19 -39.78 2.57 -17.55
CA VAL C 19 -39.29 1.58 -16.57
C VAL C 19 -40.42 0.77 -15.90
N SER C 20 -41.57 1.41 -15.65
N SER C 20 -41.58 1.38 -15.66
CA SER C 20 -42.74 0.69 -15.16
CA SER C 20 -42.72 0.64 -15.13
C SER C 20 -43.11 -0.42 -16.12
C SER C 20 -43.22 -0.41 -16.11
N ARG C 21 -43.25 -0.06 -17.39
CA ARG C 21 -43.68 -1.01 -18.42
C ARG C 21 -42.63 -2.08 -18.64
N PHE C 22 -41.36 -1.69 -18.58
CA PHE C 22 -40.30 -2.68 -18.55
C PHE C 22 -40.46 -3.69 -17.41
N TYR C 23 -40.62 -3.20 -16.17
CA TYR C 23 -40.64 -4.11 -15.04
C TYR C 23 -41.91 -4.95 -14.98
N ALA C 24 -42.98 -4.40 -15.55
CA ALA C 24 -44.24 -5.13 -15.68
C ALA C 24 -44.02 -6.36 -16.57
N GLN C 25 -43.20 -6.21 -17.61
CA GLN C 25 -42.86 -7.37 -18.45
C GLN C 25 -41.94 -8.37 -17.78
N VAL C 26 -40.96 -7.87 -17.02
CA VAL C 26 -40.01 -8.75 -16.33
C VAL C 26 -40.78 -9.75 -15.48
N ALA C 27 -41.82 -9.24 -14.83
CA ALA C 27 -42.61 -10.04 -13.91
C ALA C 27 -43.23 -11.29 -14.58
N GLU C 28 -43.52 -11.21 -15.88
CA GLU C 28 -44.12 -12.33 -16.65
C GLU C 28 -43.11 -13.05 -17.57
N ASP C 29 -41.85 -12.61 -17.55
CA ASP C 29 -40.81 -13.20 -18.38
C ASP C 29 -40.11 -14.29 -17.58
N GLU C 30 -40.31 -15.53 -17.98
CA GLU C 30 -39.77 -16.67 -17.20
C GLU C 30 -38.27 -16.53 -16.96
N VAL C 31 -37.54 -16.19 -18.01
CA VAL C 31 -36.10 -16.01 -17.91
C VAL C 31 -35.73 -14.93 -16.86
N LEU C 32 -36.36 -13.78 -16.93
CA LEU C 32 -35.99 -12.65 -16.08
C LEU C 32 -36.56 -12.80 -14.68
N ARG C 33 -37.73 -13.43 -14.57
CA ARG C 33 -38.37 -13.63 -13.28
C ARG C 33 -37.42 -14.46 -12.43
N ARG C 34 -36.67 -15.37 -13.09
CA ARG C 34 -35.73 -16.26 -12.40
C ARG C 34 -34.44 -15.58 -11.95
N VAL C 35 -33.97 -14.60 -12.71
CA VAL C 35 -32.73 -13.89 -12.33
C VAL C 35 -32.98 -12.78 -11.29
N TYR C 36 -34.09 -12.03 -11.42
CA TYR C 36 -34.38 -10.98 -10.43
C TYR C 36 -34.73 -11.66 -9.09
N PRO C 37 -34.06 -11.24 -8.00
CA PRO C 37 -34.15 -11.96 -6.73
C PRO C 37 -35.44 -11.82 -5.91
N GLU C 38 -36.07 -10.65 -5.93
CA GLU C 38 -37.19 -10.41 -5.01
C GLU C 38 -38.51 -10.79 -5.65
N ASP C 39 -39.45 -11.25 -4.84
CA ASP C 39 -40.81 -11.45 -5.31
C ASP C 39 -41.37 -10.09 -5.71
N ASP C 40 -41.12 -9.11 -4.85
CA ASP C 40 -41.58 -7.75 -5.06
C ASP C 40 -40.52 -6.98 -5.84
N LEU C 41 -40.82 -6.69 -7.10
CA LEU C 41 -39.88 -6.04 -7.98
C LEU C 41 -39.90 -4.52 -7.83
N ALA C 42 -40.65 -3.99 -6.87
CA ALA C 42 -40.75 -2.52 -6.67
C ALA C 42 -39.39 -1.83 -6.49
N GLY C 43 -38.52 -2.43 -5.69
CA GLY C 43 -37.23 -1.82 -5.40
C GLY C 43 -36.30 -1.84 -6.61
N ALA C 44 -36.28 -2.95 -7.33
CA ALA C 44 -35.46 -3.08 -8.54
C ALA C 44 -35.91 -2.04 -9.57
N GLU C 45 -37.23 -1.88 -9.69
CA GLU C 45 -37.80 -0.90 -10.61
C GLU C 45 -37.36 0.53 -10.26
N GLU C 46 -37.50 0.87 -8.98
CA GLU C 46 -37.11 2.20 -8.51
C GLU C 46 -35.61 2.46 -8.74
N ARG C 47 -34.76 1.49 -8.47
CA ARG C 47 -33.32 1.74 -8.65
C ARG C 47 -32.94 1.87 -10.14
N LEU C 48 -33.48 1.01 -10.98
CA LEU C 48 -33.26 1.16 -12.42
C LEU C 48 -33.74 2.52 -12.93
N ARG C 49 -34.95 2.92 -12.54
CA ARG C 49 -35.47 4.20 -12.98
C ARG C 49 -34.58 5.38 -12.51
N MET C 50 -34.21 5.40 -11.24
CA MET C 50 -33.36 6.46 -10.75
C MET C 50 -32.04 6.51 -11.51
N PHE C 51 -31.46 5.34 -11.81
CA PHE C 51 -30.18 5.32 -12.51
C PHE C 51 -30.34 5.96 -13.91
N LEU C 52 -31.35 5.52 -14.66
CA LEU C 52 -31.57 6.04 -16.00
C LEU C 52 -31.86 7.54 -16.01
N GLU C 53 -32.68 7.99 -15.04
CA GLU C 53 -32.97 9.42 -14.90
C GLU C 53 -31.66 10.21 -14.69
N GLN C 54 -30.77 9.71 -13.84
CA GLN C 54 -29.57 10.47 -13.59
C GLN C 54 -28.64 10.40 -14.81
N TYR C 55 -28.51 9.20 -15.38
CA TYR C 55 -27.62 8.99 -16.51
C TYR C 55 -27.89 10.00 -17.62
N TRP C 56 -29.17 10.21 -17.91
CA TRP C 56 -29.56 11.03 -19.04
C TRP C 56 -29.66 12.49 -18.71
N GLY C 57 -29.27 12.86 -17.49
CA GLY C 57 -29.10 14.28 -17.13
C GLY C 57 -30.16 14.82 -16.18
N GLY C 58 -30.97 13.91 -15.64
CA GLY C 58 -32.01 14.30 -14.67
C GLY C 58 -31.52 14.37 -13.23
N PRO C 59 -32.44 14.20 -12.26
CA PRO C 59 -32.07 14.27 -10.83
C PRO C 59 -30.94 13.33 -10.46
N ARG C 60 -30.19 13.70 -9.43
CA ARG C 60 -29.07 12.86 -8.96
C ARG C 60 -29.49 11.95 -7.82
N THR C 61 -30.78 11.63 -7.74
CA THR C 61 -31.28 10.84 -6.64
C THR C 61 -30.60 9.48 -6.58
N TYR C 62 -30.29 8.90 -7.73
CA TYR C 62 -29.63 7.59 -7.73
C TYR C 62 -28.33 7.58 -6.92
N SER C 63 -27.39 8.47 -7.24
CA SER C 63 -26.11 8.43 -6.55
C SER C 63 -26.29 8.91 -5.11
N GLU C 64 -27.25 9.80 -4.88
CA GLU C 64 -27.54 10.26 -3.53
C GLU C 64 -27.97 9.10 -2.64
N GLN C 65 -28.76 8.18 -3.20
CA GLN C 65 -29.24 7.05 -2.43
C GLN C 65 -28.35 5.82 -2.49
N ARG C 66 -27.67 5.62 -3.61
CA ARG C 66 -26.99 4.36 -3.90
C ARG C 66 -25.46 4.47 -3.86
N GLY C 67 -24.95 5.69 -3.92
CA GLY C 67 -23.50 5.91 -3.99
C GLY C 67 -23.05 5.93 -5.44
N HIS C 68 -21.76 5.76 -5.65
CA HIS C 68 -21.18 5.77 -6.99
C HIS C 68 -21.68 4.53 -7.77
N PRO C 69 -22.09 4.71 -9.04
CA PRO C 69 -22.51 3.52 -9.75
C PRO C 69 -21.33 2.56 -9.88
N ARG C 70 -21.61 1.31 -9.58
CA ARG C 70 -20.66 0.22 -9.81
C ARG C 70 -21.46 -0.92 -10.45
N LEU C 71 -21.93 -0.72 -11.68
CA LEU C 71 -22.95 -1.62 -12.19
C LEU C 71 -22.44 -3.04 -12.37
N ARG C 72 -21.19 -3.20 -12.81
CA ARG C 72 -20.66 -4.56 -12.96
C ARG C 72 -20.71 -5.31 -11.63
N MET C 73 -20.24 -4.66 -10.58
CA MET C 73 -20.21 -5.30 -9.28
C MET C 73 -21.64 -5.57 -8.76
N ARG C 74 -22.54 -4.62 -9.01
CA ARG C 74 -23.94 -4.81 -8.61
C ARG C 74 -24.67 -5.92 -9.38
N HIS C 75 -24.23 -6.23 -10.61
CA HIS C 75 -24.83 -7.33 -11.36
C HIS C 75 -24.12 -8.65 -11.10
N ALA C 76 -22.94 -8.57 -10.49
CA ALA C 76 -22.11 -9.77 -10.26
C ALA C 76 -22.78 -10.92 -9.48
N PRO C 77 -23.67 -10.61 -8.53
CA PRO C 77 -24.36 -11.73 -7.88
C PRO C 77 -25.27 -12.56 -8.81
N PHE C 78 -25.56 -12.08 -10.01
CA PHE C 78 -26.54 -12.75 -10.87
C PHE C 78 -25.89 -13.35 -12.12
N ARG C 79 -26.44 -14.44 -12.60
CA ARG C 79 -25.87 -15.04 -13.81
C ARG C 79 -26.59 -14.48 -15.03
N ILE C 80 -25.97 -13.45 -15.62
CA ILE C 80 -26.53 -12.82 -16.78
C ILE C 80 -25.84 -13.37 -18.02
N SER C 81 -26.46 -14.36 -18.67
CA SER C 81 -25.90 -14.89 -19.91
C SER C 81 -26.54 -14.13 -21.06
N LEU C 82 -26.17 -14.50 -22.29
CA LEU C 82 -26.74 -13.90 -23.48
C LEU C 82 -28.25 -14.01 -23.44
N ILE C 83 -28.77 -15.06 -22.79
CA ILE C 83 -30.22 -15.27 -22.77
C ILE C 83 -30.95 -14.20 -21.92
N GLU C 84 -30.44 -13.95 -20.72
CA GLU C 84 -30.95 -12.84 -19.88
C GLU C 84 -30.74 -11.49 -20.55
N ARG C 85 -29.57 -11.27 -21.16
CA ARG C 85 -29.36 -10.06 -21.96
C ARG C 85 -30.47 -9.87 -23.00
N ASP C 86 -30.78 -10.92 -23.77
CA ASP C 86 -31.77 -10.77 -24.86
C ASP C 86 -33.18 -10.50 -24.31
N ALA C 87 -33.51 -11.13 -23.18
CA ALA C 87 -34.81 -10.96 -22.54
C ALA C 87 -34.93 -9.53 -22.00
N PHE C 88 -33.86 -9.03 -21.37
CA PHE C 88 -33.80 -7.64 -20.91
C PHE C 88 -34.02 -6.69 -22.09
N LEU C 89 -33.29 -6.91 -23.19
CA LEU C 89 -33.41 -5.99 -24.32
C LEU C 89 -34.79 -6.09 -24.95
N ARG C 90 -35.36 -7.30 -25.03
CA ARG C 90 -36.73 -7.45 -25.55
C ARG C 90 -37.72 -6.63 -24.72
N CYS C 91 -37.67 -6.78 -23.40
CA CYS C 91 -38.56 -6.02 -22.52
C CYS C 91 -38.38 -4.52 -22.64
N MET C 92 -37.12 -4.06 -22.77
CA MET C 92 -36.86 -2.63 -22.97
C MET C 92 -37.40 -2.09 -24.31
N HIS C 93 -37.15 -2.82 -25.40
CA HIS C 93 -37.68 -2.41 -26.69
C HIS C 93 -39.20 -2.32 -26.65
N THR C 94 -39.82 -3.33 -26.08
CA THR C 94 -41.29 -3.36 -25.93
C THR C 94 -41.79 -2.17 -25.08
N ALA C 95 -41.09 -1.87 -24.00
CA ALA C 95 -41.44 -0.71 -23.16
C ALA C 95 -41.27 0.61 -23.92
N VAL C 96 -40.14 0.76 -24.62
CA VAL C 96 -39.89 1.99 -25.36
C VAL C 96 -40.90 2.16 -26.53
N ALA C 97 -41.29 1.05 -27.16
CA ALA C 97 -42.31 1.08 -28.23
C ALA C 97 -43.64 1.67 -27.76
N SER C 98 -43.89 1.63 -26.45
CA SER C 98 -45.15 2.12 -25.91
C SER C 98 -45.15 3.63 -25.77
N ILE C 99 -44.00 4.28 -26.00
CA ILE C 99 -43.91 5.72 -25.84
C ILE C 99 -44.11 6.39 -27.21
N ASP C 100 -44.98 7.40 -27.28
CA ASP C 100 -45.31 8.01 -28.57
C ASP C 100 -44.20 8.84 -29.13
N SER C 101 -44.29 9.17 -30.41
CA SER C 101 -43.17 9.80 -31.09
C SER C 101 -43.14 11.28 -30.82
N GLU C 102 -44.24 11.83 -30.36
CA GLU C 102 -44.24 13.24 -29.98
C GLU C 102 -43.37 13.44 -28.73
N THR C 103 -43.46 12.48 -27.82
CA THR C 103 -42.72 12.53 -26.56
C THR C 103 -41.25 12.15 -26.80
N LEU C 104 -41.06 11.03 -27.48
CA LEU C 104 -39.74 10.46 -27.74
C LEU C 104 -39.52 10.43 -29.27
N ASP C 105 -38.82 11.42 -29.79
CA ASP C 105 -38.68 11.54 -31.24
C ASP C 105 -37.69 10.51 -31.77
N ASP C 106 -37.65 10.36 -33.09
CA ASP C 106 -36.88 9.28 -33.68
C ASP C 106 -35.44 9.30 -33.21
N GLU C 107 -34.82 10.48 -33.23
CA GLU C 107 -33.41 10.56 -32.85
C GLU C 107 -33.16 10.12 -31.40
N HIS C 108 -33.98 10.63 -30.47
CA HIS C 108 -33.78 10.31 -29.06
C HIS C 108 -34.09 8.84 -28.76
N ARG C 109 -35.12 8.31 -29.45
CA ARG C 109 -35.51 6.91 -29.35
C ARG C 109 -34.34 6.02 -29.78
N ARG C 110 -33.73 6.34 -30.92
CA ARG C 110 -32.57 5.59 -31.40
C ARG C 110 -31.40 5.68 -30.41
N GLU C 111 -31.11 6.89 -29.93
CA GLU C 111 -30.04 7.07 -28.96
C GLU C 111 -30.26 6.25 -27.67
N LEU C 112 -31.50 6.23 -27.18
CA LEU C 112 -31.77 5.52 -25.93
C LEU C 112 -31.63 4.01 -26.16
N LEU C 113 -32.19 3.51 -27.26
CA LEU C 113 -32.08 2.10 -27.56
C LEU C 113 -30.64 1.66 -27.84
N ASP C 114 -29.87 2.48 -28.56
CA ASP C 114 -28.44 2.16 -28.79
C ASP C 114 -27.70 2.05 -27.46
N TYR C 115 -27.98 2.98 -26.55
CA TYR C 115 -27.35 2.95 -25.22
C TYR C 115 -27.67 1.64 -24.48
N LEU C 116 -28.95 1.31 -24.37
CA LEU C 116 -29.39 0.13 -23.63
C LEU C 116 -28.83 -1.16 -24.22
N GLU C 117 -28.79 -1.24 -25.56
CA GLU C 117 -28.15 -2.39 -26.23
C GLU C 117 -26.70 -2.55 -25.80
N MET C 118 -25.94 -1.47 -25.92
CA MET C 118 -24.51 -1.51 -25.62
C MET C 118 -24.27 -1.83 -24.15
N ALA C 119 -25.01 -1.15 -23.27
CA ALA C 119 -24.92 -1.39 -21.84
C ALA C 119 -25.25 -2.83 -21.45
N ALA C 120 -26.32 -3.37 -22.02
CA ALA C 120 -26.75 -4.73 -21.66
C ALA C 120 -25.71 -5.75 -22.11
N HIS C 121 -25.16 -5.59 -23.32
CA HIS C 121 -24.04 -6.44 -23.78
C HIS C 121 -22.86 -6.36 -22.84
N SER C 122 -22.56 -5.15 -22.35
CA SER C 122 -21.43 -4.91 -21.45
C SER C 122 -21.64 -5.47 -20.04
N LEU C 123 -22.87 -5.88 -19.70
CA LEU C 123 -23.15 -6.48 -18.38
C LEU C 123 -23.27 -8.01 -18.38
N VAL C 124 -23.19 -8.63 -19.56
CA VAL C 124 -23.16 -10.09 -19.60
C VAL C 124 -21.96 -10.60 -18.80
N ASN C 125 -22.22 -11.51 -17.86
CA ASN C 125 -21.19 -11.97 -16.91
C ASN C 125 -21.18 -13.45 -16.63
N SER C 126 -21.85 -14.21 -17.49
CA SER C 126 -21.97 -15.64 -17.29
C SER C 126 -22.15 -16.36 -18.62
N PRO C 127 -21.46 -17.51 -18.80
CA PRO C 127 -21.67 -18.33 -19.99
C PRO C 127 -23.01 -19.04 -19.98
N PHE C 128 -23.65 -19.13 -18.83
CA PHE C 128 -24.95 -19.79 -18.73
C PHE C 128 -25.88 -19.14 -17.71
N LYS D 3 14.99 -34.29 26.18
CA LYS D 3 15.60 -32.93 26.32
C LYS D 3 14.60 -31.81 25.99
N SER D 4 13.84 -31.95 24.91
CA SER D 4 12.67 -31.10 24.73
C SER D 4 11.62 -31.45 25.79
N PHE D 5 10.74 -30.50 26.09
CA PHE D 5 9.67 -30.70 27.05
C PHE D 5 8.86 -31.90 26.57
N TYR D 6 8.55 -31.91 25.27
CA TYR D 6 7.82 -33.00 24.63
C TYR D 6 8.43 -34.36 25.00
N ASP D 7 9.71 -34.53 24.72
CA ASP D 7 10.41 -35.78 25.03
C ASP D 7 10.44 -36.07 26.53
N ALA D 8 10.73 -35.04 27.33
CA ALA D 8 10.82 -35.20 28.79
C ALA D 8 9.54 -35.75 29.42
N VAL D 9 8.37 -35.45 28.84
CA VAL D 9 7.12 -35.86 29.46
C VAL D 9 6.53 -37.13 28.86
N GLY D 10 7.27 -37.77 27.97
CA GLY D 10 6.84 -39.03 27.39
C GLY D 10 6.31 -38.91 25.99
N GLY D 11 6.43 -37.72 25.41
CA GLY D 11 6.14 -37.52 24.00
C GLY D 11 4.73 -37.86 23.56
N ALA D 12 4.63 -38.51 22.40
CA ALA D 12 3.35 -38.77 21.74
C ALA D 12 2.31 -39.47 22.61
N LYS D 13 2.75 -40.51 23.33
CA LYS D 13 1.82 -41.26 24.19
C LYS D 13 1.17 -40.34 25.23
N THR D 14 1.97 -39.43 25.79
CA THR D 14 1.49 -38.58 26.86
C THR D 14 0.52 -37.54 26.31
N PHE D 15 0.89 -36.88 25.22
CA PHE D 15 -0.03 -35.91 24.60
C PHE D 15 -1.29 -36.55 24.06
N ASP D 16 -1.18 -37.76 23.50
CA ASP D 16 -2.39 -38.47 23.09
C ASP D 16 -3.28 -38.72 24.31
N ALA D 17 -2.68 -39.18 25.40
CA ALA D 17 -3.47 -39.49 26.60
C ALA D 17 -4.17 -38.24 27.12
N ILE D 18 -3.42 -37.15 27.28
CA ILE D 18 -4.01 -35.89 27.76
C ILE D 18 -5.15 -35.39 26.86
N VAL D 19 -4.86 -35.20 25.59
CA VAL D 19 -5.87 -34.64 24.69
C VAL D 19 -7.06 -35.57 24.39
N SER D 20 -6.84 -36.88 24.31
CA SER D 20 -8.00 -37.77 24.15
C SER D 20 -8.91 -37.72 25.39
N ARG D 21 -8.32 -37.70 26.58
CA ARG D 21 -9.13 -37.61 27.80
C ARG D 21 -9.82 -36.24 27.92
N PHE D 22 -9.11 -35.21 27.49
CA PHE D 22 -9.72 -33.88 27.47
C PHE D 22 -10.95 -33.87 26.58
N TYR D 23 -10.79 -34.37 25.35
CA TYR D 23 -11.87 -34.35 24.39
C TYR D 23 -13.02 -35.28 24.73
N ALA D 24 -12.73 -36.37 25.44
CA ALA D 24 -13.79 -37.22 25.97
C ALA D 24 -14.72 -36.45 26.94
N GLN D 25 -14.10 -35.59 27.75
N GLN D 25 -14.16 -35.58 27.77
CA GLN D 25 -14.80 -34.73 28.73
CA GLN D 25 -15.03 -34.79 28.64
C GLN D 25 -15.60 -33.61 28.06
C GLN D 25 -15.78 -33.77 27.84
N VAL D 26 -15.05 -33.05 26.98
CA VAL D 26 -15.72 -32.04 26.16
C VAL D 26 -17.05 -32.59 25.66
N ALA D 27 -17.01 -33.82 25.14
CA ALA D 27 -18.21 -34.44 24.58
C ALA D 27 -19.38 -34.51 25.59
N GLU D 28 -19.07 -34.66 26.87
CA GLU D 28 -20.09 -34.77 27.92
C GLU D 28 -20.30 -33.45 28.68
N ASP D 29 -19.63 -32.38 28.25
CA ASP D 29 -19.67 -31.11 28.99
C ASP D 29 -20.70 -30.17 28.39
N GLU D 30 -21.74 -29.84 29.16
CA GLU D 30 -22.83 -29.02 28.64
C GLU D 30 -22.34 -27.75 27.97
N VAL D 31 -21.45 -27.04 28.66
CA VAL D 31 -20.94 -25.77 28.14
C VAL D 31 -20.13 -25.95 26.86
N LEU D 32 -19.20 -26.89 26.89
CA LEU D 32 -18.26 -27.07 25.77
C LEU D 32 -18.90 -27.72 24.55
N ARG D 33 -19.79 -28.69 24.76
CA ARG D 33 -20.48 -29.30 23.62
C ARG D 33 -21.31 -28.28 22.83
N ARG D 34 -21.75 -27.21 23.49
CA ARG D 34 -22.49 -26.15 22.82
C ARG D 34 -21.61 -25.30 21.91
N VAL D 35 -20.32 -25.16 22.24
CA VAL D 35 -19.44 -24.26 21.46
C VAL D 35 -18.62 -24.97 20.39
N TYR D 36 -18.19 -26.21 20.66
CA TYR D 36 -17.48 -26.98 19.63
C TYR D 36 -18.49 -27.33 18.54
N PRO D 37 -18.15 -27.05 17.28
CA PRO D 37 -19.13 -27.16 16.20
C PRO D 37 -19.54 -28.58 15.84
N GLU D 38 -18.57 -29.41 15.43
CA GLU D 38 -18.91 -30.69 14.81
C GLU D 38 -19.45 -31.72 15.81
N ASP D 39 -20.39 -32.55 15.34
CA ASP D 39 -20.89 -33.62 16.18
C ASP D 39 -19.78 -34.65 16.37
N ASP D 40 -18.91 -34.74 15.39
CA ASP D 40 -17.69 -35.53 15.50
C ASP D 40 -16.50 -34.63 15.90
N LEU D 41 -16.02 -34.85 17.11
CA LEU D 41 -14.97 -34.06 17.71
C LEU D 41 -13.60 -34.63 17.37
N ALA D 42 -13.57 -35.59 16.46
CA ALA D 42 -12.32 -36.27 16.12
C ALA D 42 -11.29 -35.30 15.53
N GLY D 43 -11.71 -34.47 14.57
CA GLY D 43 -10.81 -33.48 13.98
C GLY D 43 -10.28 -32.45 14.98
N ALA D 44 -11.17 -31.97 15.86
CA ALA D 44 -10.79 -30.97 16.86
C ALA D 44 -9.74 -31.57 17.80
N GLU D 45 -9.95 -32.83 18.16
CA GLU D 45 -8.99 -33.56 18.99
C GLU D 45 -7.61 -33.66 18.33
N GLU D 46 -7.56 -34.13 17.08
CA GLU D 46 -6.29 -34.19 16.33
C GLU D 46 -5.55 -32.86 16.25
N ARG D 47 -6.28 -31.79 15.97
CA ARG D 47 -5.64 -30.50 15.76
C ARG D 47 -5.06 -29.92 17.05
N LEU D 48 -5.83 -30.00 18.13
CA LEU D 48 -5.33 -29.56 19.42
C LEU D 48 -4.13 -30.41 19.84
N ARG D 49 -4.21 -31.72 19.66
CA ARG D 49 -3.08 -32.58 20.02
C ARG D 49 -1.82 -32.20 19.21
N MET D 50 -1.98 -32.05 17.91
CA MET D 50 -0.85 -31.72 17.04
C MET D 50 -0.28 -30.39 17.44
N PHE D 51 -1.14 -29.43 17.74
CA PHE D 51 -0.61 -28.10 18.12
C PHE D 51 0.22 -28.18 19.40
N LEU D 52 -0.34 -28.83 20.40
CA LEU D 52 0.38 -28.94 21.68
C LEU D 52 1.69 -29.70 21.53
N GLU D 53 1.68 -30.77 20.74
CA GLU D 53 2.92 -31.51 20.49
C GLU D 53 3.98 -30.62 19.86
N GLN D 54 3.59 -29.81 18.88
CA GLN D 54 4.58 -28.95 18.23
C GLN D 54 5.00 -27.84 19.17
N TYR D 55 4.04 -27.26 19.88
CA TYR D 55 4.34 -26.17 20.80
C TYR D 55 5.44 -26.58 21.78
N TRP D 56 5.34 -27.81 22.31
CA TRP D 56 6.28 -28.24 23.35
C TRP D 56 7.55 -28.88 22.77
N GLY D 57 7.71 -28.81 21.45
CA GLY D 57 8.97 -29.21 20.83
C GLY D 57 8.95 -30.55 20.13
N GLY D 58 7.78 -31.14 19.95
CA GLY D 58 7.67 -32.40 19.22
C GLY D 58 7.60 -32.20 17.71
N PRO D 59 6.93 -33.12 17.00
CA PRO D 59 6.82 -33.03 15.55
C PRO D 59 6.14 -31.74 15.09
N ARG D 60 6.49 -31.31 13.88
CA ARG D 60 5.92 -30.11 13.31
C ARG D 60 4.73 -30.42 12.42
N THR D 61 4.05 -31.53 12.69
CA THR D 61 2.87 -31.91 11.90
C THR D 61 1.76 -30.86 11.91
N TYR D 62 1.57 -30.16 13.03
CA TYR D 62 0.54 -29.12 13.09
C TYR D 62 0.71 -28.07 11.98
N SER D 63 1.87 -27.43 11.93
CA SER D 63 2.08 -26.37 10.93
C SER D 63 2.15 -26.93 9.50
N GLU D 64 2.64 -28.16 9.35
CA GLU D 64 2.67 -28.81 8.04
C GLU D 64 1.25 -28.99 7.47
N GLN D 65 0.29 -29.25 8.34
CA GLN D 65 -1.09 -29.45 7.93
C GLN D 65 -1.96 -28.22 8.06
N ARG D 66 -1.66 -27.34 9.01
CA ARG D 66 -2.55 -26.20 9.31
C ARG D 66 -1.94 -24.85 8.94
N GLY D 67 -0.62 -24.80 8.77
CA GLY D 67 0.08 -23.56 8.52
C GLY D 67 0.50 -22.85 9.79
N HIS D 68 0.87 -21.58 9.65
CA HIS D 68 1.25 -20.73 10.77
C HIS D 68 0.09 -20.69 11.76
N PRO D 69 0.40 -20.81 13.04
CA PRO D 69 -0.62 -20.75 14.10
C PRO D 69 -1.28 -19.37 14.16
N ARG D 70 -2.59 -19.32 13.93
CA ARG D 70 -3.35 -18.08 14.04
C ARG D 70 -4.49 -18.22 15.04
N LEU D 71 -4.14 -18.39 16.31
CA LEU D 71 -5.01 -19.06 17.27
C LEU D 71 -6.22 -18.19 17.62
N ARG D 72 -5.99 -16.88 17.70
CA ARG D 72 -7.08 -15.92 17.92
C ARG D 72 -8.13 -15.96 16.79
N MET D 73 -7.63 -15.95 15.56
CA MET D 73 -8.50 -15.94 14.40
C MET D 73 -9.27 -17.27 14.28
N ARG D 74 -8.61 -18.38 14.61
CA ARG D 74 -9.28 -19.68 14.57
C ARG D 74 -10.35 -19.86 15.64
N HIS D 75 -10.20 -19.17 16.78
CA HIS D 75 -11.26 -19.20 17.80
C HIS D 75 -12.32 -18.13 17.59
N ALA D 76 -12.03 -17.18 16.71
CA ALA D 76 -12.94 -16.04 16.51
C ALA D 76 -14.36 -16.42 16.11
N PRO D 77 -14.56 -17.50 15.32
CA PRO D 77 -15.93 -17.89 15.02
C PRO D 77 -16.80 -18.27 16.23
N PHE D 78 -16.18 -18.58 17.36
CA PHE D 78 -16.90 -19.11 18.53
C PHE D 78 -16.96 -18.08 19.66
N ARG D 79 -18.04 -18.08 20.43
CA ARG D 79 -18.15 -17.16 21.57
C ARG D 79 -17.58 -17.84 22.79
N ILE D 80 -16.32 -17.51 23.07
CA ILE D 80 -15.62 -18.02 24.23
C ILE D 80 -15.66 -16.98 25.34
N SER D 81 -16.62 -17.10 26.26
CA SER D 81 -16.67 -16.19 27.39
C SER D 81 -15.92 -16.84 28.55
N LEU D 82 -15.89 -16.18 29.70
CA LEU D 82 -15.23 -16.74 30.89
C LEU D 82 -15.81 -18.13 31.18
N ILE D 83 -17.08 -18.30 30.90
CA ILE D 83 -17.76 -19.58 31.17
C ILE D 83 -17.15 -20.72 30.36
N GLU D 84 -16.94 -20.49 29.07
CA GLU D 84 -16.28 -21.47 28.21
C GLU D 84 -14.83 -21.69 28.61
N ARG D 85 -14.13 -20.61 28.93
CA ARG D 85 -12.75 -20.70 29.38
C ARG D 85 -12.66 -21.61 30.62
N ASP D 86 -13.52 -21.38 31.60
CA ASP D 86 -13.49 -22.17 32.84
C ASP D 86 -13.84 -23.63 32.58
N ALA D 87 -14.84 -23.88 31.74
CA ALA D 87 -15.17 -25.25 31.39
C ALA D 87 -14.00 -25.96 30.68
N PHE D 88 -13.36 -25.28 29.74
CA PHE D 88 -12.17 -25.81 29.06
C PHE D 88 -11.10 -26.17 30.09
N LEU D 89 -10.80 -25.23 30.98
CA LEU D 89 -9.77 -25.47 31.99
C LEU D 89 -10.13 -26.61 32.96
N ARG D 90 -11.38 -26.72 33.37
CA ARG D 90 -11.77 -27.84 34.24
C ARG D 90 -11.46 -29.17 33.56
N CYS D 91 -11.91 -29.28 32.30
CA CYS D 91 -11.71 -30.50 31.53
C CYS D 91 -10.23 -30.76 31.28
N MET D 92 -9.46 -29.71 31.05
CA MET D 92 -8.02 -29.87 30.83
C MET D 92 -7.28 -30.29 32.12
N HIS D 93 -7.67 -29.70 33.25
CA HIS D 93 -7.10 -30.09 34.56
C HIS D 93 -7.42 -31.55 34.89
N THR D 94 -8.65 -31.98 34.63
CA THR D 94 -9.04 -33.37 34.80
C THR D 94 -8.19 -34.31 33.94
N ALA D 95 -7.98 -33.94 32.68
CA ALA D 95 -7.14 -34.76 31.79
C ALA D 95 -5.71 -34.89 32.31
N VAL D 96 -5.14 -33.75 32.73
CA VAL D 96 -3.76 -33.74 33.19
C VAL D 96 -3.63 -34.53 34.49
N ALA D 97 -4.65 -34.47 35.33
CA ALA D 97 -4.65 -35.19 36.60
C ALA D 97 -4.67 -36.72 36.41
N SER D 98 -5.04 -37.17 35.21
CA SER D 98 -5.06 -38.61 34.91
C SER D 98 -3.68 -39.15 34.56
N ILE D 99 -2.70 -38.26 34.46
CA ILE D 99 -1.34 -38.65 34.12
C ILE D 99 -0.51 -38.76 35.39
N ASP D 100 0.18 -39.89 35.56
CA ASP D 100 0.95 -40.09 36.80
C ASP D 100 2.21 -39.25 36.86
N SER D 101 2.75 -39.13 38.08
CA SER D 101 3.85 -38.22 38.38
C SER D 101 5.19 -38.73 37.89
N GLU D 102 5.26 -40.03 37.61
CA GLU D 102 6.49 -40.57 37.06
C GLU D 102 6.62 -40.15 35.59
N THR D 103 5.49 -40.02 34.91
CA THR D 103 5.47 -39.59 33.52
C THR D 103 5.58 -38.08 33.41
N LEU D 104 4.77 -37.40 34.20
CA LEU D 104 4.72 -35.96 34.23
C LEU D 104 5.04 -35.50 35.64
N ASP D 105 6.30 -35.13 35.88
CA ASP D 105 6.74 -34.71 37.21
C ASP D 105 6.21 -33.35 37.66
N ASP D 106 6.41 -33.04 38.92
CA ASP D 106 5.83 -31.83 39.51
C ASP D 106 6.18 -30.55 38.75
N GLU D 107 7.43 -30.38 38.36
CA GLU D 107 7.85 -29.18 37.63
C GLU D 107 7.25 -29.11 36.21
N HIS D 108 7.24 -30.22 35.49
CA HIS D 108 6.65 -30.20 34.14
C HIS D 108 5.13 -30.04 34.19
N ARG D 109 4.49 -30.64 35.19
CA ARG D 109 3.03 -30.53 35.38
C ARG D 109 2.67 -29.06 35.59
N ARG D 110 3.40 -28.39 36.48
CA ARG D 110 3.18 -26.99 36.76
C ARG D 110 3.35 -26.11 35.50
N GLU D 111 4.43 -26.38 34.77
CA GLU D 111 4.74 -25.65 33.54
C GLU D 111 3.62 -25.81 32.50
N LEU D 112 3.15 -27.05 32.33
CA LEU D 112 2.07 -27.33 31.37
C LEU D 112 0.78 -26.64 31.77
N LEU D 113 0.42 -26.76 33.05
CA LEU D 113 -0.82 -26.17 33.52
C LEU D 113 -0.78 -24.62 33.50
N ASP D 114 0.35 -24.05 33.91
CA ASP D 114 0.56 -22.58 33.85
C ASP D 114 0.34 -22.09 32.42
N TYR D 115 0.89 -22.82 31.46
CA TYR D 115 0.73 -22.48 30.04
C TYR D 115 -0.73 -22.53 29.57
N LEU D 116 -1.41 -23.64 29.86
CA LEU D 116 -2.79 -23.80 29.43
C LEU D 116 -3.66 -22.72 30.07
N GLU D 117 -3.44 -22.45 31.36
CA GLU D 117 -4.20 -21.40 32.05
C GLU D 117 -4.02 -20.06 31.31
N MET D 118 -2.79 -19.65 31.10
CA MET D 118 -2.53 -18.37 30.45
C MET D 118 -3.11 -18.31 29.04
N ALA D 119 -2.91 -19.37 28.27
CA ALA D 119 -3.44 -19.41 26.90
C ALA D 119 -4.96 -19.38 26.83
N ALA D 120 -5.64 -20.15 27.69
CA ALA D 120 -7.10 -20.14 27.73
C ALA D 120 -7.64 -18.73 28.05
N HIS D 121 -7.07 -18.09 29.08
CA HIS D 121 -7.43 -16.70 29.42
C HIS D 121 -7.24 -15.76 28.23
N SER D 122 -6.15 -15.96 27.49
CA SER D 122 -5.79 -15.11 26.37
C SER D 122 -6.71 -15.29 25.17
N LEU D 123 -7.48 -16.38 25.17
CA LEU D 123 -8.35 -16.67 24.04
C LEU D 123 -9.82 -16.26 24.26
N VAL D 124 -10.15 -15.77 25.46
CA VAL D 124 -11.51 -15.28 25.74
C VAL D 124 -11.78 -14.14 24.73
N ASN D 125 -12.90 -14.21 24.04
CA ASN D 125 -13.20 -13.29 22.95
C ASN D 125 -14.65 -12.85 22.96
N SER D 126 -15.33 -13.01 24.09
CA SER D 126 -16.75 -12.67 24.15
C SER D 126 -17.23 -12.39 25.57
N PRO D 127 -18.16 -11.41 25.73
CA PRO D 127 -18.76 -11.12 27.02
C PRO D 127 -19.79 -12.17 27.46
N PHE D 128 -20.33 -12.93 26.51
CA PHE D 128 -21.32 -13.96 26.83
C PHE D 128 -21.19 -15.18 25.90
N LYS E 3 39.82 -0.76 -20.56
CA LYS E 3 38.55 -0.29 -21.21
C LYS E 3 37.59 0.28 -20.16
N SER E 4 37.43 -0.38 -19.02
CA SER E 4 36.77 0.28 -17.89
C SER E 4 37.71 1.39 -17.42
N PHE E 5 37.14 2.40 -16.78
CA PHE E 5 37.95 3.45 -16.16
C PHE E 5 38.90 2.76 -15.19
N TYR E 6 38.34 1.90 -14.34
CA TYR E 6 39.11 1.15 -13.35
C TYR E 6 40.39 0.52 -13.92
N ASP E 7 40.25 -0.23 -15.01
CA ASP E 7 41.40 -0.86 -15.68
C ASP E 7 42.33 0.16 -16.32
N ALA E 8 41.74 1.16 -16.98
CA ALA E 8 42.53 2.21 -17.61
C ALA E 8 43.49 2.89 -16.63
N VAL E 9 43.10 3.03 -15.37
CA VAL E 9 43.93 3.79 -14.44
C VAL E 9 44.82 2.92 -13.53
N GLY E 10 44.89 1.62 -13.81
CA GLY E 10 45.75 0.74 -13.05
C GLY E 10 45.04 -0.15 -12.05
N GLY E 11 43.70 -0.06 -12.00
CA GLY E 11 42.92 -1.01 -11.22
C GLY E 11 43.17 -1.04 -9.72
N ALA E 12 43.19 -2.24 -9.14
CA ALA E 12 43.22 -2.39 -7.69
C ALA E 12 44.36 -1.61 -7.04
N LYS E 13 45.55 -1.65 -7.64
CA LYS E 13 46.75 -1.01 -7.08
C LYS E 13 46.56 0.51 -6.94
N THR E 14 45.98 1.13 -7.97
CA THR E 14 45.78 2.57 -7.98
C THR E 14 44.76 3.01 -6.94
N PHE E 15 43.62 2.31 -6.87
CA PHE E 15 42.59 2.69 -5.92
C PHE E 15 43.04 2.43 -4.50
N ASP E 16 43.78 1.35 -4.30
CA ASP E 16 44.37 1.10 -2.98
C ASP E 16 45.32 2.25 -2.57
N ALA E 17 46.20 2.67 -3.49
CA ALA E 17 47.11 3.79 -3.21
C ALA E 17 46.35 5.09 -2.89
N ILE E 18 45.38 5.43 -3.74
CA ILE E 18 44.61 6.65 -3.53
C ILE E 18 43.93 6.64 -2.18
N VAL E 19 43.15 5.57 -1.90
CA VAL E 19 42.32 5.57 -0.69
C VAL E 19 43.14 5.39 0.58
N SER E 20 44.23 4.63 0.47
CA SER E 20 45.15 4.47 1.58
C SER E 20 45.75 5.85 1.98
N ARG E 21 46.24 6.57 0.99
CA ARG E 21 46.81 7.90 1.20
C ARG E 21 45.76 8.89 1.70
N PHE E 22 44.55 8.83 1.13
CA PHE E 22 43.45 9.63 1.63
C PHE E 22 43.18 9.38 3.11
N TYR E 23 43.01 8.12 3.50
CA TYR E 23 42.67 7.80 4.88
C TYR E 23 43.81 8.01 5.88
N ALA E 24 45.05 7.93 5.40
CA ALA E 24 46.21 8.23 6.24
C ALA E 24 46.10 9.67 6.79
N GLN E 25 45.66 10.59 5.92
N GLN E 25 45.70 10.61 5.96
CA GLN E 25 45.51 12.01 6.24
CA GLN E 25 45.53 11.98 6.43
C GLN E 25 44.27 12.39 7.05
C GLN E 25 44.34 12.11 7.36
N VAL E 26 43.21 11.59 6.90
CA VAL E 26 41.99 11.75 7.67
C VAL E 26 42.32 11.63 9.16
N ALA E 27 43.15 10.66 9.47
CA ALA E 27 43.51 10.37 10.87
C ALA E 27 44.11 11.56 11.62
N GLU E 28 44.91 12.37 10.93
CA GLU E 28 45.54 13.53 11.56
C GLU E 28 44.85 14.84 11.15
N ASP E 29 43.73 14.73 10.45
CA ASP E 29 43.03 15.94 10.00
C ASP E 29 42.15 16.50 11.10
N GLU E 30 42.40 17.75 11.46
CA GLU E 30 41.72 18.36 12.58
C GLU E 30 40.20 18.45 12.32
N VAL E 31 39.82 18.68 11.07
CA VAL E 31 38.39 18.74 10.74
C VAL E 31 37.75 17.32 10.69
N LEU E 32 38.39 16.42 9.94
CA LEU E 32 37.80 15.10 9.64
C LEU E 32 37.83 14.10 10.78
N ARG E 33 38.90 14.11 11.56
CA ARG E 33 38.96 13.17 12.69
C ARG E 33 37.82 13.38 13.71
N ARG E 34 37.29 14.59 13.77
CA ARG E 34 36.11 14.87 14.60
C ARG E 34 34.85 14.17 14.06
N VAL E 35 34.78 13.95 12.75
CA VAL E 35 33.58 13.41 12.13
C VAL E 35 33.60 11.88 11.90
N TYR E 36 34.74 11.32 11.49
CA TYR E 36 34.85 9.86 11.38
C TYR E 36 34.80 9.27 12.79
N PRO E 37 33.82 8.38 13.03
CA PRO E 37 33.41 7.88 14.35
C PRO E 37 34.39 6.94 15.03
N GLU E 38 35.05 6.07 14.28
CA GLU E 38 35.87 5.06 14.92
C GLU E 38 37.26 5.58 15.22
N ASP E 39 37.93 4.96 16.19
CA ASP E 39 39.33 5.24 16.41
C ASP E 39 40.10 4.52 15.30
N ASP E 40 39.63 3.33 14.94
CA ASP E 40 40.22 2.56 13.85
C ASP E 40 39.51 2.89 12.53
N LEU E 41 40.26 3.51 11.63
CA LEU E 41 39.73 3.93 10.36
C LEU E 41 39.87 2.82 9.32
N ALA E 42 40.26 1.62 9.76
CA ALA E 42 40.52 0.52 8.81
C ALA E 42 39.26 0.17 8.01
N GLY E 43 38.15 0.00 8.70
CA GLY E 43 36.90 -0.38 8.04
C GLY E 43 36.37 0.70 7.12
N ALA E 44 36.49 1.95 7.55
CA ALA E 44 36.06 3.08 6.70
C ALA E 44 36.85 3.11 5.40
N GLU E 45 38.16 2.92 5.51
CA GLU E 45 39.02 2.91 4.33
C GLU E 45 38.68 1.76 3.38
N GLU E 46 38.50 0.57 3.94
CA GLU E 46 38.12 -0.57 3.14
C GLU E 46 36.82 -0.29 2.38
N ARG E 47 35.83 0.28 3.06
CA ARG E 47 34.53 0.51 2.41
C ARG E 47 34.58 1.57 1.33
N LEU E 48 35.29 2.67 1.59
CA LEU E 48 35.46 3.71 0.59
C LEU E 48 36.20 3.17 -0.64
N ARG E 49 37.26 2.40 -0.40
CA ARG E 49 38.03 1.83 -1.52
C ARG E 49 37.14 0.92 -2.38
N MET E 50 36.38 0.04 -1.72
CA MET E 50 35.50 -0.88 -2.44
C MET E 50 34.45 -0.11 -3.25
N PHE E 51 33.90 0.93 -2.64
CA PHE E 51 32.93 1.75 -3.35
C PHE E 51 33.50 2.37 -4.62
N LEU E 52 34.64 3.05 -4.50
CA LEU E 52 35.23 3.73 -5.66
C LEU E 52 35.66 2.73 -6.73
N GLU E 53 36.16 1.59 -6.30
CA GLU E 53 36.51 0.56 -7.29
C GLU E 53 35.31 0.13 -8.10
N GLN E 54 34.19 -0.15 -7.43
CA GLN E 54 32.97 -0.50 -8.14
C GLN E 54 32.44 0.66 -8.98
N TYR E 55 32.44 1.86 -8.40
CA TYR E 55 31.91 3.02 -9.10
C TYR E 55 32.57 3.19 -10.47
N TRP E 56 33.88 2.97 -10.52
CA TRP E 56 34.65 3.18 -11.74
C TRP E 56 34.75 1.93 -12.63
N GLY E 57 33.92 0.93 -12.32
CA GLY E 57 33.77 -0.21 -13.21
C GLY E 57 34.61 -1.42 -12.85
N GLY E 58 35.13 -1.43 -11.62
CA GLY E 58 35.92 -2.56 -11.13
C GLY E 58 35.04 -3.62 -10.47
N PRO E 59 35.61 -4.41 -9.55
CA PRO E 59 34.88 -5.47 -8.81
C PRO E 59 33.62 -5.00 -8.09
N ARG E 60 32.65 -5.91 -7.94
CA ARG E 60 31.36 -5.61 -7.32
C ARG E 60 31.36 -5.88 -5.82
N THR E 61 32.54 -5.99 -5.24
CA THR E 61 32.68 -6.37 -3.85
C THR E 61 31.90 -5.44 -2.91
N TYR E 62 31.88 -4.14 -3.21
CA TYR E 62 31.15 -3.20 -2.37
C TYR E 62 29.67 -3.60 -2.23
N SER E 63 28.97 -3.73 -3.35
CA SER E 63 27.54 -4.09 -3.27
C SER E 63 27.36 -5.51 -2.74
N GLU E 64 28.30 -6.39 -3.04
CA GLU E 64 28.24 -7.74 -2.49
C GLU E 64 28.27 -7.70 -0.96
N GLN E 65 29.09 -6.82 -0.39
CA GLN E 65 29.21 -6.77 1.07
C GLN E 65 28.33 -5.71 1.72
N ARG E 66 27.99 -4.65 0.99
CA ARG E 66 27.30 -3.51 1.62
C ARG E 66 25.87 -3.36 1.11
N GLY E 67 25.54 -4.09 0.04
CA GLY E 67 24.26 -3.94 -0.61
C GLY E 67 24.24 -2.69 -1.47
N HIS E 68 23.03 -2.15 -1.65
CA HIS E 68 22.84 -1.01 -2.55
C HIS E 68 23.49 0.24 -1.93
N PRO E 69 24.24 1.02 -2.74
CA PRO E 69 24.71 2.27 -2.19
C PRO E 69 23.52 3.17 -1.91
N ARG E 70 23.52 3.78 -0.72
CA ARG E 70 22.49 4.75 -0.36
C ARG E 70 23.10 6.03 0.19
N LEU E 71 24.09 6.55 -0.51
CA LEU E 71 25.23 7.20 0.13
C LEU E 71 24.76 8.33 1.04
N ARG E 72 23.65 8.94 0.69
CA ARG E 72 23.05 10.00 1.51
C ARG E 72 22.68 9.47 2.91
N MET E 73 22.03 8.30 2.96
CA MET E 73 21.60 7.75 4.26
C MET E 73 22.79 7.31 5.10
N ARG E 74 23.84 6.82 4.44
CA ARG E 74 25.02 6.39 5.17
C ARG E 74 25.84 7.56 5.75
N HIS E 75 25.72 8.75 5.15
CA HIS E 75 26.36 9.94 5.69
C HIS E 75 25.43 10.70 6.67
N ALA E 76 24.15 10.31 6.74
CA ALA E 76 23.16 11.03 7.54
C ALA E 76 23.49 11.15 9.04
N PRO E 77 24.12 10.11 9.62
CA PRO E 77 24.53 10.17 11.04
C PRO E 77 25.54 11.27 11.35
N PHE E 78 26.21 11.80 10.33
CA PHE E 78 27.33 12.71 10.55
C PHE E 78 26.98 14.12 10.11
N ARG E 79 27.49 15.12 10.82
CA ARG E 79 27.27 16.50 10.39
C ARG E 79 28.34 16.92 9.41
N ILE E 80 28.01 16.85 8.13
CA ILE E 80 28.92 17.23 7.07
C ILE E 80 28.52 18.62 6.57
N SER E 81 29.20 19.65 7.07
CA SER E 81 29.02 21.01 6.58
C SER E 81 30.03 21.33 5.48
N LEU E 82 30.04 22.59 5.04
CA LEU E 82 31.00 23.08 4.05
C LEU E 82 32.43 22.77 4.45
N ILE E 83 32.68 22.88 5.75
CA ILE E 83 34.01 22.74 6.32
C ILE E 83 34.53 21.31 6.18
N GLU E 84 33.67 20.35 6.49
CA GLU E 84 34.01 18.93 6.36
C GLU E 84 34.17 18.57 4.88
N ARG E 85 33.29 19.10 4.04
CA ARG E 85 33.38 18.86 2.62
C ARG E 85 34.75 19.32 2.09
N ASP E 86 35.11 20.55 2.44
CA ASP E 86 36.37 21.11 1.98
C ASP E 86 37.57 20.27 2.46
N ALA E 87 37.55 19.82 3.72
CA ALA E 87 38.63 19.00 4.26
C ALA E 87 38.73 17.66 3.52
N PHE E 88 37.57 17.06 3.24
CA PHE E 88 37.53 15.81 2.48
C PHE E 88 38.23 16.05 1.15
N LEU E 89 37.84 17.10 0.43
CA LEU E 89 38.40 17.33 -0.90
C LEU E 89 39.90 17.62 -0.87
N ARG E 90 40.35 18.33 0.16
CA ARG E 90 41.80 18.58 0.34
C ARG E 90 42.54 17.25 0.47
N CYS E 91 42.07 16.41 1.39
CA CYS E 91 42.68 15.11 1.60
C CYS E 91 42.63 14.26 0.34
N MET E 92 41.52 14.33 -0.38
CA MET E 92 41.37 13.54 -1.59
C MET E 92 42.27 14.05 -2.73
N HIS E 93 42.37 15.36 -2.89
CA HIS E 93 43.27 15.92 -3.90
C HIS E 93 44.75 15.56 -3.62
N THR E 94 45.12 15.55 -2.36
CA THR E 94 46.48 15.13 -1.97
C THR E 94 46.68 13.67 -2.36
N ALA E 95 45.69 12.84 -2.07
CA ALA E 95 45.80 11.41 -2.41
C ALA E 95 45.93 11.22 -3.91
N VAL E 96 45.11 11.91 -4.70
CA VAL E 96 45.15 11.77 -6.15
C VAL E 96 46.46 12.35 -6.74
N ALA E 97 46.93 13.44 -6.14
CA ALA E 97 48.19 14.06 -6.56
C ALA E 97 49.38 13.13 -6.36
N SER E 98 49.23 12.15 -5.46
CA SER E 98 50.31 11.22 -5.19
C SER E 98 50.44 10.16 -6.28
N ILE E 99 49.48 10.11 -7.20
CA ILE E 99 49.51 9.12 -8.28
C ILE E 99 50.18 9.73 -9.50
N ASP E 100 51.15 9.04 -10.07
CA ASP E 100 51.86 9.62 -11.23
C ASP E 100 51.05 9.70 -12.53
N SER E 101 51.53 10.50 -13.45
CA SER E 101 50.78 10.81 -14.65
C SER E 101 50.78 9.67 -15.67
N GLU E 102 51.69 8.71 -15.52
CA GLU E 102 51.74 7.58 -16.43
C GLU E 102 50.60 6.66 -16.06
N THR E 103 50.35 6.56 -14.76
CA THR E 103 49.32 5.67 -14.23
C THR E 103 47.94 6.29 -14.40
N LEU E 104 47.81 7.56 -14.02
CA LEU E 104 46.54 8.27 -14.13
C LEU E 104 46.67 9.54 -14.95
N ASP E 105 46.46 9.42 -16.26
CA ASP E 105 46.77 10.49 -17.19
C ASP E 105 45.81 11.66 -17.03
N ASP E 106 46.11 12.77 -17.70
CA ASP E 106 45.42 14.03 -17.43
C ASP E 106 43.91 13.91 -17.59
N GLU E 107 43.50 13.22 -18.64
CA GLU E 107 42.09 13.00 -18.92
C GLU E 107 41.38 12.24 -17.78
N HIS E 108 41.95 11.12 -17.34
CA HIS E 108 41.31 10.31 -16.29
C HIS E 108 41.41 11.01 -14.94
N ARG E 109 42.50 11.76 -14.73
CA ARG E 109 42.66 12.55 -13.51
C ARG E 109 41.57 13.62 -13.40
N ARG E 110 41.30 14.31 -14.47
CA ARG E 110 40.27 15.33 -14.44
C ARG E 110 38.88 14.74 -14.16
N GLU E 111 38.57 13.69 -14.86
CA GLU E 111 37.28 13.04 -14.66
C GLU E 111 37.12 12.56 -13.21
N LEU E 112 38.15 11.94 -12.66
CA LEU E 112 38.11 11.49 -11.27
C LEU E 112 37.89 12.65 -10.29
N LEU E 113 38.64 13.74 -10.46
CA LEU E 113 38.52 14.89 -9.54
C LEU E 113 37.18 15.62 -9.70
N ASP E 114 36.73 15.77 -10.94
CA ASP E 114 35.43 16.37 -11.22
C ASP E 114 34.35 15.58 -10.46
N TYR E 115 34.41 14.26 -10.57
CA TYR E 115 33.47 13.39 -9.85
C TYR E 115 33.51 13.62 -8.34
N LEU E 116 34.69 13.48 -7.74
CA LEU E 116 34.83 13.66 -6.30
C LEU E 116 34.32 15.03 -5.82
N GLU E 117 34.62 16.08 -6.57
CA GLU E 117 34.09 17.39 -6.25
C GLU E 117 32.55 17.42 -6.20
N MET E 118 31.93 16.98 -7.28
CA MET E 118 30.46 16.98 -7.35
C MET E 118 29.87 16.09 -6.26
N ALA E 119 30.43 14.90 -6.08
CA ALA E 119 29.91 13.98 -5.09
C ALA E 119 29.99 14.55 -3.66
N ALA E 120 31.13 15.14 -3.30
CA ALA E 120 31.29 15.71 -1.96
C ALA E 120 30.36 16.87 -1.69
N HIS E 121 30.19 17.75 -2.69
CA HIS E 121 29.21 18.84 -2.56
C HIS E 121 27.80 18.33 -2.33
N SER E 122 27.45 17.26 -3.04
CA SER E 122 26.12 16.66 -2.94
C SER E 122 25.87 15.92 -1.63
N LEU E 123 26.92 15.66 -0.85
CA LEU E 123 26.76 14.94 0.41
C LEU E 123 26.72 15.87 1.63
N VAL E 124 26.90 17.17 1.41
CA VAL E 124 26.73 18.15 2.49
C VAL E 124 25.30 18.03 3.03
N ASN E 125 25.18 17.88 4.34
CA ASN E 125 23.89 17.62 4.95
C ASN E 125 23.67 18.45 6.20
N SER E 126 24.48 19.49 6.42
CA SER E 126 24.40 20.24 7.66
C SER E 126 24.83 21.69 7.52
N PRO E 127 24.10 22.61 8.20
CA PRO E 127 24.43 24.04 8.18
C PRO E 127 25.59 24.39 9.13
N PHE E 128 25.95 23.48 10.02
CA PHE E 128 27.07 23.70 10.93
C PHE E 128 27.84 22.41 11.24
N LYS F 3 -12.96 -32.01 -26.97
CA LYS F 3 -12.41 -31.27 -28.15
C LYS F 3 -12.70 -29.76 -28.04
N SER F 4 -11.68 -28.94 -28.25
CA SER F 4 -11.83 -27.49 -28.13
C SER F 4 -12.60 -26.91 -29.30
N PHE F 5 -13.17 -25.73 -29.08
CA PHE F 5 -13.84 -25.01 -30.14
C PHE F 5 -12.87 -24.85 -31.31
N TYR F 6 -11.66 -24.42 -30.98
CA TYR F 6 -10.60 -24.22 -31.93
C TYR F 6 -10.47 -25.43 -32.85
N ASP F 7 -10.24 -26.61 -32.27
CA ASP F 7 -10.09 -27.82 -33.08
C ASP F 7 -11.36 -28.15 -33.86
N ALA F 8 -12.52 -28.00 -33.22
CA ALA F 8 -13.80 -28.36 -33.85
C ALA F 8 -14.13 -27.58 -35.11
N VAL F 9 -13.67 -26.33 -35.18
CA VAL F 9 -13.93 -25.48 -36.35
C VAL F 9 -12.78 -25.46 -37.37
N GLY F 10 -11.81 -26.34 -37.18
CA GLY F 10 -10.73 -26.44 -38.15
C GLY F 10 -9.43 -25.73 -37.79
N GLY F 11 -9.32 -25.24 -36.55
CA GLY F 11 -8.05 -24.72 -36.04
C GLY F 11 -7.39 -23.57 -36.78
N ALA F 12 -6.06 -23.64 -36.88
CA ALA F 12 -5.24 -22.55 -37.40
C ALA F 12 -5.69 -22.05 -38.78
N LYS F 13 -6.00 -22.98 -39.67
CA LYS F 13 -6.43 -22.64 -41.02
C LYS F 13 -7.73 -21.81 -41.02
N THR F 14 -8.69 -22.19 -40.18
CA THR F 14 -9.94 -21.43 -40.10
C THR F 14 -9.71 -20.02 -39.55
N PHE F 15 -8.98 -19.92 -38.43
CA PHE F 15 -8.74 -18.61 -37.83
C PHE F 15 -7.90 -17.70 -38.72
N ASP F 16 -6.92 -18.29 -39.41
CA ASP F 16 -6.14 -17.52 -40.38
C ASP F 16 -7.06 -17.00 -41.49
N ALA F 17 -7.96 -17.86 -41.98
CA ALA F 17 -8.88 -17.46 -43.04
C ALA F 17 -9.81 -16.33 -42.58
N ILE F 18 -10.39 -16.47 -41.41
CA ILE F 18 -11.30 -15.43 -40.90
C ILE F 18 -10.59 -14.10 -40.67
N VAL F 19 -9.49 -14.12 -39.93
CA VAL F 19 -8.81 -12.88 -39.61
C VAL F 19 -8.12 -12.24 -40.81
N SER F 20 -7.62 -13.03 -41.77
CA SER F 20 -7.05 -12.39 -42.95
C SER F 20 -8.15 -11.71 -43.77
N ARG F 21 -9.29 -12.36 -43.88
CA ARG F 21 -10.37 -11.74 -44.64
C ARG F 21 -10.93 -10.52 -43.93
N PHE F 22 -10.99 -10.60 -42.60
CA PHE F 22 -11.43 -9.46 -41.81
C PHE F 22 -10.51 -8.28 -42.08
N TYR F 23 -9.19 -8.52 -41.96
CA TYR F 23 -8.25 -7.42 -42.07
C TYR F 23 -8.13 -6.85 -43.47
N ALA F 24 -8.41 -7.70 -44.45
CA ALA F 24 -8.51 -7.23 -45.83
C ALA F 24 -9.69 -6.26 -45.96
N GLN F 25 -10.81 -6.54 -45.27
CA GLN F 25 -11.96 -5.63 -45.26
C GLN F 25 -11.57 -4.30 -44.59
N VAL F 26 -10.97 -4.40 -43.40
CA VAL F 26 -10.58 -3.21 -42.66
C VAL F 26 -9.83 -2.23 -43.55
N ALA F 27 -8.92 -2.75 -44.35
CA ALA F 27 -8.05 -1.91 -45.16
C ALA F 27 -8.85 -1.03 -46.14
N GLU F 28 -9.99 -1.56 -46.58
CA GLU F 28 -10.87 -0.86 -47.52
C GLU F 28 -11.98 -0.05 -46.84
N ASP F 29 -12.05 -0.14 -45.51
CA ASP F 29 -13.19 0.42 -44.75
C ASP F 29 -12.90 1.85 -44.30
N GLU F 30 -13.71 2.80 -44.73
CA GLU F 30 -13.48 4.22 -44.45
C GLU F 30 -13.36 4.48 -42.96
N VAL F 31 -14.29 3.91 -42.19
CA VAL F 31 -14.33 4.11 -40.75
C VAL F 31 -13.13 3.49 -40.06
N LEU F 32 -12.88 2.22 -40.34
CA LEU F 32 -11.82 1.46 -39.66
C LEU F 32 -10.42 1.86 -40.10
N ARG F 33 -10.26 2.20 -41.37
CA ARG F 33 -8.96 2.64 -41.85
C ARG F 33 -8.50 3.87 -41.05
N ARG F 34 -9.46 4.64 -40.55
CA ARG F 34 -9.17 5.84 -39.76
C ARG F 34 -8.76 5.52 -38.32
N VAL F 35 -9.24 4.41 -37.78
CA VAL F 35 -8.99 4.14 -36.37
C VAL F 35 -7.75 3.26 -36.17
N TYR F 36 -7.55 2.27 -37.05
CA TYR F 36 -6.34 1.44 -36.98
C TYR F 36 -5.14 2.32 -37.31
N PRO F 37 -4.13 2.31 -36.44
CA PRO F 37 -3.02 3.26 -36.52
C PRO F 37 -2.07 3.11 -37.72
N GLU F 38 -1.85 1.88 -38.18
CA GLU F 38 -0.77 1.65 -39.14
C GLU F 38 -1.22 1.65 -40.59
N ASP F 39 -0.29 1.97 -41.49
CA ASP F 39 -0.53 1.74 -42.91
C ASP F 39 -0.41 0.25 -43.12
N ASP F 40 0.55 -0.36 -42.43
CA ASP F 40 0.70 -1.81 -42.45
C ASP F 40 -0.09 -2.45 -41.31
N LEU F 41 -1.13 -3.16 -41.70
CA LEU F 41 -2.05 -3.76 -40.76
C LEU F 41 -1.65 -5.21 -40.45
N ALA F 42 -0.44 -5.58 -40.87
CA ALA F 42 0.02 -6.96 -40.72
C ALA F 42 0.15 -7.35 -39.27
N GLY F 43 0.71 -6.45 -38.47
CA GLY F 43 0.86 -6.74 -37.05
C GLY F 43 -0.49 -6.88 -36.37
N ALA F 44 -1.40 -5.97 -36.69
CA ALA F 44 -2.72 -5.99 -36.05
C ALA F 44 -3.42 -7.32 -36.35
N GLU F 45 -3.29 -7.78 -37.59
CA GLU F 45 -3.92 -9.03 -38.03
C GLU F 45 -3.35 -10.21 -37.26
N GLU F 46 -2.02 -10.24 -37.15
CA GLU F 46 -1.34 -11.28 -36.39
C GLU F 46 -1.81 -11.32 -34.94
N ARG F 47 -1.87 -10.16 -34.28
CA ARG F 47 -2.24 -10.14 -32.86
C ARG F 47 -3.70 -10.54 -32.64
N LEU F 48 -4.58 -10.03 -33.50
CA LEU F 48 -5.98 -10.43 -33.43
C LEU F 48 -6.15 -11.93 -33.68
N ARG F 49 -5.49 -12.46 -34.71
CA ARG F 49 -5.58 -13.91 -34.95
CA ARG F 49 -5.56 -13.89 -34.98
C ARG F 49 -5.09 -14.69 -33.76
N MET F 50 -3.91 -14.36 -33.25
CA MET F 50 -3.40 -15.08 -32.09
C MET F 50 -4.35 -15.04 -30.90
N PHE F 51 -4.94 -13.86 -30.65
CA PHE F 51 -5.87 -13.74 -29.53
C PHE F 51 -7.07 -14.67 -29.67
N LEU F 52 -7.72 -14.62 -30.83
CA LEU F 52 -8.90 -15.44 -31.04
C LEU F 52 -8.54 -16.92 -30.98
N GLU F 53 -7.39 -17.28 -31.53
CA GLU F 53 -6.99 -18.69 -31.46
C GLU F 53 -6.85 -19.16 -30.02
N GLN F 54 -6.19 -18.35 -29.19
CA GLN F 54 -6.04 -18.73 -27.77
C GLN F 54 -7.38 -18.69 -27.04
N TYR F 55 -8.17 -17.66 -27.30
CA TYR F 55 -9.47 -17.52 -26.67
C TYR F 55 -10.30 -18.81 -26.81
N TRP F 56 -10.34 -19.37 -28.03
CA TRP F 56 -11.18 -20.52 -28.33
C TRP F 56 -10.50 -21.88 -28.07
N GLY F 57 -9.36 -21.85 -27.38
CA GLY F 57 -8.74 -23.10 -26.91
C GLY F 57 -7.53 -23.56 -27.68
N GLY F 58 -7.06 -22.74 -28.60
CA GLY F 58 -5.88 -23.07 -29.40
C GLY F 58 -4.57 -22.75 -28.69
N PRO F 59 -3.52 -22.54 -29.48
CA PRO F 59 -2.19 -22.27 -28.92
C PRO F 59 -2.16 -21.03 -28.04
N ARG F 60 -1.30 -21.04 -27.03
CA ARG F 60 -1.27 -19.98 -26.03
C ARG F 60 -0.47 -18.77 -26.52
N THR F 61 -0.17 -18.77 -27.82
CA THR F 61 0.98 -18.04 -28.33
C THR F 61 0.72 -16.53 -28.34
N TYR F 62 -0.53 -16.16 -28.15
CA TYR F 62 -0.89 -14.78 -27.83
C TYR F 62 -0.24 -14.34 -26.52
N SER F 63 -0.70 -14.92 -25.41
CA SER F 63 -0.24 -14.53 -24.08
C SER F 63 1.30 -14.66 -23.93
N GLU F 64 1.92 -15.58 -24.65
CA GLU F 64 3.38 -15.73 -24.60
C GLU F 64 4.09 -14.53 -25.22
N GLN F 65 3.49 -13.96 -26.27
CA GLN F 65 4.08 -12.80 -26.95
C GLN F 65 3.57 -11.45 -26.46
N ARG F 66 2.32 -11.40 -26.00
CA ARG F 66 1.68 -10.12 -25.64
C ARG F 66 1.46 -9.98 -24.14
N GLY F 67 1.56 -11.08 -23.41
CA GLY F 67 1.20 -11.10 -22.00
C GLY F 67 -0.30 -11.22 -21.76
N HIS F 68 -0.70 -10.95 -20.52
CA HIS F 68 -2.07 -11.13 -20.08
C HIS F 68 -2.95 -10.22 -20.91
N PRO F 69 -4.12 -10.73 -21.35
CA PRO F 69 -4.99 -9.86 -22.12
C PRO F 69 -5.50 -8.73 -21.22
N ARG F 70 -5.44 -7.53 -21.77
CA ARG F 70 -5.98 -6.35 -21.11
C ARG F 70 -6.63 -5.54 -22.22
N LEU F 71 -7.68 -6.12 -22.81
CA LEU F 71 -8.20 -5.62 -24.07
C LEU F 71 -8.76 -4.21 -23.91
N ARG F 72 -9.44 -3.93 -22.80
CA ARG F 72 -9.95 -2.58 -22.64
C ARG F 72 -8.80 -1.56 -22.67
N MET F 73 -7.72 -1.85 -21.96
CA MET F 73 -6.60 -0.91 -21.94
C MET F 73 -5.89 -0.85 -23.29
N ARG F 74 -5.90 -1.96 -24.02
CA ARG F 74 -5.23 -1.97 -25.32
C ARG F 74 -6.03 -1.20 -26.37
N HIS F 75 -7.35 -1.14 -26.20
CA HIS F 75 -8.17 -0.36 -27.11
C HIS F 75 -8.32 1.10 -26.66
N ALA F 76 -7.88 1.43 -25.45
CA ALA F 76 -8.06 2.78 -24.90
C ALA F 76 -7.48 3.95 -25.71
N PRO F 77 -6.33 3.73 -26.40
CA PRO F 77 -5.76 4.80 -27.20
C PRO F 77 -6.64 5.23 -28.37
N PHE F 78 -7.62 4.42 -28.70
CA PHE F 78 -8.42 4.61 -29.90
C PHE F 78 -9.84 5.02 -29.54
N ARG F 79 -10.44 5.92 -30.30
CA ARG F 79 -11.83 6.25 -30.11
C ARG F 79 -12.77 5.30 -30.83
N ILE F 80 -13.30 4.36 -30.08
CA ILE F 80 -14.20 3.36 -30.63
C ILE F 80 -15.62 3.75 -30.20
N SER F 81 -16.36 4.42 -31.09
CA SER F 81 -17.75 4.76 -30.82
C SER F 81 -18.62 3.66 -31.42
N LEU F 82 -19.94 3.85 -31.36
CA LEU F 82 -20.87 2.91 -31.97
C LEU F 82 -20.54 2.72 -33.45
N ILE F 83 -20.08 3.79 -34.09
CA ILE F 83 -19.75 3.77 -35.52
C ILE F 83 -18.63 2.76 -35.84
N GLU F 84 -17.54 2.84 -35.09
CA GLU F 84 -16.43 1.92 -35.26
C GLU F 84 -16.84 0.50 -34.86
N ARG F 85 -17.61 0.36 -33.77
CA ARG F 85 -18.12 -0.96 -33.39
C ARG F 85 -18.89 -1.59 -34.57
N ASP F 86 -19.83 -0.83 -35.14
CA ASP F 86 -20.61 -1.36 -36.25
C ASP F 86 -19.77 -1.72 -37.48
N ALA F 87 -18.80 -0.87 -37.82
CA ALA F 87 -17.92 -1.16 -38.95
C ALA F 87 -17.10 -2.41 -38.70
N PHE F 88 -16.57 -2.55 -37.48
CA PHE F 88 -15.83 -3.75 -37.09
C PHE F 88 -16.71 -5.01 -37.28
N LEU F 89 -17.93 -4.93 -36.76
CA LEU F 89 -18.84 -6.07 -36.80
C LEU F 89 -19.26 -6.43 -38.24
N ARG F 90 -19.47 -5.42 -39.09
CA ARG F 90 -19.75 -5.70 -40.51
C ARG F 90 -18.62 -6.46 -41.16
N CYS F 91 -17.39 -6.01 -40.93
CA CYS F 91 -16.22 -6.63 -41.57
C CYS F 91 -16.01 -8.04 -41.04
N MET F 92 -16.26 -8.22 -39.74
CA MET F 92 -16.18 -9.53 -39.11
C MET F 92 -17.26 -10.48 -39.62
N HIS F 93 -18.51 -10.03 -39.74
CA HIS F 93 -19.56 -10.88 -40.29
C HIS F 93 -19.24 -11.34 -41.72
N THR F 94 -18.75 -10.42 -42.54
CA THR F 94 -18.31 -10.72 -43.89
C THR F 94 -17.24 -11.81 -43.85
N ALA F 95 -16.24 -11.63 -42.98
CA ALA F 95 -15.16 -12.58 -42.88
C ALA F 95 -15.66 -13.98 -42.50
N VAL F 96 -16.54 -14.03 -41.48
CA VAL F 96 -17.10 -15.29 -41.03
C VAL F 96 -17.97 -15.94 -42.13
N ALA F 97 -18.67 -15.09 -42.88
CA ALA F 97 -19.53 -15.55 -43.98
C ALA F 97 -18.71 -16.22 -45.12
N SER F 98 -17.41 -15.97 -45.15
CA SER F 98 -16.54 -16.59 -46.17
C SER F 98 -16.18 -18.06 -45.83
N ILE F 99 -16.50 -18.47 -44.62
CA ILE F 99 -16.19 -19.83 -44.18
C ILE F 99 -17.39 -20.75 -44.42
N ASP F 100 -17.13 -21.88 -45.07
CA ASP F 100 -18.24 -22.81 -45.41
C ASP F 100 -18.80 -23.56 -44.20
N SER F 101 -19.99 -24.12 -44.37
CA SER F 101 -20.74 -24.68 -43.24
C SER F 101 -20.21 -26.03 -42.80
N GLU F 102 -19.47 -26.70 -43.68
CA GLU F 102 -18.82 -27.95 -43.34
C GLU F 102 -17.64 -27.71 -42.39
N THR F 103 -16.96 -26.58 -42.58
CA THR F 103 -15.88 -26.14 -41.69
C THR F 103 -16.44 -25.56 -40.38
N LEU F 104 -17.37 -24.62 -40.51
CA LEU F 104 -17.95 -23.95 -39.36
C LEU F 104 -19.45 -24.16 -39.38
N ASP F 105 -19.92 -25.12 -38.59
CA ASP F 105 -21.34 -25.48 -38.62
C ASP F 105 -22.20 -24.41 -37.94
N ASP F 106 -23.51 -24.55 -38.07
CA ASP F 106 -24.43 -23.53 -37.61
C ASP F 106 -24.26 -23.18 -36.13
N GLU F 107 -24.10 -24.19 -35.28
CA GLU F 107 -23.97 -23.97 -33.83
C GLU F 107 -22.68 -23.23 -33.51
N HIS F 108 -21.58 -23.66 -34.11
CA HIS F 108 -20.30 -23.03 -33.86
C HIS F 108 -20.26 -21.62 -34.45
N ARG F 109 -20.88 -21.44 -35.61
CA ARG F 109 -20.95 -20.12 -36.26
C ARG F 109 -21.72 -19.14 -35.38
N ARG F 110 -22.86 -19.58 -34.83
CA ARG F 110 -23.66 -18.78 -33.92
C ARG F 110 -22.87 -18.41 -32.67
N GLU F 111 -22.18 -19.39 -32.11
CA GLU F 111 -21.43 -19.15 -30.89
C GLU F 111 -20.31 -18.11 -31.12
N LEU F 112 -19.58 -18.26 -32.22
CA LEU F 112 -18.49 -17.35 -32.55
C LEU F 112 -19.00 -15.91 -32.79
N LEU F 113 -20.05 -15.80 -33.59
CA LEU F 113 -20.67 -14.50 -33.89
C LEU F 113 -21.30 -13.84 -32.65
N ASP F 114 -21.91 -14.63 -31.77
CA ASP F 114 -22.49 -14.10 -30.53
C ASP F 114 -21.36 -13.54 -29.67
N TYR F 115 -20.24 -14.25 -29.62
CA TYR F 115 -19.09 -13.79 -28.87
C TYR F 115 -18.55 -12.44 -29.41
N LEU F 116 -18.26 -12.39 -30.70
CA LEU F 116 -17.71 -11.19 -31.32
C LEU F 116 -18.63 -9.99 -31.10
N GLU F 117 -19.94 -10.20 -31.23
N GLU F 117 -19.94 -10.17 -31.21
CA GLU F 117 -20.94 -9.14 -31.02
CA GLU F 117 -20.87 -9.05 -31.05
C GLU F 117 -20.79 -8.57 -29.62
C GLU F 117 -20.91 -8.53 -29.61
N MET F 118 -20.95 -9.44 -28.67
CA MET F 118 -20.90 -8.99 -27.31
C MET F 118 -19.53 -8.40 -26.89
N ALA F 119 -18.44 -8.96 -27.37
CA ALA F 119 -17.13 -8.35 -27.11
C ALA F 119 -16.94 -6.96 -27.73
N ALA F 120 -17.40 -6.78 -28.97
CA ALA F 120 -17.31 -5.49 -29.64
C ALA F 120 -18.12 -4.40 -28.90
N HIS F 121 -19.34 -4.73 -28.50
CA HIS F 121 -20.15 -3.80 -27.70
C HIS F 121 -19.43 -3.42 -26.41
N SER F 122 -18.82 -4.43 -25.79
CA SER F 122 -18.07 -4.24 -24.54
C SER F 122 -16.80 -3.40 -24.68
N LEU F 123 -16.32 -3.20 -25.90
CA LEU F 123 -15.10 -2.41 -26.12
C LEU F 123 -15.38 -0.98 -26.57
N VAL F 124 -16.66 -0.63 -26.76
CA VAL F 124 -17.01 0.75 -27.09
C VAL F 124 -16.53 1.66 -25.96
N ASN F 125 -15.78 2.72 -26.30
CA ASN F 125 -15.11 3.53 -25.27
C ASN F 125 -15.15 5.01 -25.55
N SER F 126 -16.05 5.42 -26.45
CA SER F 126 -16.06 6.82 -26.85
C SER F 126 -17.47 7.18 -27.36
N PRO F 127 -17.95 8.39 -26.99
CA PRO F 127 -19.26 8.84 -27.45
C PRO F 127 -19.17 9.32 -28.90
N PHE F 128 -17.96 9.49 -29.43
CA PHE F 128 -17.82 9.93 -30.83
C PHE F 128 -16.52 9.44 -31.47
N PRO G 2 -47.79 -4.11 4.82
CA PRO G 2 -46.82 -3.85 5.88
C PRO G 2 -46.17 -2.47 5.73
N LYS G 3 -45.70 -1.91 6.82
CA LYS G 3 -44.88 -0.71 6.73
C LYS G 3 -43.53 -0.99 7.37
N SER G 4 -42.47 -0.85 6.59
CA SER G 4 -41.13 -1.15 7.13
C SER G 4 -40.65 -0.04 8.06
N PHE G 5 -39.84 -0.43 9.03
CA PHE G 5 -39.14 0.54 9.87
C PHE G 5 -38.38 1.49 8.93
N TYR G 6 -37.73 0.92 7.93
CA TYR G 6 -36.96 1.68 6.93
C TYR G 6 -37.77 2.84 6.34
N ASP G 7 -38.94 2.52 5.79
CA ASP G 7 -39.80 3.57 5.23
C ASP G 7 -40.29 4.56 6.29
N ALA G 8 -40.61 4.04 7.47
CA ALA G 8 -41.16 4.86 8.54
C ALA G 8 -40.19 5.97 8.96
N VAL G 9 -38.89 5.69 8.89
CA VAL G 9 -37.90 6.66 9.36
C VAL G 9 -37.29 7.50 8.23
N GLY G 10 -37.86 7.41 7.04
CA GLY G 10 -37.39 8.23 5.90
C GLY G 10 -36.46 7.52 4.93
N GLY G 11 -36.29 6.22 5.11
CA GLY G 11 -35.58 5.36 4.12
C GLY G 11 -34.13 5.73 3.81
N ALA G 12 -33.76 5.63 2.53
CA ALA G 12 -32.36 5.84 2.12
C ALA G 12 -31.72 7.15 2.61
N LYS G 13 -32.46 8.25 2.50
CA LYS G 13 -31.91 9.54 2.88
C LYS G 13 -31.54 9.57 4.35
N THR G 14 -32.35 8.96 5.19
CA THR G 14 -32.09 8.93 6.61
C THR G 14 -30.88 8.08 6.97
N PHE G 15 -30.81 6.87 6.41
CA PHE G 15 -29.67 6.00 6.67
C PHE G 15 -28.37 6.55 6.12
N ASP G 16 -28.46 7.24 4.98
CA ASP G 16 -27.29 7.95 4.47
C ASP G 16 -26.81 9.03 5.43
N ALA G 17 -27.73 9.86 5.95
CA ALA G 17 -27.38 10.90 6.90
C ALA G 17 -26.73 10.33 8.16
N ILE G 18 -27.35 9.32 8.75
CA ILE G 18 -26.84 8.73 9.97
C ILE G 18 -25.41 8.20 9.77
N VAL G 19 -25.21 7.38 8.74
CA VAL G 19 -23.94 6.70 8.55
C VAL G 19 -22.86 7.71 8.15
N SER G 20 -23.24 8.67 7.31
N SER G 20 -23.22 8.65 7.29
CA SER G 20 -22.32 9.73 6.88
CA SER G 20 -22.26 9.70 6.91
C SER G 20 -21.86 10.58 8.07
C SER G 20 -21.83 10.48 8.15
N ARG G 21 -22.80 10.91 8.95
CA ARG G 21 -22.49 11.68 10.14
C ARG G 21 -21.70 10.86 11.17
N PHE G 22 -21.99 9.55 11.21
CA PHE G 22 -21.26 8.63 12.10
C PHE G 22 -19.79 8.59 11.69
N TYR G 23 -19.55 8.38 10.40
CA TYR G 23 -18.19 8.29 9.93
C TYR G 23 -17.42 9.60 10.13
N ALA G 24 -18.11 10.73 10.06
CA ALA G 24 -17.49 12.03 10.34
C ALA G 24 -17.12 12.13 11.83
N GLN G 25 -17.95 11.58 12.72
CA GLN G 25 -17.61 11.54 14.15
C GLN G 25 -16.40 10.66 14.41
N VAL G 26 -16.38 9.51 13.72
CA VAL G 26 -15.29 8.54 13.83
C VAL G 26 -13.94 9.22 13.54
N ALA G 27 -13.92 10.08 12.53
CA ALA G 27 -12.71 10.80 12.12
C ALA G 27 -12.16 11.69 13.23
N GLU G 28 -13.03 12.23 14.06
CA GLU G 28 -12.61 13.11 15.13
C GLU G 28 -12.47 12.34 16.45
N ASP G 29 -12.71 11.03 16.40
CA ASP G 29 -12.69 10.22 17.63
C ASP G 29 -11.29 9.65 17.92
N GLU G 30 -10.72 10.01 19.07
CA GLU G 30 -9.35 9.55 19.45
C GLU G 30 -9.20 8.04 19.49
N VAL G 31 -10.26 7.34 19.87
CA VAL G 31 -10.23 5.88 19.88
C VAL G 31 -10.45 5.31 18.49
N LEU G 32 -11.53 5.75 17.86
CA LEU G 32 -11.93 5.09 16.62
C LEU G 32 -11.13 5.47 15.38
N ARG G 33 -10.59 6.68 15.30
CA ARG G 33 -9.85 7.04 14.09
C ARG G 33 -8.66 6.09 13.94
N ARG G 34 -8.36 5.39 15.01
CA ARG G 34 -7.21 4.48 15.08
C ARG G 34 -7.59 3.04 14.75
N VAL G 35 -8.90 2.78 14.58
CA VAL G 35 -9.39 1.41 14.36
C VAL G 35 -9.88 1.21 12.91
N TYR G 36 -10.66 2.16 12.41
CA TYR G 36 -11.17 2.10 11.04
C TYR G 36 -10.05 2.35 10.03
N PRO G 37 -10.19 1.76 8.82
CA PRO G 37 -9.14 1.67 7.82
C PRO G 37 -8.98 3.04 7.23
N GLU G 38 -7.86 3.69 7.47
CA GLU G 38 -7.71 5.08 7.03
C GLU G 38 -7.79 5.20 5.50
N ASP G 39 -7.43 4.13 4.81
CA ASP G 39 -7.38 4.17 3.34
C ASP G 39 -8.62 3.57 2.68
N ASP G 40 -9.65 3.29 3.47
CA ASP G 40 -10.81 2.57 2.95
C ASP G 40 -12.14 3.07 3.55
N LEU G 41 -12.18 4.35 3.96
CA LEU G 41 -13.32 4.88 4.74
C LEU G 41 -14.60 5.00 3.92
N ALA G 42 -14.44 5.21 2.61
CA ALA G 42 -15.60 5.40 1.76
C ALA G 42 -16.34 4.08 1.57
N GLY G 43 -15.58 3.01 1.32
CA GLY G 43 -16.13 1.69 1.12
C GLY G 43 -16.72 1.15 2.41
N ALA G 44 -16.05 1.46 3.51
CA ALA G 44 -16.54 1.11 4.85
C ALA G 44 -17.90 1.75 5.11
N GLU G 45 -18.00 3.04 4.82
CA GLU G 45 -19.25 3.75 5.03
C GLU G 45 -20.38 3.16 4.20
N GLU G 46 -20.09 2.84 2.95
CA GLU G 46 -21.06 2.20 2.08
C GLU G 46 -21.49 0.81 2.52
N ARG G 47 -20.56 -0.03 3.00
CA ARG G 47 -20.95 -1.33 3.52
C ARG G 47 -21.86 -1.19 4.74
N LEU G 48 -21.55 -0.26 5.64
CA LEU G 48 -22.39 -0.10 6.84
C LEU G 48 -23.78 0.42 6.45
N ARG G 49 -23.81 1.39 5.56
CA ARG G 49 -25.08 1.89 5.04
C ARG G 49 -25.94 0.76 4.44
N MET G 50 -25.36 -0.02 3.54
N MET G 50 -25.36 -0.03 3.56
CA MET G 50 -26.07 -1.17 2.96
CA MET G 50 -26.07 -1.15 2.96
C MET G 50 -26.60 -2.10 4.06
C MET G 50 -26.57 -2.15 4.00
N PHE G 51 -25.74 -2.45 5.02
CA PHE G 51 -26.17 -3.36 6.07
C PHE G 51 -27.39 -2.83 6.84
N LEU G 52 -27.30 -1.56 7.27
CA LEU G 52 -28.37 -1.00 8.08
C LEU G 52 -29.63 -0.84 7.26
N GLU G 53 -29.52 -0.45 6.00
CA GLU G 53 -30.73 -0.36 5.18
C GLU G 53 -31.45 -1.70 5.11
N GLN G 54 -30.67 -2.76 4.92
CA GLN G 54 -31.24 -4.10 4.83
C GLN G 54 -31.82 -4.56 6.16
N TYR G 55 -31.06 -4.36 7.22
CA TYR G 55 -31.50 -4.80 8.56
C TYR G 55 -32.91 -4.26 8.91
N TRP G 56 -33.13 -2.99 8.61
CA TRP G 56 -34.36 -2.33 8.98
C TRP G 56 -35.44 -2.43 7.92
N GLY G 57 -35.22 -3.28 6.90
CA GLY G 57 -36.29 -3.67 6.01
C GLY G 57 -36.29 -2.92 4.68
N GLY G 58 -35.18 -2.25 4.38
CA GLY G 58 -35.00 -1.64 3.05
C GLY G 58 -34.43 -2.64 2.05
N PRO G 59 -33.65 -2.17 1.07
CA PRO G 59 -33.07 -3.00 0.01
C PRO G 59 -32.22 -4.12 0.59
N ARG G 60 -32.24 -5.27 -0.05
CA ARG G 60 -31.48 -6.43 0.39
C ARG G 60 -30.18 -6.57 -0.40
N THR G 61 -29.66 -5.43 -0.84
CA THR G 61 -28.41 -5.41 -1.61
C THR G 61 -27.24 -5.95 -0.77
N TYR G 62 -27.23 -5.64 0.53
CA TYR G 62 -26.14 -6.10 1.41
C TYR G 62 -25.91 -7.61 1.25
N SER G 63 -26.99 -8.39 1.40
CA SER G 63 -26.90 -9.86 1.35
C SER G 63 -26.42 -10.36 -0.03
N GLU G 64 -26.82 -9.66 -1.09
CA GLU G 64 -26.35 -10.04 -2.43
C GLU G 64 -24.86 -9.80 -2.61
N GLN G 65 -24.39 -8.66 -2.10
CA GLN G 65 -23.00 -8.27 -2.28
C GLN G 65 -22.05 -8.96 -1.29
N ARG G 66 -22.53 -9.22 -0.07
CA ARG G 66 -21.66 -9.61 1.04
C ARG G 66 -22.01 -10.96 1.68
N GLY G 67 -23.13 -11.56 1.29
CA GLY G 67 -23.62 -12.78 1.94
C GLY G 67 -24.25 -12.52 3.31
N HIS G 68 -24.34 -13.55 4.14
CA HIS G 68 -24.78 -13.33 5.54
C HIS G 68 -23.83 -12.36 6.21
N PRO G 69 -24.37 -11.51 7.08
CA PRO G 69 -23.53 -10.47 7.70
C PRO G 69 -22.29 -11.05 8.39
N ARG G 70 -22.43 -12.16 9.12
CA ARG G 70 -21.29 -12.73 9.85
C ARG G 70 -20.49 -11.61 10.55
N LEU G 71 -21.17 -10.80 11.35
CA LEU G 71 -20.51 -9.61 11.90
C LEU G 71 -19.38 -9.96 12.87
N ARG G 72 -19.54 -11.03 13.65
CA ARG G 72 -18.44 -11.46 14.52
C ARG G 72 -17.16 -11.67 13.72
N MET G 73 -17.25 -12.42 12.64
CA MET G 73 -16.06 -12.72 11.86
C MET G 73 -15.55 -11.49 11.12
N ARG G 74 -16.45 -10.63 10.66
CA ARG G 74 -16.05 -9.38 10.02
C ARG G 74 -15.36 -8.41 10.98
N HIS G 75 -15.70 -8.51 12.27
CA HIS G 75 -15.04 -7.65 13.26
C HIS G 75 -13.84 -8.34 13.93
N ALA G 76 -13.60 -9.60 13.59
CA ALA G 76 -12.49 -10.35 14.17
C ALA G 76 -11.11 -9.70 13.99
N PRO G 77 -10.87 -9.06 12.85
CA PRO G 77 -9.58 -8.42 12.69
C PRO G 77 -9.30 -7.28 13.68
N PHE G 78 -10.31 -6.81 14.40
CA PHE G 78 -10.12 -5.66 15.26
C PHE G 78 -10.28 -6.05 16.72
N ARG G 79 -9.49 -5.42 17.60
CA ARG G 79 -9.64 -5.63 19.03
C ARG G 79 -10.67 -4.63 19.58
N ILE G 80 -11.88 -5.14 19.78
CA ILE G 80 -12.97 -4.31 20.24
C ILE G 80 -13.23 -4.64 21.71
N SER G 81 -12.88 -3.70 22.59
CA SER G 81 -13.09 -3.84 24.02
C SER G 81 -14.19 -2.86 24.35
N LEU G 82 -14.56 -2.73 25.63
CA LEU G 82 -15.56 -1.77 26.04
C LEU G 82 -15.22 -0.34 25.62
N ILE G 83 -13.92 -0.02 25.57
CA ILE G 83 -13.46 1.30 25.12
C ILE G 83 -13.98 1.63 23.71
N GLU G 84 -13.75 0.71 22.78
CA GLU G 84 -14.20 0.86 21.39
C GLU G 84 -15.71 0.76 21.27
N ARG G 85 -16.33 -0.14 22.03
CA ARG G 85 -17.79 -0.22 22.07
C ARG G 85 -18.41 1.11 22.50
N ASP G 86 -17.87 1.70 23.56
CA ASP G 86 -18.42 2.94 24.07
C ASP G 86 -18.20 4.11 23.09
N ALA G 87 -17.01 4.16 22.48
CA ALA G 87 -16.70 5.16 21.47
C ALA G 87 -17.62 5.04 20.24
N PHE G 88 -17.84 3.82 19.77
CA PHE G 88 -18.76 3.55 18.66
C PHE G 88 -20.15 4.08 18.98
N LEU G 89 -20.65 3.75 20.15
CA LEU G 89 -21.97 4.20 20.58
C LEU G 89 -22.06 5.72 20.74
N ARG G 90 -21.00 6.36 21.25
CA ARG G 90 -21.00 7.81 21.38
C ARG G 90 -21.13 8.47 20.02
N CYS G 91 -20.32 8.01 19.07
CA CYS G 91 -20.40 8.50 17.69
C CYS G 91 -21.77 8.29 17.05
N MET G 92 -22.33 7.08 17.20
CA MET G 92 -23.68 6.77 16.72
C MET G 92 -24.73 7.65 17.34
N HIS G 93 -24.62 7.86 18.66
CA HIS G 93 -25.59 8.68 19.37
C HIS G 93 -25.59 10.12 18.84
N THR G 94 -24.40 10.63 18.57
CA THR G 94 -24.26 11.95 17.95
C THR G 94 -24.92 11.98 16.56
N ALA G 95 -24.62 10.96 15.75
CA ALA G 95 -25.18 10.89 14.39
C ALA G 95 -26.71 10.80 14.43
N VAL G 96 -27.23 9.93 15.30
CA VAL G 96 -28.68 9.75 15.43
C VAL G 96 -29.39 11.00 16.00
N ALA G 97 -28.75 11.67 16.95
CA ALA G 97 -29.33 12.88 17.54
C ALA G 97 -29.39 14.00 16.51
N SER G 98 -28.68 13.85 15.41
CA SER G 98 -28.67 14.87 14.35
C SER G 98 -29.88 14.75 13.41
N ILE G 99 -30.61 13.64 13.49
CA ILE G 99 -31.81 13.47 12.67
C ILE G 99 -32.98 14.08 13.41
N ASP G 100 -33.81 14.86 12.71
CA ASP G 100 -34.88 15.56 13.40
C ASP G 100 -36.01 14.61 13.77
N SER G 101 -36.84 15.02 14.72
CA SER G 101 -37.84 14.13 15.30
C SER G 101 -39.07 13.93 14.41
N GLU G 102 -39.21 14.75 13.37
CA GLU G 102 -40.30 14.53 12.43
C GLU G 102 -39.94 13.40 11.49
N THR G 103 -38.65 13.28 11.20
CA THR G 103 -38.16 12.19 10.35
C THR G 103 -38.11 10.89 11.18
N LEU G 104 -37.51 11.00 12.37
CA LEU G 104 -37.22 9.85 13.20
C LEU G 104 -37.93 10.14 14.52
N ASP G 105 -39.13 9.59 14.69
CA ASP G 105 -39.91 9.91 15.88
C ASP G 105 -39.35 9.20 17.11
N ASP G 106 -39.83 9.58 18.28
CA ASP G 106 -39.23 9.12 19.52
C ASP G 106 -39.19 7.60 19.62
N GLU G 107 -40.27 6.93 19.23
CA GLU G 107 -40.27 5.48 19.40
C GLU G 107 -39.35 4.75 18.41
N HIS G 108 -39.25 5.26 17.18
CA HIS G 108 -38.34 4.65 16.20
C HIS G 108 -36.90 4.97 16.58
N ARG G 109 -36.68 6.18 17.09
CA ARG G 109 -35.35 6.60 17.59
C ARG G 109 -34.90 5.66 18.72
N ARG G 110 -35.78 5.40 19.68
CA ARG G 110 -35.47 4.50 20.77
C ARG G 110 -35.19 3.07 20.30
N GLU G 111 -36.01 2.57 19.38
CA GLU G 111 -35.79 1.22 18.86
C GLU G 111 -34.44 1.10 18.17
N LEU G 112 -34.09 2.11 17.36
CA LEU G 112 -32.81 2.11 16.64
C LEU G 112 -31.62 2.12 17.62
N LEU G 113 -31.68 3.01 18.61
CA LEU G 113 -30.61 3.11 19.60
C LEU G 113 -30.49 1.86 20.45
N ASP G 114 -31.62 1.26 20.81
CA ASP G 114 -31.62 0.00 21.60
C ASP G 114 -30.95 -1.11 20.79
N TYR G 115 -31.27 -1.17 19.50
CA TYR G 115 -30.62 -2.13 18.66
C TYR G 115 -29.09 -1.89 18.59
N LEU G 116 -28.66 -0.66 18.35
CA LEU G 116 -27.23 -0.36 18.20
C LEU G 116 -26.48 -0.68 19.51
N GLU G 117 -27.10 -0.38 20.65
CA GLU G 117 -26.50 -0.65 21.95
C GLU G 117 -26.28 -2.17 22.11
N MET G 118 -27.33 -2.95 21.83
CA MET G 118 -27.26 -4.42 21.90
C MET G 118 -26.20 -5.02 20.96
N ALA G 119 -26.27 -4.61 19.70
CA ALA G 119 -25.35 -5.11 18.69
C ALA G 119 -23.89 -4.72 18.97
N ALA G 120 -23.65 -3.50 19.47
CA ALA G 120 -22.29 -3.06 19.73
C ALA G 120 -21.73 -3.93 20.83
N HIS G 121 -22.54 -4.15 21.88
CA HIS G 121 -22.08 -5.02 22.97
C HIS G 121 -21.77 -6.45 22.49
N SER G 122 -22.60 -6.96 21.58
CA SER G 122 -22.41 -8.31 21.05
C SER G 122 -21.11 -8.45 20.24
N LEU G 123 -20.53 -7.33 19.80
CA LEU G 123 -19.32 -7.37 18.99
C LEU G 123 -18.03 -7.16 19.78
N VAL G 124 -18.16 -6.92 21.08
CA VAL G 124 -16.96 -6.84 21.94
C VAL G 124 -16.22 -8.19 21.88
N ASN G 125 -14.94 -8.16 21.59
CA ASN G 125 -14.20 -9.42 21.42
C ASN G 125 -12.83 -9.43 22.11
N SER G 126 -12.55 -8.38 22.88
N SER G 126 -12.53 -8.37 22.85
CA SER G 126 -11.22 -8.19 23.50
CA SER G 126 -11.20 -8.18 23.48
C SER G 126 -11.30 -7.48 24.85
C SER G 126 -11.31 -7.51 24.86
N PRO G 127 -10.35 -7.79 25.76
CA PRO G 127 -10.35 -7.16 27.09
C PRO G 127 -9.81 -5.72 27.08
N PHE G 128 -9.11 -5.32 26.02
CA PHE G 128 -8.61 -3.95 25.95
C PHE G 128 -8.28 -3.61 24.52
N PRO H 2 10.96 22.94 41.90
CA PRO H 2 10.67 21.52 41.77
C PRO H 2 9.46 21.13 40.92
N LYS H 3 8.49 22.02 40.72
CA LYS H 3 7.47 21.71 39.71
C LYS H 3 8.15 21.59 38.33
N SER H 4 7.82 20.54 37.57
CA SER H 4 8.40 20.38 36.22
C SER H 4 7.79 21.40 35.24
N PHE H 5 8.53 21.69 34.18
CA PHE H 5 8.03 22.57 33.11
C PHE H 5 6.70 22.03 32.64
N TYR H 6 6.69 20.72 32.38
CA TYR H 6 5.48 20.03 31.93
C TYR H 6 4.25 20.32 32.81
N ASP H 7 4.37 20.10 34.13
CA ASP H 7 3.26 20.45 35.03
C ASP H 7 2.99 21.95 35.09
N ALA H 8 4.06 22.76 35.14
CA ALA H 8 3.89 24.22 35.17
C ALA H 8 3.03 24.73 34.03
N VAL H 9 3.16 24.14 32.83
CA VAL H 9 2.41 24.63 31.68
C VAL H 9 1.08 23.93 31.42
N GLY H 10 0.67 23.08 32.37
CA GLY H 10 -0.62 22.42 32.25
C GLY H 10 -0.55 20.98 31.74
N GLY H 11 0.66 20.46 31.60
CA GLY H 11 0.86 19.03 31.33
C GLY H 11 0.21 18.50 30.06
N ALA H 12 -0.39 17.31 30.16
CA ALA H 12 -0.85 16.57 28.98
C ALA H 12 -1.81 17.37 28.12
N LYS H 13 -2.78 18.02 28.74
CA LYS H 13 -3.77 18.76 27.99
C LYS H 13 -3.14 19.88 27.15
N THR H 14 -2.10 20.53 27.68
CA THR H 14 -1.42 21.61 26.96
C THR H 14 -0.68 21.06 25.75
N PHE H 15 0.09 19.99 25.97
CA PHE H 15 0.84 19.39 24.86
C PHE H 15 -0.05 18.78 23.80
N ASP H 16 -1.18 18.23 24.21
CA ASP H 16 -2.13 17.70 23.24
C ASP H 16 -2.68 18.80 22.36
N ALA H 17 -3.04 19.92 23.00
CA ALA H 17 -3.57 21.07 22.29
C ALA H 17 -2.52 21.62 21.32
N ILE H 18 -1.30 21.72 21.79
CA ILE H 18 -0.26 22.30 20.95
C ILE H 18 0.03 21.40 19.73
N VAL H 19 0.22 20.11 19.97
CA VAL H 19 0.59 19.22 18.89
C VAL H 19 -0.58 18.98 17.92
N SER H 20 -1.78 18.89 18.47
CA SER H 20 -2.99 18.74 17.67
C SER H 20 -3.18 19.94 16.73
N ARG H 21 -3.05 21.14 17.27
CA ARG H 21 -3.19 22.33 16.46
C ARG H 21 -2.05 22.43 15.44
N PHE H 22 -0.85 22.02 15.83
CA PHE H 22 0.28 22.02 14.91
C PHE H 22 -0.04 21.15 13.68
N TYR H 23 -0.49 19.92 13.92
CA TYR H 23 -0.85 19.03 12.82
C TYR H 23 -1.99 19.56 11.93
N ALA H 24 -2.95 20.24 12.53
CA ALA H 24 -3.99 20.93 11.76
C ALA H 24 -3.43 22.04 10.86
N GLN H 25 -2.41 22.77 11.33
CA GLN H 25 -1.74 23.77 10.50
C GLN H 25 -0.94 23.10 9.38
N VAL H 26 -0.25 22.02 9.73
CA VAL H 26 0.49 21.23 8.75
C VAL H 26 -0.36 20.83 7.54
N ALA H 27 -1.59 20.37 7.80
CA ALA H 27 -2.49 19.96 6.74
C ALA H 27 -2.87 21.11 5.80
N GLU H 28 -2.81 22.35 6.29
CA GLU H 28 -3.13 23.54 5.46
C GLU H 28 -1.87 24.20 4.89
N ASP H 29 -0.71 23.67 5.24
CA ASP H 29 0.56 24.24 4.81
C ASP H 29 1.02 23.67 3.46
N GLU H 30 1.16 24.52 2.45
CA GLU H 30 1.57 24.09 1.11
C GLU H 30 2.90 23.33 1.14
N VAL H 31 3.79 23.75 2.04
CA VAL H 31 5.10 23.11 2.14
C VAL H 31 5.00 21.75 2.86
N LEU H 32 4.43 21.75 4.07
CA LEU H 32 4.55 20.59 4.95
C LEU H 32 3.56 19.46 4.68
N ARG H 33 2.43 19.78 4.07
CA ARG H 33 1.45 18.73 3.80
C ARG H 33 1.98 17.70 2.80
N ARG H 34 3.04 18.06 2.10
CA ARG H 34 3.66 17.19 1.11
C ARG H 34 4.81 16.42 1.74
N VAL H 35 5.07 16.71 3.01
CA VAL H 35 6.22 16.12 3.69
C VAL H 35 5.79 15.07 4.71
N TYR H 36 4.82 15.40 5.57
CA TYR H 36 4.33 14.44 6.54
C TYR H 36 3.57 13.31 5.84
N PRO H 37 3.51 12.12 6.47
CA PRO H 37 2.97 10.94 5.79
C PRO H 37 1.45 11.01 5.72
N GLU H 38 0.90 11.11 4.52
CA GLU H 38 -0.54 11.27 4.38
C GLU H 38 -1.31 10.10 5.01
N ASP H 39 -0.69 8.92 5.05
CA ASP H 39 -1.39 7.73 5.54
C ASP H 39 -1.05 7.37 7.00
N ASP H 40 -0.31 8.25 7.67
CA ASP H 40 0.19 7.93 9.00
C ASP H 40 0.17 9.16 9.94
N LEU H 41 -0.81 10.05 9.74
CA LEU H 41 -0.82 11.34 10.43
C LEU H 41 -1.17 11.20 11.91
N ALA H 42 -2.00 10.21 12.24
CA ALA H 42 -2.40 9.96 13.64
C ALA H 42 -1.21 9.51 14.47
N GLY H 43 -0.52 8.49 13.96
CA GLY H 43 0.64 7.94 14.64
C GLY H 43 1.75 8.98 14.72
N ALA H 44 1.92 9.74 13.65
CA ALA H 44 2.95 10.77 13.61
C ALA H 44 2.65 11.84 14.67
N GLU H 45 1.39 12.26 14.74
CA GLU H 45 1.01 13.24 15.75
C GLU H 45 1.29 12.72 17.14
N GLU H 46 0.98 11.45 17.35
CA GLU H 46 1.18 10.82 18.65
C GLU H 46 2.65 10.75 19.06
N ARG H 47 3.51 10.43 18.10
CA ARG H 47 4.94 10.36 18.42
C ARG H 47 5.48 11.72 18.81
N LEU H 48 5.06 12.77 18.10
CA LEU H 48 5.56 14.12 18.43
C LEU H 48 5.07 14.55 19.81
N ARG H 49 3.82 14.25 20.11
CA ARG H 49 3.26 14.56 21.43
C ARG H 49 4.05 13.84 22.54
N MET H 50 4.23 12.53 22.40
N MET H 50 4.22 12.54 22.38
CA MET H 50 5.05 11.78 23.35
CA MET H 50 5.03 11.75 23.31
C MET H 50 6.43 12.39 23.53
C MET H 50 6.42 12.35 23.50
N PHE H 51 7.07 12.74 22.41
CA PHE H 51 8.41 13.32 22.50
C PHE H 51 8.42 14.62 23.29
N LEU H 52 7.51 15.53 22.92
CA LEU H 52 7.48 16.83 23.57
C LEU H 52 7.15 16.67 25.06
N GLU H 53 6.17 15.80 25.37
CA GLU H 53 5.83 15.56 26.79
C GLU H 53 7.04 15.13 27.58
N GLN H 54 7.82 14.22 27.02
CA GLN H 54 9.00 13.71 27.74
C GLN H 54 10.09 14.77 27.83
N TYR H 55 10.34 15.48 26.73
CA TYR H 55 11.40 16.46 26.70
C TYR H 55 11.20 17.47 27.81
N TRP H 56 9.96 17.86 28.05
CA TRP H 56 9.70 18.94 29.00
C TRP H 56 9.44 18.46 30.43
N GLY H 57 9.69 17.17 30.68
CA GLY H 57 9.67 16.64 32.04
C GLY H 57 8.43 15.83 32.40
N GLY H 58 7.63 15.50 31.38
CA GLY H 58 6.42 14.70 31.59
C GLY H 58 6.73 13.22 31.46
N PRO H 59 5.72 12.41 31.08
CA PRO H 59 5.89 10.96 30.93
C PRO H 59 7.10 10.60 30.07
N ARG H 60 7.80 9.54 30.43
CA ARG H 60 8.91 9.08 29.64
C ARG H 60 8.53 7.95 28.68
N THR H 61 7.26 7.96 28.26
CA THR H 61 6.75 6.90 27.37
C THR H 61 7.47 6.91 26.02
N TYR H 62 7.81 8.12 25.53
CA TYR H 62 8.53 8.23 24.26
C TYR H 62 9.75 7.28 24.25
N SER H 63 10.62 7.38 25.25
CA SER H 63 11.85 6.60 25.24
C SER H 63 11.60 5.09 25.37
N GLU H 64 10.59 4.72 26.13
CA GLU H 64 10.18 3.30 26.23
C GLU H 64 9.76 2.74 24.88
N GLN H 65 8.97 3.52 24.14
CA GLN H 65 8.41 3.06 22.88
C GLN H 65 9.40 3.24 21.74
N ARG H 66 10.20 4.30 21.76
CA ARG H 66 10.99 4.70 20.58
C ARG H 66 12.50 4.69 20.80
N GLY H 67 12.93 4.60 22.05
CA GLY H 67 14.35 4.66 22.40
C GLY H 67 14.84 6.10 22.44
N HIS H 68 16.16 6.30 22.35
CA HIS H 68 16.70 7.66 22.25
C HIS H 68 16.12 8.35 21.04
N PRO H 69 15.83 9.65 21.15
CA PRO H 69 15.18 10.39 20.07
C PRO H 69 15.89 10.23 18.72
N ARG H 70 17.22 10.35 18.72
CA ARG H 70 17.97 10.27 17.46
C ARG H 70 17.27 11.07 16.34
N LEU H 71 16.92 12.32 16.63
CA LEU H 71 16.12 13.12 15.70
C LEU H 71 16.78 13.34 14.32
N ARG H 72 18.10 13.51 14.28
CA ARG H 72 18.76 13.61 12.98
C ARG H 72 18.46 12.40 12.11
N MET H 73 18.60 11.20 12.67
CA MET H 73 18.37 10.01 11.85
C MET H 73 16.88 9.83 11.56
N ARG H 74 16.04 10.24 12.50
CA ARG H 74 14.63 10.15 12.23
C ARG H 74 14.13 11.18 11.19
N HIS H 75 14.87 12.25 11.00
CA HIS H 75 14.53 13.20 9.94
C HIS H 75 15.33 12.98 8.64
N ALA H 76 16.23 12.02 8.64
CA ALA H 76 17.08 11.73 7.49
C ALA H 76 16.27 11.39 6.22
N PRO H 77 15.15 10.67 6.37
CA PRO H 77 14.34 10.37 5.18
C PRO H 77 13.79 11.60 4.49
N PHE H 78 13.87 12.77 5.12
CA PHE H 78 13.24 13.96 4.53
C PHE H 78 14.27 15.02 4.14
N ARG H 79 14.04 15.72 3.03
CA ARG H 79 14.86 16.88 2.68
C ARG H 79 14.33 18.13 3.37
N ILE H 80 14.97 18.47 4.47
CA ILE H 80 14.58 19.64 5.26
C ILE H 80 15.56 20.77 4.95
N SER H 81 15.11 21.74 4.16
CA SER H 81 15.91 22.94 3.90
C SER H 81 15.33 24.07 4.76
N LEU H 82 15.84 25.29 4.62
CA LEU H 82 15.30 26.44 5.33
C LEU H 82 13.81 26.60 5.04
N ILE H 83 13.41 26.23 3.83
CA ILE H 83 11.99 26.33 3.49
C ILE H 83 11.09 25.52 4.45
N GLU H 84 11.43 24.25 4.64
CA GLU H 84 10.71 23.37 5.55
C GLU H 84 10.91 23.79 7.01
N ARG H 85 12.13 24.24 7.36
CA ARG H 85 12.37 24.72 8.73
C ARG H 85 11.43 25.87 9.06
N ASP H 86 11.33 26.83 8.15
CA ASP H 86 10.53 28.03 8.37
C ASP H 86 9.04 27.68 8.41
N ALA H 87 8.62 26.72 7.60
CA ALA H 87 7.19 26.33 7.57
C ALA H 87 6.83 25.62 8.86
N PHE H 88 7.75 24.79 9.34
CA PHE H 88 7.54 24.10 10.61
C PHE H 88 7.35 25.12 11.73
N LEU H 89 8.26 26.09 11.81
CA LEU H 89 8.23 27.05 12.88
C LEU H 89 6.99 27.96 12.79
N ARG H 90 6.59 28.28 11.58
CA ARG H 90 5.36 29.02 11.32
C ARG H 90 4.14 28.25 11.91
N CYS H 91 4.05 26.97 11.59
CA CYS H 91 2.96 26.13 12.10
C CYS H 91 3.03 26.00 13.65
N MET H 92 4.24 25.79 14.15
CA MET H 92 4.45 25.68 15.58
C MET H 92 4.10 26.99 16.30
N HIS H 93 4.53 28.13 15.74
CA HIS H 93 4.19 29.43 16.33
C HIS H 93 2.69 29.67 16.44
N THR H 94 1.94 29.29 15.39
CA THR H 94 0.49 29.38 15.40
C THR H 94 -0.14 28.49 16.49
N ALA H 95 0.29 27.24 16.56
CA ALA H 95 -0.18 26.34 17.60
C ALA H 95 0.14 26.88 19.00
N VAL H 96 1.38 27.30 19.23
CA VAL H 96 1.74 27.81 20.55
C VAL H 96 0.94 29.09 20.91
N ALA H 97 0.76 29.97 19.92
CA ALA H 97 -0.01 31.20 20.15
C ALA H 97 -1.47 30.94 20.49
N SER H 98 -1.97 29.76 20.15
CA SER H 98 -3.37 29.43 20.45
C SER H 98 -3.58 29.10 21.92
N ILE H 99 -2.49 28.93 22.66
CA ILE H 99 -2.55 28.60 24.09
C ILE H 99 -2.53 29.91 24.91
N ASP H 100 -3.44 30.01 25.88
CA ASP H 100 -3.58 31.28 26.60
C ASP H 100 -2.41 31.52 27.57
N SER H 101 -2.24 32.78 27.98
CA SER H 101 -1.07 33.12 28.80
C SER H 101 -1.24 32.71 30.27
N GLU H 102 -2.48 32.45 30.67
CA GLU H 102 -2.74 31.89 32.00
C GLU H 102 -2.16 30.48 32.09
N THR H 103 -2.44 29.67 31.06
CA THR H 103 -1.92 28.31 30.98
C THR H 103 -0.41 28.32 30.73
N LEU H 104 0.01 29.12 29.75
CA LEU H 104 1.39 29.13 29.35
C LEU H 104 1.90 30.55 29.47
N ASP H 105 2.55 30.87 30.60
CA ASP H 105 2.94 32.26 30.85
C ASP H 105 4.14 32.69 30.01
N ASP H 106 4.40 34.00 29.98
CA ASP H 106 5.39 34.56 29.04
C ASP H 106 6.75 33.88 29.17
N GLU H 107 7.18 33.62 30.40
CA GLU H 107 8.50 33.00 30.60
C GLU H 107 8.57 31.58 30.03
N HIS H 108 7.52 30.80 30.28
CA HIS H 108 7.47 29.43 29.76
C HIS H 108 7.28 29.40 28.24
N ARG H 109 6.42 30.30 27.74
CA ARG H 109 6.25 30.49 26.31
C ARG H 109 7.58 30.77 25.61
N ARG H 110 8.37 31.70 26.13
CA ARG H 110 9.63 32.03 25.49
C ARG H 110 10.60 30.86 25.50
N GLU H 111 10.64 30.14 26.62
CA GLU H 111 11.54 28.99 26.71
C GLU H 111 11.15 27.90 25.69
N LEU H 112 9.85 27.63 25.54
CA LEU H 112 9.35 26.62 24.60
C LEU H 112 9.70 27.01 23.14
N LEU H 113 9.36 28.25 22.78
CA LEU H 113 9.65 28.80 21.45
C LEU H 113 11.15 28.80 21.11
N ASP H 114 12.00 29.21 22.06
CA ASP H 114 13.44 29.22 21.83
C ASP H 114 13.96 27.81 21.55
N TYR H 115 13.43 26.84 22.29
CA TYR H 115 13.79 25.44 22.07
C TYR H 115 13.39 25.00 20.66
N LEU H 116 12.14 25.25 20.31
CA LEU H 116 11.64 24.86 19.00
C LEU H 116 12.45 25.49 17.87
N GLU H 117 12.73 26.78 18.01
CA GLU H 117 13.58 27.49 17.05
C GLU H 117 14.96 26.84 16.85
N MET H 118 15.66 26.58 17.97
CA MET H 118 17.00 25.98 17.93
C MET H 118 16.94 24.56 17.37
N ALA H 119 15.95 23.78 17.82
CA ALA H 119 15.86 22.39 17.41
C ALA H 119 15.53 22.28 15.90
N ALA H 120 14.64 23.14 15.42
CA ALA H 120 14.26 23.09 14.00
C ALA H 120 15.48 23.44 13.15
N HIS H 121 16.23 24.44 13.59
CA HIS H 121 17.47 24.73 12.86
C HIS H 121 18.45 23.56 12.85
N SER H 122 18.57 22.84 13.96
CA SER H 122 19.52 21.73 14.03
C SER H 122 19.09 20.56 13.12
N LEU H 123 17.85 20.55 12.67
CA LEU H 123 17.39 19.44 11.83
C LEU H 123 17.44 19.73 10.31
N VAL H 124 17.83 20.94 9.94
CA VAL H 124 18.05 21.27 8.53
C VAL H 124 19.14 20.33 8.00
N ASN H 125 18.86 19.64 6.89
CA ASN H 125 19.78 18.62 6.35
C ASN H 125 19.96 18.67 4.83
N SER H 126 19.41 19.69 4.19
CA SER H 126 19.38 19.77 2.71
C SER H 126 19.39 21.23 2.24
N PRO H 127 19.96 21.50 1.04
CA PRO H 127 20.02 22.84 0.48
C PRO H 127 18.69 23.32 -0.11
N PHE H 128 17.81 22.40 -0.46
CA PHE H 128 16.50 22.77 -0.99
C PHE H 128 15.51 21.66 -0.75
N PRO I 2 1.27 41.27 -26.16
CA PRO I 2 0.01 40.52 -26.07
C PRO I 2 -0.39 40.25 -24.61
N LYS I 3 -1.61 39.74 -24.43
CA LYS I 3 -2.14 39.47 -23.10
C LYS I 3 -2.70 38.05 -23.03
N SER I 4 -2.14 37.21 -22.16
CA SER I 4 -2.64 35.83 -22.05
C SER I 4 -3.98 35.75 -21.28
N PHE I 5 -4.77 34.73 -21.59
CA PHE I 5 -5.99 34.42 -20.83
C PHE I 5 -5.60 34.27 -19.36
N TYR I 6 -4.52 33.54 -19.12
CA TYR I 6 -3.97 33.32 -17.79
C TYR I 6 -3.78 34.60 -16.98
N ASP I 7 -3.04 35.57 -17.51
CA ASP I 7 -2.90 36.85 -16.80
C ASP I 7 -4.22 37.59 -16.68
N ALA I 8 -5.04 37.56 -17.73
CA ALA I 8 -6.31 38.29 -17.71
C ALA I 8 -7.21 37.86 -16.56
N VAL I 9 -7.19 36.58 -16.21
CA VAL I 9 -8.08 36.06 -15.17
C VAL I 9 -7.41 36.01 -13.79
N GLY I 10 -6.19 36.55 -13.68
CA GLY I 10 -5.54 36.66 -12.37
C GLY I 10 -4.47 35.62 -12.09
N GLY I 11 -4.09 34.87 -13.13
CA GLY I 11 -2.94 33.96 -13.07
C GLY I 11 -2.97 32.87 -12.00
N ALA I 12 -1.82 32.64 -11.38
CA ALA I 12 -1.65 31.48 -10.48
C ALA I 12 -2.69 31.43 -9.36
N LYS I 13 -2.98 32.57 -8.76
CA LYS I 13 -3.91 32.60 -7.63
C LYS I 13 -5.30 32.13 -8.04
N THR I 14 -5.72 32.50 -9.25
CA THR I 14 -7.04 32.15 -9.73
C THR I 14 -7.15 30.65 -9.99
N PHE I 15 -6.16 30.10 -10.69
CA PHE I 15 -6.16 28.67 -10.95
C PHE I 15 -5.98 27.83 -9.69
N ASP I 16 -5.20 28.33 -8.74
CA ASP I 16 -5.15 27.67 -7.43
C ASP I 16 -6.51 27.63 -6.75
N ALA I 17 -7.20 28.78 -6.69
CA ALA I 17 -8.52 28.85 -6.08
C ALA I 17 -9.48 27.89 -6.78
N ILE I 18 -9.52 27.92 -8.12
CA ILE I 18 -10.45 27.06 -8.85
C ILE I 18 -10.20 25.57 -8.57
N VAL I 19 -8.96 25.13 -8.73
CA VAL I 19 -8.65 23.70 -8.59
C VAL I 19 -8.78 23.21 -7.14
N SER I 20 -8.36 24.04 -6.19
N SER I 20 -8.36 24.06 -6.20
CA SER I 20 -8.47 23.65 -4.79
CA SER I 20 -8.47 23.71 -4.79
C SER I 20 -9.94 23.54 -4.35
C SER I 20 -9.93 23.53 -4.38
N ARG I 21 -10.77 24.44 -4.85
CA ARG I 21 -12.19 24.40 -4.55
C ARG I 21 -12.89 23.25 -5.30
N PHE I 22 -12.43 22.96 -6.51
CA PHE I 22 -12.90 21.78 -7.24
C PHE I 22 -12.62 20.51 -6.44
N TYR I 23 -11.38 20.32 -5.99
CA TYR I 23 -11.03 19.15 -5.21
C TYR I 23 -11.79 19.06 -3.87
N ALA I 24 -12.09 20.19 -3.27
CA ALA I 24 -12.93 20.20 -2.09
C ALA I 24 -14.38 19.72 -2.42
N GLN I 25 -14.90 20.08 -3.58
CA GLN I 25 -16.20 19.58 -4.04
C GLN I 25 -16.12 18.10 -4.35
N VAL I 26 -15.04 17.67 -5.00
CA VAL I 26 -14.86 16.24 -5.29
C VAL I 26 -15.03 15.43 -4.00
N ALA I 27 -14.36 15.87 -2.93
CA ALA I 27 -14.40 15.14 -1.65
C ALA I 27 -15.81 14.97 -1.09
N GLU I 28 -16.69 15.91 -1.43
CA GLU I 28 -18.08 15.91 -0.97
C GLU I 28 -19.03 15.28 -1.98
N ASP I 29 -18.49 14.81 -3.10
CA ASP I 29 -19.35 14.34 -4.16
C ASP I 29 -19.48 12.80 -4.14
N GLU I 30 -20.71 12.31 -4.01
CA GLU I 30 -20.94 10.85 -3.91
C GLU I 30 -20.44 10.09 -5.14
N VAL I 31 -20.47 10.73 -6.31
CA VAL I 31 -19.97 10.07 -7.51
C VAL I 31 -18.45 10.05 -7.54
N LEU I 32 -17.84 11.23 -7.40
CA LEU I 32 -16.42 11.38 -7.68
C LEU I 32 -15.48 11.01 -6.53
N ARG I 33 -15.94 11.12 -5.29
CA ARG I 33 -15.04 10.83 -4.16
C ARG I 33 -14.54 9.40 -4.24
N ARG I 34 -15.19 8.58 -5.06
CA ARG I 34 -14.80 7.17 -5.20
C ARG I 34 -13.90 6.98 -6.42
N VAL I 35 -13.77 8.01 -7.23
CA VAL I 35 -13.00 7.87 -8.46
C VAL I 35 -11.56 8.37 -8.28
N TYR I 36 -11.42 9.51 -7.61
CA TYR I 36 -10.11 10.13 -7.42
C TYR I 36 -9.32 9.36 -6.37
N PRO I 37 -7.98 9.37 -6.47
CA PRO I 37 -7.12 8.50 -5.65
C PRO I 37 -7.12 8.96 -4.23
N GLU I 38 -7.65 8.11 -3.35
CA GLU I 38 -7.72 8.39 -1.91
C GLU I 38 -6.35 8.82 -1.37
N ASP I 39 -5.30 8.15 -1.82
CA ASP I 39 -3.99 8.35 -1.22
C ASP I 39 -3.11 9.32 -2.01
N ASP I 40 -3.67 9.96 -3.04
CA ASP I 40 -2.85 10.80 -3.90
C ASP I 40 -3.53 12.13 -4.28
N LEU I 41 -4.40 12.63 -3.41
CA LEU I 41 -5.21 13.82 -3.73
C LEU I 41 -4.38 15.08 -3.90
N ALA I 42 -3.29 15.18 -3.15
CA ALA I 42 -2.45 16.39 -3.19
C ALA I 42 -1.74 16.49 -4.54
N GLY I 43 -1.12 15.40 -4.97
CA GLY I 43 -0.40 15.40 -6.24
C GLY I 43 -1.36 15.46 -7.41
N ALA I 44 -2.53 14.85 -7.25
CA ALA I 44 -3.55 14.88 -8.29
C ALA I 44 -4.03 16.32 -8.52
N GLU I 45 -4.32 17.00 -7.43
CA GLU I 45 -4.76 18.38 -7.49
C GLU I 45 -3.68 19.21 -8.16
N GLU I 46 -2.44 18.95 -7.79
CA GLU I 46 -1.34 19.72 -8.32
C GLU I 46 -1.15 19.48 -9.81
N ARG I 47 -1.35 18.24 -10.27
CA ARG I 47 -1.23 17.97 -11.71
C ARG I 47 -2.31 18.71 -12.50
N LEU I 48 -3.55 18.76 -11.97
CA LEU I 48 -4.64 19.43 -12.68
C LEU I 48 -4.37 20.94 -12.76
N ARG I 49 -3.91 21.48 -11.64
CA ARG I 49 -3.52 22.88 -11.59
C ARG I 49 -2.42 23.20 -12.61
N MET I 50 -1.36 22.41 -12.64
CA MET I 50 -0.31 22.63 -13.63
C MET I 50 -0.86 22.53 -15.04
N PHE I 51 -1.71 21.53 -15.30
CA PHE I 51 -2.26 21.42 -16.65
C PHE I 51 -3.06 22.65 -17.07
N LEU I 52 -3.97 23.09 -16.21
CA LEU I 52 -4.82 24.24 -16.55
C LEU I 52 -4.01 25.53 -16.69
N GLU I 53 -3.01 25.73 -15.84
CA GLU I 53 -2.17 26.91 -15.96
C GLU I 53 -1.50 26.95 -17.34
N GLN I 54 -1.00 25.81 -17.77
CA GLN I 54 -0.36 25.71 -19.09
C GLN I 54 -1.37 25.94 -20.21
N TYR I 55 -2.48 25.23 -20.13
CA TYR I 55 -3.48 25.28 -21.20
C TYR I 55 -3.88 26.73 -21.52
N TRP I 56 -4.07 27.53 -20.48
CA TRP I 56 -4.60 28.87 -20.63
C TRP I 56 -3.54 29.95 -20.79
N GLY I 57 -2.28 29.55 -21.00
CA GLY I 57 -1.23 30.50 -21.39
C GLY I 57 -0.26 30.88 -20.28
N GLY I 58 -0.31 30.13 -19.17
CA GLY I 58 0.62 30.35 -18.05
C GLY I 58 1.85 29.44 -18.18
N PRO I 59 2.48 29.12 -17.04
CA PRO I 59 3.72 28.34 -17.05
C PRO I 59 3.57 27.00 -17.81
N ARG I 60 4.63 26.58 -18.52
CA ARG I 60 4.60 25.36 -19.32
C ARG I 60 5.25 24.18 -18.62
N THR I 61 5.25 24.25 -17.28
CA THR I 61 5.82 23.21 -16.45
C THR I 61 5.11 21.88 -16.66
N TYR I 62 3.80 21.92 -16.91
CA TYR I 62 3.06 20.68 -17.12
C TYR I 62 3.75 19.80 -18.17
N SER I 63 3.99 20.37 -19.36
CA SER I 63 4.60 19.61 -20.49
C SER I 63 6.01 19.10 -20.17
N GLU I 64 6.76 19.89 -19.41
CA GLU I 64 8.11 19.48 -19.00
C GLU I 64 8.08 18.27 -18.08
N GLN I 65 7.18 18.29 -17.11
CA GLN I 65 7.08 17.22 -16.13
C GLN I 65 6.32 15.97 -16.63
N ARG I 66 5.35 16.18 -17.50
CA ARG I 66 4.37 15.13 -17.82
C ARG I 66 4.33 14.76 -19.29
N GLY I 67 4.98 15.56 -20.12
CA GLY I 67 4.93 15.40 -21.59
C GLY I 67 3.60 15.89 -22.14
N HIS I 68 3.25 15.47 -23.36
CA HIS I 68 1.91 15.76 -23.92
C HIS I 68 0.81 15.29 -22.97
N PRO I 69 -0.27 16.06 -22.86
CA PRO I 69 -1.31 15.72 -21.88
C PRO I 69 -1.84 14.28 -22.05
N ARG I 70 -2.04 13.83 -23.29
CA ARG I 70 -2.55 12.49 -23.55
C ARG I 70 -3.71 12.19 -22.60
N LEU I 71 -4.70 13.10 -22.55
CA LEU I 71 -5.72 12.98 -21.48
C LEU I 71 -6.54 11.70 -21.60
N ARG I 72 -6.81 11.27 -22.84
CA ARG I 72 -7.54 10.01 -23.02
C ARG I 72 -6.87 8.85 -22.32
N MET I 73 -5.57 8.68 -22.53
CA MET I 73 -4.85 7.57 -21.90
C MET I 73 -4.67 7.77 -20.39
N ARG I 74 -4.54 9.02 -19.97
CA ARG I 74 -4.45 9.32 -18.55
C ARG I 74 -5.79 9.09 -17.81
N HIS I 75 -6.90 9.14 -18.54
CA HIS I 75 -8.22 8.84 -17.93
C HIS I 75 -8.66 7.38 -18.16
N ALA I 76 -7.89 6.64 -18.96
CA ALA I 76 -8.21 5.24 -19.27
C ALA I 76 -8.39 4.32 -18.05
N PRO I 77 -7.64 4.57 -16.96
CA PRO I 77 -7.86 3.75 -15.75
C PRO I 77 -9.25 3.92 -15.10
N PHE I 78 -10.02 4.95 -15.46
CA PHE I 78 -11.28 5.22 -14.79
C PHE I 78 -12.47 4.98 -15.73
N ARG I 79 -13.55 4.44 -15.21
CA ARG I 79 -14.78 4.34 -16.00
C ARG I 79 -15.58 5.63 -15.90
N ILE I 80 -15.43 6.48 -16.90
CA ILE I 80 -16.09 7.77 -16.90
C ILE I 80 -17.31 7.68 -17.83
N SER I 81 -18.48 7.58 -17.25
CA SER I 81 -19.72 7.60 -18.03
C SER I 81 -20.29 9.00 -17.93
N LEU I 82 -21.46 9.23 -18.54
CA LEU I 82 -22.14 10.50 -18.38
C LEU I 82 -22.38 10.90 -16.91
N ILE I 83 -22.58 9.91 -16.04
CA ILE I 83 -22.73 10.17 -14.61
C ILE I 83 -21.49 10.87 -14.01
N GLU I 84 -20.30 10.36 -14.31
CA GLU I 84 -19.06 10.97 -13.85
C GLU I 84 -18.76 12.30 -14.55
N ARG I 85 -19.05 12.37 -15.85
CA ARG I 85 -18.93 13.63 -16.61
C ARG I 85 -19.75 14.74 -15.96
N ASP I 86 -21.03 14.45 -15.72
CA ASP I 86 -21.93 15.43 -15.11
C ASP I 86 -21.49 15.81 -13.70
N ALA I 87 -21.00 14.84 -12.93
CA ALA I 87 -20.53 15.14 -11.57
C ALA I 87 -19.32 16.06 -11.62
N PHE I 88 -18.40 15.76 -12.54
CA PHE I 88 -17.20 16.57 -12.73
C PHE I 88 -17.60 18.01 -13.07
N LEU I 89 -18.52 18.17 -14.02
CA LEU I 89 -18.96 19.51 -14.42
C LEU I 89 -19.67 20.27 -13.30
N ARG I 90 -20.46 19.56 -12.50
CA ARG I 90 -21.13 20.18 -11.35
C ARG I 90 -20.11 20.77 -10.38
N CYS I 91 -19.11 19.96 -10.06
CA CYS I 91 -18.08 20.37 -9.13
C CYS I 91 -17.26 21.55 -9.67
N MET I 92 -16.92 21.49 -10.96
CA MET I 92 -16.21 22.58 -11.61
C MET I 92 -17.04 23.84 -11.68
N HIS I 93 -18.32 23.71 -12.01
CA HIS I 93 -19.17 24.88 -12.06
C HIS I 93 -19.20 25.57 -10.68
N THR I 94 -19.27 24.78 -9.62
CA THR I 94 -19.25 25.34 -8.27
C THR I 94 -17.95 26.07 -8.00
N ALA I 95 -16.85 25.42 -8.36
CA ALA I 95 -15.54 26.04 -8.15
C ALA I 95 -15.40 27.35 -8.94
N VAL I 96 -15.83 27.34 -10.20
CA VAL I 96 -15.72 28.54 -11.03
C VAL I 96 -16.64 29.65 -10.51
N ALA I 97 -17.84 29.29 -10.07
CA ALA I 97 -18.81 30.25 -9.55
C ALA I 97 -18.31 30.96 -8.29
N SER I 98 -17.34 30.34 -7.60
CA SER I 98 -16.81 30.93 -6.38
C SER I 98 -15.79 32.05 -6.68
N ILE I 99 -15.43 32.22 -7.96
CA ILE I 99 -14.48 33.27 -8.34
C ILE I 99 -15.27 34.55 -8.70
N ASP I 100 -14.92 35.68 -8.09
CA ASP I 100 -15.71 36.88 -8.34
C ASP I 100 -15.58 37.39 -9.77
N SER I 101 -16.48 38.26 -10.18
CA SER I 101 -16.54 38.67 -11.57
C SER I 101 -15.52 39.76 -11.91
N GLU I 102 -14.94 40.39 -10.89
CA GLU I 102 -13.86 41.35 -11.13
C GLU I 102 -12.59 40.61 -11.56
N THR I 103 -12.35 39.46 -10.96
CA THR I 103 -11.21 38.61 -11.32
C THR I 103 -11.46 37.86 -12.62
N LEU I 104 -12.63 37.25 -12.73
CA LEU I 104 -12.98 36.42 -13.89
C LEU I 104 -14.23 37.04 -14.50
N ASP I 105 -14.04 37.86 -15.53
CA ASP I 105 -15.17 38.57 -16.13
C ASP I 105 -16.03 37.61 -16.97
N ASP I 106 -17.24 38.05 -17.30
CA ASP I 106 -18.24 37.19 -17.93
C ASP I 106 -17.72 36.47 -19.17
N GLU I 107 -16.95 37.21 -19.91
CA GLU I 107 -16.35 36.73 -21.11
C GLU I 107 -15.48 35.52 -20.88
N HIS I 108 -14.49 35.75 -20.03
CA HIS I 108 -13.50 34.74 -19.72
C HIS I 108 -14.10 33.53 -19.00
N ARG I 109 -15.04 33.79 -18.10
CA ARG I 109 -15.80 32.76 -17.39
C ARG I 109 -16.49 31.84 -18.40
N ARG I 110 -17.16 32.43 -19.39
CA ARG I 110 -17.88 31.65 -20.39
C ARG I 110 -16.91 30.82 -21.24
N GLU I 111 -15.77 31.42 -21.63
CA GLU I 111 -14.78 30.70 -22.41
C GLU I 111 -14.24 29.47 -21.63
N LEU I 112 -13.95 29.67 -20.34
CA LEU I 112 -13.43 28.61 -19.49
C LEU I 112 -14.44 27.47 -19.34
N LEU I 113 -15.69 27.83 -19.04
CA LEU I 113 -16.74 26.83 -18.84
C LEU I 113 -17.05 26.09 -20.14
N ASP I 114 -17.06 26.80 -21.28
CA ASP I 114 -17.26 26.10 -22.56
C ASP I 114 -16.14 25.10 -22.81
N TYR I 115 -14.91 25.47 -22.47
CA TYR I 115 -13.81 24.54 -22.62
C TYR I 115 -14.00 23.28 -21.74
N LEU I 116 -14.31 23.50 -20.47
CA LEU I 116 -14.44 22.38 -19.54
C LEU I 116 -15.59 21.44 -19.94
N GLU I 117 -16.70 22.02 -20.40
CA GLU I 117 -17.84 21.24 -20.93
C GLU I 117 -17.41 20.36 -22.08
N MET I 118 -16.73 20.95 -23.07
CA MET I 118 -16.30 20.16 -24.23
C MET I 118 -15.30 19.10 -23.83
N ALA I 119 -14.33 19.49 -23.00
CA ALA I 119 -13.27 18.58 -22.62
C ALA I 119 -13.84 17.42 -21.79
N ALA I 120 -14.74 17.71 -20.86
CA ALA I 120 -15.31 16.61 -20.06
C ALA I 120 -16.04 15.60 -20.95
N HIS I 121 -16.86 16.08 -21.88
N HIS I 121 -16.85 16.11 -21.89
CA HIS I 121 -17.56 15.16 -22.77
CA HIS I 121 -17.56 15.24 -22.84
C HIS I 121 -16.57 14.29 -23.56
C HIS I 121 -16.63 14.34 -23.64
N SER I 122 -15.43 14.86 -23.96
CA SER I 122 -14.48 14.11 -24.78
C SER I 122 -13.70 13.08 -23.97
N LEU I 123 -13.84 13.07 -22.65
CA LEU I 123 -13.15 12.08 -21.83
C LEU I 123 -14.08 10.95 -21.34
N VAL I 124 -15.34 10.99 -21.78
CA VAL I 124 -16.27 9.90 -21.50
C VAL I 124 -15.73 8.65 -22.24
N ASN I 125 -15.61 7.55 -21.51
CA ASN I 125 -15.03 6.32 -22.05
C ASN I 125 -15.78 5.03 -21.68
N SER I 126 -16.96 5.17 -21.05
N SER I 126 -16.95 5.16 -21.03
CA SER I 126 -17.69 4.01 -20.51
CA SER I 126 -17.68 4.01 -20.49
C SER I 126 -19.20 4.23 -20.53
C SER I 126 -19.19 4.24 -20.54
N PRO I 127 -19.96 3.13 -20.69
CA PRO I 127 -21.44 3.18 -20.70
C PRO I 127 -22.04 3.42 -19.30
N PHE I 128 -21.29 3.13 -18.24
CA PHE I 128 -21.81 3.27 -16.89
C PHE I 128 -20.67 3.28 -15.88
N LYS J 3 13.31 -8.52 -42.37
CA LYS J 3 14.04 -7.31 -42.88
C LYS J 3 14.13 -6.16 -41.85
N SER J 4 13.17 -6.05 -40.96
CA SER J 4 13.32 -5.16 -39.81
C SER J 4 14.34 -5.80 -38.88
N PHE J 5 15.07 -5.00 -38.11
CA PHE J 5 15.97 -5.54 -37.11
C PHE J 5 15.18 -6.52 -36.26
N TYR J 6 13.96 -6.11 -35.90
CA TYR J 6 13.08 -6.86 -35.01
C TYR J 6 12.83 -8.26 -35.59
N ASP J 7 12.39 -8.30 -36.84
CA ASP J 7 12.17 -9.57 -37.53
C ASP J 7 13.47 -10.35 -37.74
N ALA J 8 14.53 -9.64 -38.11
CA ALA J 8 15.81 -10.28 -38.34
C ALA J 8 16.28 -11.08 -37.14
N VAL J 9 15.92 -10.65 -35.93
CA VAL J 9 16.47 -11.30 -34.73
C VAL J 9 15.52 -12.28 -34.04
N GLY J 10 14.41 -12.57 -34.69
CA GLY J 10 13.46 -13.54 -34.13
C GLY J 10 12.20 -12.92 -33.55
N GLY J 11 12.12 -11.59 -33.59
CA GLY J 11 10.89 -10.89 -33.20
C GLY J 11 10.49 -11.03 -31.75
N ALA J 12 9.18 -11.14 -31.52
CA ALA J 12 8.61 -11.14 -30.17
C ALA J 12 9.24 -12.14 -29.24
N LYS J 13 9.40 -13.36 -29.74
CA LYS J 13 9.98 -14.44 -28.97
C LYS J 13 11.37 -14.08 -28.41
N THR J 14 12.21 -13.45 -29.23
CA THR J 14 13.56 -13.06 -28.82
C THR J 14 13.52 -11.95 -27.79
N PHE J 15 12.69 -10.93 -28.02
CA PHE J 15 12.56 -9.83 -27.07
C PHE J 15 11.95 -10.26 -25.75
N ASP J 16 11.01 -11.19 -25.80
CA ASP J 16 10.46 -11.75 -24.57
C ASP J 16 11.55 -12.46 -23.79
N ALA J 17 12.33 -13.28 -24.48
CA ALA J 17 13.42 -14.02 -23.85
C ALA J 17 14.42 -13.07 -23.21
N ILE J 18 14.90 -12.09 -23.97
CA ILE J 18 15.86 -11.13 -23.43
C ILE J 18 15.33 -10.45 -22.17
N VAL J 19 14.16 -9.83 -22.28
CA VAL J 19 13.66 -8.97 -21.20
C VAL J 19 13.29 -9.82 -19.97
N SER J 20 12.78 -11.02 -20.23
CA SER J 20 12.45 -11.94 -19.17
C SER J 20 13.70 -12.37 -18.40
N ARG J 21 14.75 -12.70 -19.14
CA ARG J 21 15.98 -13.10 -18.52
C ARG J 21 16.65 -11.92 -17.82
N PHE J 22 16.58 -10.74 -18.43
CA PHE J 22 17.07 -9.52 -17.77
C PHE J 22 16.43 -9.36 -16.40
N TYR J 23 15.09 -9.44 -16.32
CA TYR J 23 14.40 -9.31 -15.04
C TYR J 23 14.73 -10.38 -13.98
N ALA J 24 14.99 -11.59 -14.43
CA ALA J 24 15.47 -12.66 -13.55
C ALA J 24 16.83 -12.31 -12.95
N GLN J 25 17.72 -11.76 -13.78
CA GLN J 25 19.03 -11.29 -13.31
C GLN J 25 18.86 -10.16 -12.30
N VAL J 26 17.94 -9.23 -12.62
CA VAL J 26 17.66 -8.09 -11.74
C VAL J 26 17.32 -8.58 -10.33
N ALA J 27 16.48 -9.61 -10.26
CA ALA J 27 16.04 -10.17 -8.98
C ALA J 27 17.21 -10.68 -8.12
N GLU J 28 18.25 -11.19 -8.76
CA GLU J 28 19.43 -11.69 -8.05
C GLU J 28 20.53 -10.65 -7.96
N ASP J 29 20.28 -9.44 -8.44
CA ASP J 29 21.33 -8.41 -8.49
C ASP J 29 21.25 -7.53 -7.24
N GLU J 30 22.34 -7.50 -6.48
CA GLU J 30 22.38 -6.79 -5.19
C GLU J 30 22.17 -5.30 -5.34
N VAL J 31 22.51 -4.76 -6.51
CA VAL J 31 22.30 -3.34 -6.75
C VAL J 31 20.86 -3.07 -7.19
N LEU J 32 20.40 -3.83 -8.18
CA LEU J 32 19.15 -3.48 -8.84
C LEU J 32 17.91 -4.03 -8.14
N ARG J 33 18.09 -5.11 -7.36
CA ARG J 33 17.00 -5.75 -6.62
C ARG J 33 16.12 -4.74 -5.91
N ARG J 34 16.73 -3.66 -5.44
CA ARG J 34 16.00 -2.70 -4.63
C ARG J 34 15.87 -1.36 -5.31
N VAL J 35 16.06 -1.35 -6.62
CA VAL J 35 15.72 -0.17 -7.40
C VAL J 35 14.39 -0.42 -8.09
N TYR J 36 14.24 -1.59 -8.71
CA TYR J 36 12.99 -1.91 -9.42
C TYR J 36 11.88 -2.20 -8.42
N PRO J 37 10.64 -1.88 -8.80
CA PRO J 37 9.52 -1.86 -7.85
C PRO J 37 9.16 -3.27 -7.44
N GLU J 38 9.38 -3.61 -6.17
CA GLU J 38 9.12 -4.95 -5.67
C GLU J 38 7.69 -5.43 -5.99
N ASP J 39 6.75 -4.49 -6.03
CA ASP J 39 5.33 -4.84 -6.17
C ASP J 39 4.78 -4.75 -7.60
N ASP J 40 5.65 -4.42 -8.55
CA ASP J 40 5.16 -4.18 -9.91
C ASP J 40 6.13 -4.73 -10.96
N LEU J 41 6.80 -5.83 -10.62
CA LEU J 41 7.83 -6.40 -11.48
C LEU J 41 7.30 -6.94 -12.80
N ALA J 42 6.09 -7.50 -12.76
CA ALA J 42 5.45 -8.01 -13.97
C ALA J 42 5.18 -6.89 -14.96
N GLY J 43 4.60 -5.79 -14.48
CA GLY J 43 4.25 -4.65 -15.33
C GLY J 43 5.48 -3.91 -15.84
N ALA J 44 6.53 -3.87 -15.02
CA ALA J 44 7.77 -3.24 -15.44
C ALA J 44 8.36 -3.99 -16.63
N GLU J 45 8.35 -5.31 -16.55
CA GLU J 45 8.95 -6.13 -17.58
C GLU J 45 8.19 -5.93 -18.89
N GLU J 46 6.87 -5.87 -18.80
CA GLU J 46 6.03 -5.64 -19.98
C GLU J 46 6.30 -4.31 -20.68
N ARG J 47 6.42 -3.23 -19.90
CA ARG J 47 6.71 -1.92 -20.46
C ARG J 47 8.09 -1.92 -21.15
N LEU J 48 9.08 -2.54 -20.53
CA LEU J 48 10.41 -2.56 -21.15
C LEU J 48 10.36 -3.42 -22.42
N ARG J 49 9.69 -4.57 -22.34
CA ARG J 49 9.54 -5.38 -23.55
C ARG J 49 8.89 -4.60 -24.68
N MET J 50 7.77 -3.94 -24.40
CA MET J 50 7.10 -3.20 -25.47
C MET J 50 7.99 -2.10 -26.00
N PHE J 51 8.73 -1.44 -25.11
CA PHE J 51 9.60 -0.37 -25.59
C PHE J 51 10.68 -0.90 -26.55
N LEU J 52 11.36 -1.98 -26.14
CA LEU J 52 12.41 -2.53 -26.99
C LEU J 52 11.86 -3.10 -28.30
N GLU J 53 10.71 -3.76 -28.25
CA GLU J 53 10.06 -4.20 -29.49
C GLU J 53 9.85 -3.04 -30.44
N GLN J 54 9.31 -1.95 -29.93
CA GLN J 54 9.03 -0.80 -30.75
C GLN J 54 10.32 -0.17 -31.26
N TYR J 55 11.29 0.00 -30.37
CA TYR J 55 12.53 0.68 -30.76
C TYR J 55 13.19 -0.03 -31.96
N TRP J 56 13.16 -1.35 -31.96
CA TRP J 56 13.86 -2.12 -32.99
C TRP J 56 12.99 -2.43 -34.22
N GLY J 57 11.88 -1.71 -34.37
CA GLY J 57 11.04 -1.80 -35.57
C GLY J 57 9.89 -2.79 -35.47
N GLY J 58 9.60 -3.28 -34.27
CA GLY J 58 8.46 -4.17 -34.03
C GLY J 58 7.17 -3.37 -33.83
N PRO J 59 6.20 -3.97 -33.12
CA PRO J 59 4.92 -3.33 -32.78
C PRO J 59 5.12 -1.97 -32.12
N ARG J 60 4.30 -0.99 -32.48
CA ARG J 60 4.36 0.35 -31.93
C ARG J 60 3.38 0.51 -30.77
N THR J 61 3.04 -0.60 -30.11
CA THR J 61 2.11 -0.58 -28.98
C THR J 61 2.65 0.32 -27.86
N TYR J 62 3.97 0.35 -27.69
CA TYR J 62 4.55 1.16 -26.59
C TYR J 62 4.07 2.62 -26.68
N SER J 63 4.22 3.24 -27.84
CA SER J 63 3.85 4.65 -28.00
C SER J 63 2.34 4.91 -27.83
N GLU J 64 1.51 3.98 -28.29
CA GLU J 64 0.06 4.09 -28.12
C GLU J 64 -0.28 4.08 -26.63
N GLN J 65 0.36 3.20 -25.87
CA GLN J 65 0.06 3.03 -24.46
C GLN J 65 0.72 4.12 -23.61
N ARG J 66 1.93 4.51 -23.98
CA ARG J 66 2.76 5.33 -23.10
C ARG J 66 3.16 6.68 -23.70
N GLY J 67 2.87 6.89 -24.97
CA GLY J 67 3.31 8.10 -25.67
C GLY J 67 4.81 8.10 -25.94
N HIS J 68 5.39 9.28 -26.15
CA HIS J 68 6.83 9.38 -26.30
C HIS J 68 7.53 8.76 -25.10
N PRO J 69 8.67 8.06 -25.34
CA PRO J 69 9.34 7.35 -24.25
C PRO J 69 9.71 8.26 -23.08
N ARG J 70 10.18 9.45 -23.36
CA ARG J 70 10.55 10.39 -22.31
CA ARG J 70 10.56 10.39 -22.29
C ARG J 70 11.31 9.64 -21.19
N LEU J 71 12.37 8.92 -21.56
CA LEU J 71 13.01 8.03 -20.62
C LEU J 71 13.72 8.78 -19.50
N ARG J 72 14.24 9.95 -19.80
CA ARG J 72 14.88 10.73 -18.75
C ARG J 72 13.88 11.00 -17.63
N MET J 73 12.67 11.42 -17.98
CA MET J 73 11.66 11.73 -16.96
C MET J 73 11.11 10.48 -16.32
N ARG J 74 11.04 9.40 -17.08
CA ARG J 74 10.60 8.09 -16.58
CA ARG J 74 10.55 8.18 -16.48
C ARG J 74 11.57 7.54 -15.56
N HIS J 75 12.86 7.87 -15.72
CA HIS J 75 13.87 7.40 -14.76
C HIS J 75 14.20 8.44 -13.67
N ALA J 76 13.65 9.65 -13.79
CA ALA J 76 13.85 10.69 -12.78
C ALA J 76 13.60 10.25 -11.34
N PRO J 77 12.59 9.38 -11.10
CA PRO J 77 12.39 8.91 -9.73
C PRO J 77 13.52 8.07 -9.12
N PHE J 78 14.49 7.63 -9.92
CA PHE J 78 15.54 6.75 -9.41
C PHE J 78 16.89 7.43 -9.47
N ARG J 79 17.73 7.14 -8.50
CA ARG J 79 19.09 7.66 -8.48
C ARG J 79 19.99 6.72 -9.25
N ILE J 80 20.23 7.05 -10.51
CA ILE J 80 21.00 6.15 -11.34
C ILE J 80 22.42 6.71 -11.50
N SER J 81 23.36 6.10 -10.80
CA SER J 81 24.77 6.45 -10.93
C SER J 81 25.44 5.43 -11.83
N LEU J 82 26.76 5.53 -11.94
CA LEU J 82 27.53 4.54 -12.69
C LEU J 82 27.34 3.14 -12.12
N ILE J 83 27.13 3.06 -10.82
CA ILE J 83 26.92 1.78 -10.16
C ILE J 83 25.68 1.07 -10.73
N GLU J 84 24.58 1.81 -10.82
CA GLU J 84 23.34 1.27 -11.41
C GLU J 84 23.44 1.05 -12.91
N ARG J 85 24.15 1.95 -13.62
CA ARG J 85 24.31 1.81 -15.06
C ARG J 85 25.04 0.51 -15.35
N ASP J 86 26.08 0.25 -14.57
CA ASP J 86 26.90 -0.94 -14.75
C ASP J 86 26.15 -2.22 -14.39
N ALA J 87 25.35 -2.20 -13.34
CA ALA J 87 24.57 -3.38 -12.96
C ALA J 87 23.52 -3.67 -14.03
N PHE J 88 22.86 -2.62 -14.53
CA PHE J 88 21.91 -2.76 -15.64
C PHE J 88 22.59 -3.44 -16.82
N LEU J 89 23.76 -2.94 -17.20
CA LEU J 89 24.43 -3.46 -18.39
C LEU J 89 24.91 -4.90 -18.14
N ARG J 90 25.34 -5.18 -16.93
CA ARG J 90 25.75 -6.54 -16.56
C ARG J 90 24.57 -7.51 -16.69
N CYS J 91 23.42 -7.12 -16.17
CA CYS J 91 22.22 -7.97 -16.26
C CYS J 91 21.80 -8.16 -17.72
N MET J 92 21.82 -7.07 -18.48
CA MET J 92 21.45 -7.04 -19.88
C MET J 92 22.43 -7.88 -20.74
N HIS J 93 23.73 -7.78 -20.43
CA HIS J 93 24.74 -8.63 -21.11
C HIS J 93 24.51 -10.15 -20.90
N THR J 94 24.21 -10.53 -19.65
CA THR J 94 23.86 -11.91 -19.36
C THR J 94 22.65 -12.33 -20.19
N ALA J 95 21.58 -11.54 -20.11
CA ALA J 95 20.36 -11.87 -20.85
C ALA J 95 20.62 -12.03 -22.35
N VAL J 96 21.35 -11.08 -22.92
CA VAL J 96 21.65 -11.12 -24.35
C VAL J 96 22.60 -12.29 -24.71
N ALA J 97 23.53 -12.59 -23.81
CA ALA J 97 24.44 -13.73 -23.99
C ALA J 97 23.69 -15.06 -24.08
N SER J 98 22.49 -15.10 -23.50
CA SER J 98 21.69 -16.33 -23.45
C SER J 98 20.94 -16.60 -24.75
N ILE J 99 20.97 -15.65 -25.69
CA ILE J 99 20.36 -15.87 -26.99
C ILE J 99 21.41 -16.46 -27.92
N ASP J 100 21.07 -17.55 -28.61
CA ASP J 100 22.04 -18.22 -29.49
C ASP J 100 22.36 -17.37 -30.72
N SER J 101 23.50 -17.64 -31.35
CA SER J 101 23.97 -16.84 -32.49
C SER J 101 23.17 -17.11 -33.76
N GLU J 102 22.48 -18.26 -33.81
CA GLU J 102 21.60 -18.55 -34.92
C GLU J 102 20.44 -17.53 -34.94
N THR J 103 19.91 -17.21 -33.76
CA THR J 103 18.82 -16.23 -33.68
C THR J 103 19.37 -14.82 -33.80
N LEU J 104 20.38 -14.55 -32.98
CA LEU J 104 20.97 -13.22 -32.89
C LEU J 104 22.40 -13.30 -33.43
N ASP J 105 22.60 -12.95 -34.70
CA ASP J 105 23.94 -13.08 -35.26
C ASP J 105 24.90 -12.04 -34.69
N ASP J 106 26.18 -12.18 -35.00
CA ASP J 106 27.21 -11.34 -34.40
C ASP J 106 26.99 -9.86 -34.64
N GLU J 107 26.57 -9.53 -35.86
CA GLU J 107 26.37 -8.12 -36.24
C GLU J 107 25.18 -7.46 -35.50
N HIS J 108 24.06 -8.17 -35.41
CA HIS J 108 22.88 -7.67 -34.73
C HIS J 108 23.13 -7.61 -33.22
N ARG J 109 23.80 -8.64 -32.72
CA ARG J 109 24.17 -8.73 -31.31
C ARG J 109 24.97 -7.49 -30.90
N ARG J 110 25.95 -7.14 -31.72
CA ARG J 110 26.79 -5.98 -31.47
C ARG J 110 25.99 -4.69 -31.57
N GLU J 111 25.10 -4.59 -32.54
CA GLU J 111 24.29 -3.38 -32.68
C GLU J 111 23.39 -3.16 -31.44
N LEU J 112 22.84 -4.26 -30.94
CA LEU J 112 21.96 -4.23 -29.78
C LEU J 112 22.70 -3.82 -28.50
N LEU J 113 23.84 -4.48 -28.25
CA LEU J 113 24.68 -4.16 -27.10
C LEU J 113 25.20 -2.73 -27.15
N ASP J 114 25.57 -2.26 -28.34
CA ASP J 114 26.04 -0.89 -28.52
C ASP J 114 24.94 0.12 -28.17
N TYR J 115 23.72 -0.18 -28.60
CA TYR J 115 22.59 0.67 -28.27
C TYR J 115 22.36 0.70 -26.77
N LEU J 116 22.34 -0.48 -26.14
CA LEU J 116 22.08 -0.57 -24.71
C LEU J 116 23.14 0.16 -23.87
N GLU J 117 24.39 0.04 -24.29
CA GLU J 117 25.53 0.73 -23.66
C GLU J 117 25.36 2.25 -23.70
N MET J 118 25.05 2.75 -24.89
CA MET J 118 24.79 4.17 -25.10
C MET J 118 23.59 4.66 -24.29
N ALA J 119 22.48 3.92 -24.37
CA ALA J 119 21.26 4.35 -23.71
C ALA J 119 21.38 4.35 -22.17
N ALA J 120 22.00 3.32 -21.61
CA ALA J 120 22.16 3.27 -20.16
C ALA J 120 23.00 4.45 -19.68
N HIS J 121 24.03 4.79 -20.42
CA HIS J 121 24.84 5.95 -20.03
C HIS J 121 24.05 7.25 -20.09
N SER J 122 23.21 7.40 -21.11
CA SER J 122 22.39 8.58 -21.24
C SER J 122 21.37 8.73 -20.11
N LEU J 123 21.10 7.65 -19.38
CA LEU J 123 20.12 7.70 -18.27
C LEU J 123 20.74 7.89 -16.88
N VAL J 124 22.07 7.95 -16.80
CA VAL J 124 22.75 8.28 -15.55
C VAL J 124 22.30 9.68 -15.11
N ASN J 125 21.86 9.82 -13.87
CA ASN J 125 21.33 11.09 -13.38
C ASN J 125 21.77 11.45 -11.96
N SER J 126 22.65 10.66 -11.38
N SER J 126 22.64 10.64 -11.36
CA SER J 126 23.08 10.87 -10.01
CA SER J 126 23.06 10.86 -9.98
C SER J 126 24.57 10.55 -9.83
C SER J 126 24.55 10.54 -9.82
N PRO J 127 25.21 11.17 -8.83
CA PRO J 127 26.63 10.92 -8.58
C PRO J 127 26.85 9.63 -7.79
N PHE J 128 25.81 9.14 -7.13
CA PHE J 128 25.95 7.89 -6.39
C PHE J 128 24.58 7.28 -6.15
N PRO K 2 -18.55 -45.39 4.78
CA PRO K 2 -17.30 -45.44 4.02
C PRO K 2 -16.36 -44.27 4.33
N LYS K 3 -15.13 -44.35 3.85
CA LYS K 3 -14.13 -43.31 4.06
C LYS K 3 -14.44 -42.06 3.22
N SER K 4 -13.99 -40.89 3.67
CA SER K 4 -14.20 -39.65 2.91
C SER K 4 -13.29 -39.57 1.69
N PHE K 5 -13.71 -38.81 0.68
CA PHE K 5 -12.86 -38.56 -0.47
C PHE K 5 -11.51 -38.03 0.04
N TYR K 6 -11.57 -37.07 0.95
CA TYR K 6 -10.40 -36.43 1.54
C TYR K 6 -9.40 -37.45 2.07
N ASP K 7 -9.88 -38.33 2.94
CA ASP K 7 -9.04 -39.38 3.52
C ASP K 7 -8.56 -40.36 2.44
N ALA K 8 -9.47 -40.72 1.53
CA ALA K 8 -9.15 -41.65 0.45
C ALA K 8 -7.91 -41.21 -0.37
N VAL K 9 -7.79 -39.90 -0.58
CA VAL K 9 -6.73 -39.38 -1.43
C VAL K 9 -5.49 -38.94 -0.65
N GLY K 10 -5.46 -39.18 0.65
CA GLY K 10 -4.27 -38.83 1.43
C GLY K 10 -4.38 -37.53 2.21
N GLY K 11 -5.61 -37.06 2.37
CA GLY K 11 -5.91 -35.91 3.24
C GLY K 11 -5.04 -34.67 3.06
N ALA K 12 -4.71 -34.04 4.18
CA ALA K 12 -4.01 -32.75 4.18
C ALA K 12 -2.78 -32.71 3.30
N LYS K 13 -1.99 -33.76 3.33
CA LYS K 13 -0.72 -33.76 2.61
C LYS K 13 -0.92 -33.66 1.09
N THR K 14 -1.94 -34.35 0.59
CA THR K 14 -2.25 -34.37 -0.82
C THR K 14 -2.77 -33.00 -1.25
N PHE K 15 -3.70 -32.43 -0.47
CA PHE K 15 -4.24 -31.11 -0.82
C PHE K 15 -3.21 -29.99 -0.74
N ASP K 16 -2.34 -30.07 0.28
CA ASP K 16 -1.22 -29.15 0.35
C ASP K 16 -0.33 -29.25 -0.88
N ALA K 17 -0.04 -30.47 -1.30
CA ALA K 17 0.80 -30.69 -2.48
C ALA K 17 0.16 -30.10 -3.74
N ILE K 18 -1.12 -30.41 -3.92
CA ILE K 18 -1.85 -29.96 -5.11
C ILE K 18 -1.88 -28.42 -5.17
N VAL K 19 -2.27 -27.78 -4.07
CA VAL K 19 -2.42 -26.33 -4.05
C VAL K 19 -1.09 -25.60 -4.08
N SER K 20 -0.05 -26.14 -3.45
CA SER K 20 1.25 -25.48 -3.52
C SER K 20 1.83 -25.57 -4.92
N ARG K 21 1.63 -26.71 -5.58
CA ARG K 21 2.15 -26.90 -6.93
C ARG K 21 1.36 -26.03 -7.92
N PHE K 22 0.06 -25.93 -7.69
CA PHE K 22 -0.78 -25.05 -8.50
C PHE K 22 -0.27 -23.61 -8.40
N TYR K 23 -0.09 -23.12 -7.19
CA TYR K 23 0.41 -21.78 -7.01
C TYR K 23 1.80 -21.55 -7.61
N ALA K 24 2.65 -22.57 -7.60
CA ALA K 24 3.96 -22.48 -8.26
C ALA K 24 3.77 -22.31 -9.76
N GLN K 25 2.81 -23.04 -10.33
CA GLN K 25 2.52 -22.95 -11.76
C GLN K 25 1.95 -21.57 -12.07
N VAL K 26 1.11 -21.06 -11.19
CA VAL K 26 0.50 -19.74 -11.38
C VAL K 26 1.60 -18.68 -11.51
N ALA K 27 2.60 -18.77 -10.64
CA ALA K 27 3.71 -17.82 -10.69
C ALA K 27 4.45 -17.79 -12.04
N GLU K 28 4.46 -18.93 -12.74
CA GLU K 28 5.15 -19.02 -14.02
C GLU K 28 4.22 -18.83 -15.22
N ASP K 29 2.98 -18.43 -14.97
CA ASP K 29 1.97 -18.39 -16.04
C ASP K 29 1.71 -16.94 -16.47
N GLU K 30 1.95 -16.65 -17.75
CA GLU K 30 1.87 -15.26 -18.24
C GLU K 30 0.46 -14.67 -18.10
N VAL K 31 -0.55 -15.53 -18.07
CA VAL K 31 -1.93 -15.06 -17.88
C VAL K 31 -2.22 -14.83 -16.41
N LEU K 32 -2.00 -15.86 -15.60
CA LEU K 32 -2.46 -15.89 -14.22
C LEU K 32 -1.61 -15.10 -13.22
N ARG K 33 -0.31 -14.95 -13.51
CA ARG K 33 0.56 -14.22 -12.58
CA ARG K 33 0.58 -14.22 -12.59
C ARG K 33 0.15 -12.75 -12.49
N ARG K 34 -0.59 -12.28 -13.48
CA ARG K 34 -1.09 -10.91 -13.50
C ARG K 34 -2.47 -10.79 -12.83
N VAL K 35 -3.07 -11.92 -12.46
CA VAL K 35 -4.42 -11.90 -11.91
C VAL K 35 -4.41 -12.08 -10.39
N TYR K 36 -3.65 -13.06 -9.92
CA TYR K 36 -3.55 -13.32 -8.48
C TYR K 36 -2.77 -12.21 -7.78
N PRO K 37 -3.08 -11.97 -6.49
CA PRO K 37 -2.58 -10.83 -5.69
C PRO K 37 -1.11 -10.99 -5.42
N GLU K 38 -0.28 -10.14 -6.03
CA GLU K 38 1.16 -10.28 -5.90
C GLU K 38 1.56 -10.19 -4.44
N ASP K 39 0.80 -9.40 -3.66
CA ASP K 39 1.16 -9.11 -2.27
C ASP K 39 0.44 -9.98 -1.25
N ASP K 40 -0.27 -10.99 -1.71
CA ASP K 40 -1.09 -11.80 -0.80
C ASP K 40 -1.14 -13.28 -1.23
N LEU K 41 -0.01 -13.77 -1.77
CA LEU K 41 0.01 -15.11 -2.36
C LEU K 41 -0.08 -16.24 -1.34
N ALA K 42 0.52 -16.03 -0.17
CA ALA K 42 0.49 -17.06 0.85
C ALA K 42 -0.92 -17.23 1.42
N GLY K 43 -1.60 -16.11 1.68
CA GLY K 43 -2.96 -16.12 2.21
C GLY K 43 -3.94 -16.70 1.19
N ALA K 44 -3.73 -16.36 -0.09
CA ALA K 44 -4.57 -16.87 -1.16
C ALA K 44 -4.42 -18.40 -1.28
N GLU K 45 -3.19 -18.87 -1.25
CA GLU K 45 -2.93 -20.30 -1.31
C GLU K 45 -3.63 -21.01 -0.17
N GLU K 46 -3.49 -20.47 1.03
CA GLU K 46 -4.16 -21.02 2.19
C GLU K 46 -5.69 -21.08 2.14
N ARG K 47 -6.34 -20.05 1.61
CA ARG K 47 -7.80 -20.08 1.49
C ARG K 47 -8.24 -21.18 0.50
N LEU K 48 -7.53 -21.31 -0.62
CA LEU K 48 -7.86 -22.33 -1.62
C LEU K 48 -7.67 -23.74 -1.02
N ARG K 49 -6.57 -23.92 -0.31
CA ARG K 49 -6.30 -25.18 0.39
C ARG K 49 -7.42 -25.49 1.38
N MET K 50 -7.78 -24.52 2.21
CA MET K 50 -8.90 -24.70 3.14
C MET K 50 -10.22 -25.03 2.46
N PHE K 51 -10.50 -24.37 1.33
CA PHE K 51 -11.75 -24.62 0.62
C PHE K 51 -11.78 -26.05 0.08
N LEU K 52 -10.72 -26.44 -0.59
CA LEU K 52 -10.69 -27.78 -1.18
C LEU K 52 -10.76 -28.88 -0.11
N GLU K 53 -10.03 -28.70 0.99
CA GLU K 53 -10.11 -29.68 2.07
C GLU K 53 -11.54 -29.85 2.54
N GLN K 54 -12.24 -28.75 2.70
CA GLN K 54 -13.61 -28.83 3.13
C GLN K 54 -14.50 -29.44 2.05
N TYR K 55 -14.32 -28.98 0.82
CA TYR K 55 -15.20 -29.44 -0.24
C TYR K 55 -15.13 -30.98 -0.34
N TRP K 56 -13.94 -31.54 -0.21
CA TRP K 56 -13.79 -33.00 -0.38
C TRP K 56 -13.97 -33.85 0.89
N GLY K 57 -14.54 -33.25 1.94
CA GLY K 57 -14.93 -34.00 3.13
C GLY K 57 -13.94 -33.88 4.28
N GLY K 58 -12.97 -32.99 4.15
CA GLY K 58 -11.99 -32.72 5.22
C GLY K 58 -12.53 -31.74 6.28
N PRO K 59 -11.62 -31.08 7.01
CA PRO K 59 -11.99 -30.09 8.03
C PRO K 59 -12.91 -29.01 7.47
N ARG K 60 -13.86 -28.54 8.28
CA ARG K 60 -14.82 -27.53 7.84
C ARG K 60 -14.42 -26.12 8.28
N THR K 61 -13.12 -25.94 8.48
CA THR K 61 -12.54 -24.67 8.91
C THR K 61 -12.85 -23.56 7.90
N TYR K 62 -12.85 -23.88 6.61
CA TYR K 62 -13.21 -22.89 5.59
C TYR K 62 -14.54 -22.16 5.91
N SER K 63 -15.59 -22.93 6.11
CA SER K 63 -16.92 -22.37 6.40
C SER K 63 -16.92 -21.50 7.67
N GLU K 64 -16.16 -21.92 8.68
CA GLU K 64 -16.05 -21.18 9.94
C GLU K 64 -15.39 -19.81 9.74
N GLN K 65 -14.29 -19.82 8.99
CA GLN K 65 -13.51 -18.61 8.74
C GLN K 65 -14.13 -17.69 7.67
N ARG K 66 -14.73 -18.29 6.65
CA ARG K 66 -15.09 -17.53 5.43
C ARG K 66 -16.58 -17.52 5.13
N GLY K 67 -17.36 -18.31 5.86
CA GLY K 67 -18.79 -18.48 5.58
C GLY K 67 -19.03 -19.36 4.36
N HIS K 68 -20.21 -19.26 3.77
CA HIS K 68 -20.49 -19.93 2.49
C HIS K 68 -19.45 -19.51 1.45
N PRO K 69 -19.08 -20.44 0.57
CA PRO K 69 -18.03 -20.14 -0.42
C PRO K 69 -18.33 -18.88 -1.28
N ARG K 70 -19.57 -18.77 -1.75
N ARG K 70 -19.57 -18.73 -1.75
CA ARG K 70 -19.97 -17.63 -2.58
CA ARG K 70 -19.91 -17.56 -2.56
C ARG K 70 -18.86 -17.31 -3.58
C ARG K 70 -18.83 -17.30 -3.58
N LEU K 71 -18.42 -18.34 -4.30
CA LEU K 71 -17.30 -18.23 -5.23
C LEU K 71 -17.59 -17.23 -6.34
N ARG K 72 -18.83 -17.15 -6.82
CA ARG K 72 -19.09 -16.15 -7.86
C ARG K 72 -18.74 -14.73 -7.34
N MET K 73 -19.19 -14.39 -6.14
CA MET K 73 -18.91 -13.05 -5.63
C MET K 73 -17.44 -12.90 -5.27
N ARG K 74 -16.82 -13.97 -4.79
CA ARG K 74 -15.41 -13.92 -4.46
C ARG K 74 -14.51 -13.73 -5.68
N HIS K 75 -14.98 -14.17 -6.86
CA HIS K 75 -14.23 -13.97 -8.08
C HIS K 75 -14.71 -12.75 -8.88
N ALA K 76 -15.78 -12.10 -8.43
CA ALA K 76 -16.28 -10.87 -9.07
C ALA K 76 -15.21 -9.78 -9.29
N PRO K 77 -14.24 -9.63 -8.37
CA PRO K 77 -13.20 -8.63 -8.62
C PRO K 77 -12.28 -8.90 -9.82
N PHE K 78 -12.32 -10.10 -10.38
CA PHE K 78 -11.43 -10.44 -11.49
C PHE K 78 -12.17 -10.68 -12.79
N ARG K 79 -11.54 -10.28 -13.90
CA ARG K 79 -12.11 -10.55 -15.23
C ARG K 79 -11.64 -11.91 -15.69
N ILE K 80 -12.49 -12.90 -15.46
CA ILE K 80 -12.18 -14.26 -15.81
C ILE K 80 -12.88 -14.59 -17.12
N SER K 81 -12.11 -14.59 -18.20
CA SER K 81 -12.62 -15.01 -19.49
C SER K 81 -12.19 -16.46 -19.73
N LEU K 82 -12.52 -17.00 -20.90
CA LEU K 82 -12.04 -18.33 -21.29
C LEU K 82 -10.51 -18.46 -21.21
N ILE K 83 -9.81 -17.36 -21.45
CA ILE K 83 -8.35 -17.40 -21.42
C ILE K 83 -7.82 -17.69 -20.01
N GLU K 84 -8.37 -17.01 -19.02
CA GLU K 84 -8.01 -17.27 -17.62
C GLU K 84 -8.51 -18.65 -17.16
N ARG K 85 -9.71 -19.03 -17.60
CA ARG K 85 -10.26 -20.36 -17.28
C ARG K 85 -9.32 -21.45 -17.76
N ASP K 86 -8.83 -21.31 -18.99
CA ASP K 86 -7.94 -22.32 -19.59
C ASP K 86 -6.58 -22.34 -18.89
N ALA K 87 -6.06 -21.16 -18.57
CA ALA K 87 -4.79 -21.06 -17.83
C ALA K 87 -4.90 -21.69 -16.44
N PHE K 88 -5.99 -21.40 -15.72
CA PHE K 88 -6.26 -22.02 -14.43
C PHE K 88 -6.24 -23.57 -14.54
N LEU K 89 -6.96 -24.11 -15.50
CA LEU K 89 -7.08 -25.55 -15.70
C LEU K 89 -5.75 -26.18 -16.11
N ARG K 90 -4.97 -25.45 -16.90
CA ARG K 90 -3.63 -25.87 -17.28
C ARG K 90 -2.77 -26.05 -16.03
N CYS K 91 -2.79 -25.04 -15.15
CA CYS K 91 -1.99 -25.07 -13.93
C CYS K 91 -2.46 -26.15 -12.96
N MET K 92 -3.77 -26.28 -12.81
CA MET K 92 -4.39 -27.29 -11.95
C MET K 92 -4.08 -28.71 -12.49
N HIS K 93 -4.21 -28.91 -13.79
CA HIS K 93 -3.87 -30.22 -14.38
C HIS K 93 -2.41 -30.61 -14.13
N THR K 94 -1.50 -29.65 -14.22
CA THR K 94 -0.10 -29.89 -13.92
C THR K 94 0.07 -30.33 -12.48
N ALA K 95 -0.56 -29.59 -11.57
CA ALA K 95 -0.48 -29.88 -10.14
C ALA K 95 -1.05 -31.26 -9.80
N VAL K 96 -2.21 -31.59 -10.36
CA VAL K 96 -2.87 -32.88 -10.10
C VAL K 96 -2.04 -34.03 -10.70
N ALA K 97 -1.47 -33.80 -11.87
CA ALA K 97 -0.65 -34.82 -12.54
C ALA K 97 0.64 -35.10 -11.74
N SER K 98 1.02 -34.19 -10.87
CA SER K 98 2.22 -34.36 -10.05
C SER K 98 1.98 -35.32 -8.88
N ILE K 99 0.73 -35.69 -8.67
CA ILE K 99 0.38 -36.63 -7.60
C ILE K 99 0.38 -38.05 -8.17
N ASP K 100 1.04 -38.98 -7.48
CA ASP K 100 1.17 -40.34 -8.01
C ASP K 100 -0.14 -41.09 -7.92
N SER K 101 -0.25 -42.17 -8.70
CA SER K 101 -1.51 -42.91 -8.80
C SER K 101 -1.80 -43.72 -7.55
N GLU K 102 -0.76 -44.00 -6.77
CA GLU K 102 -0.94 -44.72 -5.52
C GLU K 102 -1.78 -43.88 -4.57
N THR K 103 -1.37 -42.62 -4.40
CA THR K 103 -2.09 -41.65 -3.58
C THR K 103 -3.46 -41.31 -4.17
N LEU K 104 -3.44 -40.85 -5.41
CA LEU K 104 -4.65 -40.43 -6.12
C LEU K 104 -4.96 -41.44 -7.22
N ASP K 105 -5.85 -42.39 -6.96
CA ASP K 105 -6.12 -43.42 -7.97
C ASP K 105 -6.94 -42.86 -9.13
N ASP K 106 -7.12 -43.66 -10.18
CA ASP K 106 -7.77 -43.21 -11.40
C ASP K 106 -9.16 -42.66 -11.20
N GLU K 107 -9.96 -43.36 -10.38
CA GLU K 107 -11.32 -42.94 -10.16
C GLU K 107 -11.40 -41.60 -9.40
N HIS K 108 -10.58 -41.44 -8.37
CA HIS K 108 -10.55 -40.22 -7.58
C HIS K 108 -9.96 -39.07 -8.37
N ARG K 109 -8.89 -39.35 -9.10
CA ARG K 109 -8.27 -38.38 -9.99
C ARG K 109 -9.27 -37.83 -11.00
N ARG K 110 -10.08 -38.72 -11.56
CA ARG K 110 -11.06 -38.34 -12.55
C ARG K 110 -12.16 -37.48 -11.95
N GLU K 111 -12.66 -37.88 -10.78
CA GLU K 111 -13.71 -37.14 -10.09
C GLU K 111 -13.23 -35.73 -9.69
N LEU K 112 -11.98 -35.64 -9.25
CA LEU K 112 -11.38 -34.36 -8.87
C LEU K 112 -11.29 -33.43 -10.08
N LEU K 113 -10.64 -33.90 -11.16
N LEU K 113 -10.65 -33.90 -11.16
CA LEU K 113 -10.49 -33.10 -12.37
CA LEU K 113 -10.50 -33.08 -12.36
C LEU K 113 -11.84 -32.73 -12.99
C LEU K 113 -11.83 -32.73 -13.02
N ASP K 114 -12.81 -33.64 -12.95
CA ASP K 114 -14.15 -33.35 -13.46
C ASP K 114 -14.76 -32.15 -12.73
N TYR K 115 -14.60 -32.15 -11.40
CA TYR K 115 -15.12 -31.05 -10.60
C TYR K 115 -14.42 -29.73 -10.90
N LEU K 116 -13.10 -29.74 -10.98
CA LEU K 116 -12.35 -28.53 -11.27
C LEU K 116 -12.69 -27.93 -12.64
N GLU K 117 -12.94 -28.80 -13.63
CA GLU K 117 -13.26 -28.29 -14.95
C GLU K 117 -14.64 -27.62 -14.96
N MET K 118 -15.62 -28.28 -14.34
CA MET K 118 -16.97 -27.74 -14.20
C MET K 118 -16.94 -26.43 -13.41
N ALA K 119 -16.21 -26.44 -12.29
CA ALA K 119 -16.15 -25.26 -11.43
C ALA K 119 -15.47 -24.08 -12.11
N ALA K 120 -14.36 -24.33 -12.81
CA ALA K 120 -13.66 -23.22 -13.47
C ALA K 120 -14.55 -22.62 -14.56
N HIS K 121 -15.20 -23.49 -15.33
CA HIS K 121 -16.12 -22.95 -16.32
C HIS K 121 -17.22 -22.10 -15.69
N SER K 122 -17.75 -22.54 -14.55
CA SER K 122 -18.86 -21.81 -13.92
C SER K 122 -18.42 -20.44 -13.41
N LEU K 123 -17.12 -20.24 -13.22
CA LEU K 123 -16.60 -18.95 -12.69
C LEU K 123 -16.16 -17.96 -13.78
N VAL K 124 -16.32 -18.34 -15.04
CA VAL K 124 -16.12 -17.39 -16.13
C VAL K 124 -17.14 -16.24 -15.99
N ASN K 125 -16.66 -15.01 -16.01
CA ASN K 125 -17.53 -13.84 -15.81
C ASN K 125 -17.26 -12.67 -16.76
N SER K 126 -16.42 -12.88 -17.76
N SER K 126 -16.39 -12.87 -17.75
CA SER K 126 -15.97 -11.81 -18.66
CA SER K 126 -15.97 -11.80 -18.66
C SER K 126 -15.77 -12.31 -20.09
C SER K 126 -15.78 -12.31 -20.09
N PRO K 127 -16.00 -11.44 -21.08
CA PRO K 127 -15.77 -11.80 -22.50
C PRO K 127 -14.29 -11.82 -22.84
N PHE K 128 -13.47 -11.14 -22.05
CA PHE K 128 -12.04 -11.07 -22.34
C PHE K 128 -11.23 -10.65 -21.12
N LYS L 3 41.44 -10.92 14.79
CA LYS L 3 41.33 -10.95 16.27
C LYS L 3 39.87 -10.92 16.70
N SER L 4 39.03 -10.24 15.92
CA SER L 4 37.60 -10.22 16.20
C SER L 4 36.97 -11.54 15.78
N PHE L 5 35.92 -11.93 16.51
CA PHE L 5 35.09 -13.06 16.10
C PHE L 5 34.73 -12.90 14.63
N TYR L 6 34.33 -11.68 14.28
CA TYR L 6 33.91 -11.34 12.94
C TYR L 6 34.97 -11.68 11.90
N ASP L 7 36.19 -11.20 12.14
CA ASP L 7 37.29 -11.52 11.24
C ASP L 7 37.59 -13.02 11.25
N ALA L 8 37.64 -13.60 12.45
CA ALA L 8 37.93 -15.02 12.61
C ALA L 8 37.07 -15.91 11.71
N VAL L 9 35.78 -15.58 11.60
CA VAL L 9 34.86 -16.44 10.83
C VAL L 9 34.73 -16.08 9.36
N GLY L 10 35.50 -15.09 8.90
CA GLY L 10 35.47 -14.70 7.50
C GLY L 10 34.75 -13.40 7.20
N GLY L 11 34.30 -12.71 8.25
CA GLY L 11 33.69 -11.39 8.11
C GLY L 11 32.47 -11.29 7.21
N ALA L 12 32.44 -10.23 6.40
CA ALA L 12 31.26 -9.87 5.63
C ALA L 12 30.71 -11.03 4.84
N LYS L 13 31.59 -11.77 4.18
CA LYS L 13 31.18 -12.86 3.31
C LYS L 13 30.45 -13.96 4.07
N THR L 14 30.94 -14.29 5.26
CA THR L 14 30.32 -15.35 6.03
C THR L 14 28.92 -14.91 6.49
N PHE L 15 28.84 -13.71 7.04
CA PHE L 15 27.54 -13.23 7.53
C PHE L 15 26.50 -13.05 6.44
N ASP L 16 26.95 -12.63 5.25
CA ASP L 16 26.05 -12.55 4.10
C ASP L 16 25.51 -13.94 3.74
N ALA L 17 26.38 -14.95 3.76
CA ALA L 17 25.96 -16.30 3.38
C ALA L 17 24.98 -16.88 4.38
N ILE L 18 25.26 -16.68 5.67
CA ILE L 18 24.40 -17.19 6.72
C ILE L 18 23.02 -16.53 6.61
N VAL L 19 23.01 -15.21 6.60
CA VAL L 19 21.74 -14.50 6.63
C VAL L 19 20.96 -14.73 5.34
N SER L 20 21.65 -14.69 4.21
CA SER L 20 21.01 -14.94 2.93
C SER L 20 20.38 -16.33 2.92
N ARG L 21 21.10 -17.32 3.44
CA ARG L 21 20.58 -18.69 3.44
C ARG L 21 19.46 -18.85 4.46
N PHE L 22 19.57 -18.12 5.56
CA PHE L 22 18.50 -18.06 6.54
C PHE L 22 17.22 -17.58 5.86
N TYR L 23 17.29 -16.45 5.17
CA TYR L 23 16.10 -15.89 4.53
C TYR L 23 15.52 -16.82 3.45
N ALA L 24 16.40 -17.55 2.76
CA ALA L 24 15.96 -18.59 1.85
C ALA L 24 15.18 -19.69 2.58
N GLN L 25 15.67 -20.11 3.74
CA GLN L 25 14.93 -21.08 4.56
C GLN L 25 13.58 -20.52 5.05
N VAL L 26 13.58 -19.28 5.55
CA VAL L 26 12.36 -18.59 5.96
C VAL L 26 11.27 -18.70 4.88
N ALA L 27 11.66 -18.48 3.64
CA ALA L 27 10.73 -18.48 2.51
C ALA L 27 10.05 -19.85 2.33
N GLU L 28 10.74 -20.91 2.73
CA GLU L 28 10.22 -22.27 2.61
C GLU L 28 9.59 -22.75 3.92
N ASP L 29 9.62 -21.91 4.94
CA ASP L 29 9.12 -22.30 6.25
C ASP L 29 7.64 -21.95 6.41
N GLU L 30 6.80 -22.96 6.67
CA GLU L 30 5.36 -22.73 6.70
C GLU L 30 4.95 -21.83 7.89
N VAL L 31 5.77 -21.81 8.93
CA VAL L 31 5.49 -20.92 10.05
C VAL L 31 5.97 -19.50 9.73
N LEU L 32 7.23 -19.38 9.30
CA LEU L 32 7.85 -18.06 9.26
C LEU L 32 7.53 -17.22 8.02
N ARG L 33 7.19 -17.86 6.92
N ARG L 33 7.18 -17.88 6.92
CA ARG L 33 6.91 -17.10 5.71
CA ARG L 33 6.88 -17.15 5.68
C ARG L 33 5.68 -16.21 5.86
C ARG L 33 5.73 -16.18 5.91
N ARG L 34 4.88 -16.48 6.88
CA ARG L 34 3.71 -15.65 7.18
C ARG L 34 4.05 -14.52 8.15
N VAL L 35 5.24 -14.56 8.73
CA VAL L 35 5.63 -13.59 9.74
C VAL L 35 6.47 -12.44 9.20
N TYR L 36 7.48 -12.78 8.40
CA TYR L 36 8.36 -11.78 7.80
C TYR L 36 7.60 -11.06 6.69
N PRO L 37 7.99 -9.80 6.43
CA PRO L 37 7.21 -8.94 5.53
C PRO L 37 7.38 -9.35 4.06
N GLU L 38 6.32 -9.81 3.43
CA GLU L 38 6.42 -10.23 2.04
C GLU L 38 6.99 -9.11 1.15
N ASP L 39 6.68 -7.86 1.52
CA ASP L 39 7.07 -6.73 0.67
C ASP L 39 8.40 -6.08 1.05
N ASP L 40 9.08 -6.59 2.07
CA ASP L 40 10.31 -5.96 2.51
C ASP L 40 11.44 -6.94 2.85
N LEU L 41 11.54 -8.03 2.09
CA LEU L 41 12.46 -9.13 2.41
C LEU L 41 13.93 -8.80 2.19
N ALA L 42 14.23 -8.05 1.14
CA ALA L 42 15.61 -7.68 0.87
C ALA L 42 16.14 -6.73 1.93
N GLY L 43 15.29 -5.78 2.34
CA GLY L 43 15.63 -4.83 3.42
C GLY L 43 15.70 -5.50 4.80
N ALA L 44 14.81 -6.44 5.06
CA ALA L 44 14.84 -7.17 6.32
C ALA L 44 16.14 -7.99 6.44
N GLU L 45 16.47 -8.70 5.37
CA GLU L 45 17.69 -9.48 5.35
C GLU L 45 18.88 -8.56 5.60
N GLU L 46 18.89 -7.43 4.90
CA GLU L 46 19.99 -6.48 5.07
C GLU L 46 20.12 -5.97 6.50
N ARG L 47 18.99 -5.71 7.16
CA ARG L 47 19.02 -5.25 8.56
C ARG L 47 19.59 -6.30 9.52
N LEU L 48 19.19 -7.57 9.32
CA LEU L 48 19.73 -8.65 10.15
C LEU L 48 21.24 -8.83 9.94
N ARG L 49 21.67 -8.81 8.69
CA ARG L 49 23.09 -8.88 8.36
C ARG L 49 23.87 -7.77 9.07
N MET L 50 23.42 -6.52 8.93
CA MET L 50 24.07 -5.41 9.59
C MET L 50 24.15 -5.64 11.10
N PHE L 51 23.05 -6.07 11.71
CA PHE L 51 23.08 -6.31 13.16
C PHE L 51 24.11 -7.38 13.56
N LEU L 52 24.09 -8.54 12.89
CA LEU L 52 25.01 -9.62 13.28
C LEU L 52 26.46 -9.24 13.01
N GLU L 53 26.71 -8.56 11.91
CA GLU L 53 28.06 -8.09 11.64
C GLU L 53 28.58 -7.24 12.78
N GLN L 54 27.74 -6.32 13.26
CA GLN L 54 28.12 -5.48 14.39
C GLN L 54 28.26 -6.25 15.69
N TYR L 55 27.25 -7.04 16.02
CA TYR L 55 27.26 -7.83 17.26
C TYR L 55 28.56 -8.65 17.43
N TRP L 56 29.07 -9.22 16.35
CA TRP L 56 30.25 -10.10 16.42
C TRP L 56 31.60 -9.39 16.20
N GLY L 57 31.62 -8.07 16.26
CA GLY L 57 32.86 -7.31 16.23
C GLY L 57 33.20 -6.63 14.90
N GLY L 58 32.32 -6.77 13.92
CA GLY L 58 32.52 -6.11 12.61
C GLY L 58 32.09 -4.66 12.63
N PRO L 59 31.71 -4.11 11.46
CA PRO L 59 31.28 -2.73 11.25
C PRO L 59 30.16 -2.32 12.20
N ARG L 60 30.18 -1.09 12.69
CA ARG L 60 29.15 -0.59 13.60
C ARG L 60 28.06 0.21 12.91
N THR L 61 27.88 -0.07 11.62
CA THR L 61 26.89 0.62 10.80
C THR L 61 25.49 0.44 11.38
N TYR L 62 25.23 -0.73 11.96
CA TYR L 62 23.91 -0.98 12.51
C TYR L 62 23.49 0.11 13.48
N SER L 63 24.34 0.37 14.47
CA SER L 63 24.03 1.37 15.50
C SER L 63 23.93 2.80 14.94
N GLU L 64 24.76 3.12 13.95
CA GLU L 64 24.74 4.44 13.36
C GLU L 64 23.39 4.65 12.69
N GLN L 65 22.91 3.61 12.02
CA GLN L 65 21.69 3.70 11.25
C GLN L 65 20.41 3.47 12.07
N ARG L 66 20.46 2.55 13.03
CA ARG L 66 19.24 2.11 13.72
C ARG L 66 19.24 2.38 15.22
N GLY L 67 20.33 2.95 15.75
CA GLY L 67 20.48 3.17 17.21
C GLY L 67 20.75 1.88 17.98
N HIS L 68 20.48 1.86 19.28
CA HIS L 68 20.61 0.60 20.05
C HIS L 68 19.68 -0.45 19.44
N PRO L 69 20.09 -1.73 19.49
CA PRO L 69 19.29 -2.80 18.89
C PRO L 69 17.82 -2.82 19.36
N ARG L 70 17.62 -2.67 20.66
N ARG L 70 17.58 -2.65 20.65
CA ARG L 70 16.29 -2.71 21.27
CA ARG L 70 16.19 -2.62 21.13
C ARG L 70 15.42 -3.76 20.59
C ARG L 70 15.36 -3.78 20.56
N LEU L 71 15.92 -4.99 20.59
CA LEU L 71 15.29 -6.11 19.86
C LEU L 71 13.89 -6.48 20.36
N ARG L 72 13.66 -6.41 21.68
CA ARG L 72 12.32 -6.65 22.18
C ARG L 72 11.31 -5.74 21.51
N MET L 73 11.62 -4.45 21.45
CA MET L 73 10.68 -3.51 20.84
C MET L 73 10.57 -3.73 19.32
N ARG L 74 11.69 -4.07 18.67
CA ARG L 74 11.68 -4.36 17.22
C ARG L 74 10.81 -5.58 16.89
N HIS L 75 10.74 -6.53 17.81
CA HIS L 75 9.93 -7.74 17.62
C HIS L 75 8.49 -7.66 18.17
N ALA L 76 8.19 -6.57 18.87
CA ALA L 76 6.86 -6.41 19.47
C ALA L 76 5.71 -6.48 18.47
N PRO L 77 5.92 -6.02 17.22
CA PRO L 77 4.81 -6.16 16.26
C PRO L 77 4.43 -7.62 15.91
N PHE L 78 5.25 -8.59 16.31
CA PHE L 78 5.03 -9.97 15.91
C PHE L 78 4.69 -10.82 17.11
N ARG L 79 3.83 -11.83 16.90
CA ARG L 79 3.49 -12.78 17.93
C ARG L 79 4.45 -13.96 17.87
N ILE L 80 5.49 -13.90 18.69
CA ILE L 80 6.50 -14.93 18.68
C ILE L 80 6.27 -15.87 19.87
N SER L 81 5.77 -17.06 19.57
CA SER L 81 5.60 -18.09 20.60
C SER L 81 6.73 -19.09 20.42
N LEU L 82 6.74 -20.14 21.23
CA LEU L 82 7.71 -21.22 21.07
C LEU L 82 7.71 -21.79 19.65
N ILE L 83 6.56 -21.78 19.00
CA ILE L 83 6.45 -22.30 17.64
C ILE L 83 7.34 -21.50 16.67
N GLU L 84 7.19 -20.17 16.70
CA GLU L 84 8.07 -19.29 15.92
C GLU L 84 9.54 -19.34 16.35
N ARG L 85 9.77 -19.37 17.66
CA ARG L 85 11.13 -19.50 18.16
C ARG L 85 11.81 -20.73 17.56
N ASP L 86 11.13 -21.87 17.62
CA ASP L 86 11.70 -23.13 17.13
C ASP L 86 11.88 -23.13 15.63
N ALA L 87 10.94 -22.51 14.90
CA ALA L 87 11.06 -22.45 13.43
C ALA L 87 12.25 -21.55 13.07
N PHE L 88 12.39 -20.44 13.77
CA PHE L 88 13.53 -19.54 13.55
C PHE L 88 14.84 -20.30 13.75
N LEU L 89 14.94 -21.06 14.84
CA LEU L 89 16.19 -21.76 15.11
C LEU L 89 16.45 -22.89 14.10
N ARG L 90 15.40 -23.51 13.59
CA ARG L 90 15.62 -24.54 12.58
C ARG L 90 16.23 -23.93 11.33
N CYS L 91 15.63 -22.84 10.86
CA CYS L 91 16.13 -22.10 9.71
C CYS L 91 17.56 -21.62 9.92
N MET L 92 17.84 -21.06 11.09
CA MET L 92 19.19 -20.57 11.43
C MET L 92 20.19 -21.75 11.48
N HIS L 93 19.81 -22.86 12.09
CA HIS L 93 20.69 -24.04 12.13
C HIS L 93 21.05 -24.58 10.74
N THR L 94 20.07 -24.58 9.84
CA THR L 94 20.31 -24.97 8.46
C THR L 94 21.29 -24.00 7.79
N ALA L 95 21.06 -22.69 7.96
CA ALA L 95 21.98 -21.69 7.42
C ALA L 95 23.40 -21.84 7.97
N VAL L 96 23.51 -21.98 9.29
CA VAL L 96 24.82 -22.08 9.90
C VAL L 96 25.52 -23.38 9.47
N ALA L 97 24.76 -24.45 9.37
CA ALA L 97 25.28 -25.76 8.99
C ALA L 97 25.84 -25.73 7.57
N SER L 98 25.40 -24.76 6.77
CA SER L 98 25.81 -24.68 5.39
C SER L 98 27.21 -24.08 5.22
N ILE L 99 27.77 -23.57 6.32
CA ILE L 99 29.08 -22.97 6.30
C ILE L 99 30.14 -24.03 6.65
N ASP L 100 31.12 -24.22 5.78
CA ASP L 100 32.13 -25.25 6.00
C ASP L 100 32.95 -24.97 7.26
N SER L 101 33.53 -26.02 7.84
CA SER L 101 34.22 -25.92 9.12
C SER L 101 35.57 -25.19 9.04
N GLU L 102 36.10 -25.07 7.83
CA GLU L 102 37.32 -24.28 7.65
C GLU L 102 37.05 -22.79 7.87
N THR L 103 35.92 -22.31 7.35
CA THR L 103 35.51 -20.93 7.56
C THR L 103 35.08 -20.71 9.01
N LEU L 104 34.24 -21.63 9.49
CA LEU L 104 33.62 -21.51 10.80
C LEU L 104 34.05 -22.65 11.72
N ASP L 105 35.01 -22.36 12.61
CA ASP L 105 35.47 -23.26 13.66
C ASP L 105 34.36 -24.04 14.33
N ASP L 106 34.72 -25.18 14.92
CA ASP L 106 33.82 -25.85 15.84
C ASP L 106 33.58 -24.95 17.04
N GLU L 107 34.64 -24.28 17.48
CA GLU L 107 34.54 -23.38 18.62
C GLU L 107 33.69 -22.15 18.30
N HIS L 108 33.90 -21.59 17.10
CA HIS L 108 33.15 -20.40 16.71
C HIS L 108 31.71 -20.75 16.37
N ARG L 109 31.53 -21.94 15.79
CA ARG L 109 30.21 -22.44 15.44
C ARG L 109 29.36 -22.60 16.71
N ARG L 110 29.95 -23.21 17.73
CA ARG L 110 29.26 -23.40 19.00
C ARG L 110 28.83 -22.08 19.60
N GLU L 111 29.75 -21.12 19.60
CA GLU L 111 29.50 -19.83 20.24
C GLU L 111 28.36 -19.08 19.54
N LEU L 112 28.39 -19.12 18.21
CA LEU L 112 27.36 -18.49 17.39
C LEU L 112 25.98 -19.10 17.66
N LEU L 113 25.90 -20.42 17.56
CA LEU L 113 24.66 -21.16 17.80
C LEU L 113 24.10 -20.96 19.22
N ASP L 114 24.97 -20.93 20.23
CA ASP L 114 24.56 -20.68 21.62
C ASP L 114 23.93 -19.30 21.78
N TYR L 115 24.55 -18.31 21.15
CA TYR L 115 24.02 -16.96 21.16
C TYR L 115 22.62 -16.94 20.54
N LEU L 116 22.48 -17.55 19.36
CA LEU L 116 21.20 -17.49 18.65
C LEU L 116 20.12 -18.22 19.43
N GLU L 117 20.49 -19.32 20.08
CA GLU L 117 19.53 -20.09 20.86
C GLU L 117 19.05 -19.24 22.03
N MET L 118 19.98 -18.61 22.73
CA MET L 118 19.58 -17.77 23.85
C MET L 118 18.79 -16.52 23.42
N ALA L 119 19.23 -15.87 22.35
CA ALA L 119 18.53 -14.67 21.88
C ALA L 119 17.14 -14.99 21.35
N ALA L 120 17.00 -16.09 20.61
CA ALA L 120 15.68 -16.46 20.10
C ALA L 120 14.71 -16.71 21.27
N HIS L 121 15.18 -17.40 22.29
CA HIS L 121 14.31 -17.60 23.45
C HIS L 121 13.95 -16.30 24.19
N SER L 122 14.88 -15.36 24.24
CA SER L 122 14.61 -14.08 24.92
C SER L 122 13.63 -13.21 24.13
N LEU L 123 13.35 -13.58 22.88
CA LEU L 123 12.43 -12.77 22.04
C LEU L 123 11.02 -13.35 21.95
N VAL L 124 10.82 -14.47 22.64
CA VAL L 124 9.47 -15.02 22.78
C VAL L 124 8.60 -14.01 23.54
N ASN L 125 7.41 -13.72 23.00
CA ASN L 125 6.55 -12.66 23.57
C ASN L 125 5.06 -12.97 23.56
N SER L 126 4.70 -14.20 23.21
N SER L 126 4.71 -14.20 23.19
CA SER L 126 3.31 -14.60 23.04
CA SER L 126 3.31 -14.61 23.01
C SER L 126 3.12 -16.08 23.42
C SER L 126 3.12 -16.08 23.42
N PRO L 127 1.92 -16.44 23.90
CA PRO L 127 1.62 -17.84 24.24
C PRO L 127 1.36 -18.72 23.03
N PHE L 128 1.04 -18.11 21.88
CA PHE L 128 0.75 -18.88 20.69
C PHE L 128 0.87 -18.00 19.44
#